data_2HF1
# 
_entry.id   2HF1 
# 
_audit_conform.dict_name       mmcif_pdbx.dic 
_audit_conform.dict_version    5.399 
_audit_conform.dict_location   http://mmcif.pdb.org/dictionaries/ascii/mmcif_pdbx.dic 
# 
loop_
_database_2.database_id 
_database_2.database_code 
_database_2.pdbx_database_accession 
_database_2.pdbx_DOI 
PDB   2HF1         pdb_00002hf1 10.2210/pdb2hf1/pdb 
RCSB  RCSB038273   ?            ?                   
WWPDB D_1000038273 ?            ?                   
# 
loop_
_pdbx_audit_revision_history.ordinal 
_pdbx_audit_revision_history.data_content_type 
_pdbx_audit_revision_history.major_revision 
_pdbx_audit_revision_history.minor_revision 
_pdbx_audit_revision_history.revision_date 
1 'Structure model' 1 0 2006-08-22 
2 'Structure model' 1 1 2008-05-01 
3 'Structure model' 1 2 2011-07-13 
4 'Structure model' 1 3 2017-10-11 
5 'Structure model' 1 4 2018-01-24 
6 'Structure model' 1 5 2024-11-20 
# 
_pdbx_audit_revision_details.ordinal             1 
_pdbx_audit_revision_details.revision_ordinal    1 
_pdbx_audit_revision_details.data_content_type   'Structure model' 
_pdbx_audit_revision_details.provider            repository 
_pdbx_audit_revision_details.type                'Initial release' 
_pdbx_audit_revision_details.description         ? 
_pdbx_audit_revision_details.details             ? 
# 
loop_
_pdbx_audit_revision_group.ordinal 
_pdbx_audit_revision_group.revision_ordinal 
_pdbx_audit_revision_group.data_content_type 
_pdbx_audit_revision_group.group 
1  2 'Structure model' 'Version format compliance' 
2  3 'Structure model' 'Derived calculations'      
3  3 'Structure model' 'Source and taxonomy'       
4  3 'Structure model' 'Version format compliance' 
5  4 'Structure model' 'Data collection'           
6  4 'Structure model' 'Refinement description'    
7  5 'Structure model' 'Database references'       
8  6 'Structure model' 'Data collection'           
9  6 'Structure model' 'Database references'       
10 6 'Structure model' 'Derived calculations'      
11 6 'Structure model' 'Structure summary'         
# 
loop_
_pdbx_audit_revision_category.ordinal 
_pdbx_audit_revision_category.revision_ordinal 
_pdbx_audit_revision_category.data_content_type 
_pdbx_audit_revision_category.category 
1  4 'Structure model' reflns_shell              
2  4 'Structure model' software                  
3  5 'Structure model' citation_author           
4  6 'Structure model' chem_comp_atom            
5  6 'Structure model' chem_comp_bond            
6  6 'Structure model' database_2                
7  6 'Structure model' pdbx_entry_details        
8  6 'Structure model' pdbx_modification_feature 
9  6 'Structure model' pdbx_struct_conn_angle    
10 6 'Structure model' struct_conn               
11 6 'Structure model' struct_ref_seq_dif        
12 6 'Structure model' struct_site               
# 
loop_
_pdbx_audit_revision_item.ordinal 
_pdbx_audit_revision_item.revision_ordinal 
_pdbx_audit_revision_item.data_content_type 
_pdbx_audit_revision_item.item 
1  4 'Structure model' '_reflns_shell.percent_possible_all'          
2  4 'Structure model' '_software.name'                              
3  5 'Structure model' '_citation_author.name'                       
4  6 'Structure model' '_database_2.pdbx_DOI'                        
5  6 'Structure model' '_database_2.pdbx_database_accession'         
6  6 'Structure model' '_pdbx_struct_conn_angle.ptnr1_auth_comp_id'  
7  6 'Structure model' '_pdbx_struct_conn_angle.ptnr1_auth_seq_id'   
8  6 'Structure model' '_pdbx_struct_conn_angle.ptnr1_label_atom_id' 
9  6 'Structure model' '_pdbx_struct_conn_angle.ptnr1_label_comp_id' 
10 6 'Structure model' '_pdbx_struct_conn_angle.ptnr1_label_seq_id'  
11 6 'Structure model' '_pdbx_struct_conn_angle.ptnr3_auth_comp_id'  
12 6 'Structure model' '_pdbx_struct_conn_angle.ptnr3_auth_seq_id'   
13 6 'Structure model' '_pdbx_struct_conn_angle.ptnr3_label_atom_id' 
14 6 'Structure model' '_pdbx_struct_conn_angle.ptnr3_label_comp_id' 
15 6 'Structure model' '_pdbx_struct_conn_angle.ptnr3_label_seq_id'  
16 6 'Structure model' '_pdbx_struct_conn_angle.value'               
17 6 'Structure model' '_struct_conn.conn_type_id'                   
18 6 'Structure model' '_struct_conn.id'                             
19 6 'Structure model' '_struct_conn.pdbx_dist_value'                
20 6 'Structure model' '_struct_conn.pdbx_leaving_atom_flag'         
21 6 'Structure model' '_struct_conn.ptnr1_auth_asym_id'             
22 6 'Structure model' '_struct_conn.ptnr1_auth_comp_id'             
23 6 'Structure model' '_struct_conn.ptnr1_auth_seq_id'              
24 6 'Structure model' '_struct_conn.ptnr1_label_asym_id'            
25 6 'Structure model' '_struct_conn.ptnr1_label_atom_id'            
26 6 'Structure model' '_struct_conn.ptnr1_label_comp_id'            
27 6 'Structure model' '_struct_conn.ptnr1_label_seq_id'             
28 6 'Structure model' '_struct_conn.ptnr2_auth_asym_id'             
29 6 'Structure model' '_struct_conn.ptnr2_auth_comp_id'             
30 6 'Structure model' '_struct_conn.ptnr2_auth_seq_id'              
31 6 'Structure model' '_struct_conn.ptnr2_label_asym_id'            
32 6 'Structure model' '_struct_conn.ptnr2_label_atom_id'            
33 6 'Structure model' '_struct_conn.ptnr2_label_comp_id'            
34 6 'Structure model' '_struct_conn.ptnr2_label_seq_id'             
35 6 'Structure model' '_struct_ref_seq_dif.details'                 
36 6 'Structure model' '_struct_site.pdbx_auth_asym_id'              
37 6 'Structure model' '_struct_site.pdbx_auth_comp_id'              
38 6 'Structure model' '_struct_site.pdbx_auth_seq_id'               
# 
_pdbx_database_status.status_code                     REL 
_pdbx_database_status.entry_id                        2HF1 
_pdbx_database_status.recvd_initial_deposition_date   2006-06-22 
_pdbx_database_status.deposit_site                    RCSB 
_pdbx_database_status.process_site                    RCSB 
_pdbx_database_status.status_code_sf                  REL 
_pdbx_database_status.status_code_mr                  ? 
_pdbx_database_status.SG_entry                        Y 
_pdbx_database_status.pdb_format_compatible           Y 
_pdbx_database_status.status_code_cs                  ? 
_pdbx_database_status.methods_development_category    ? 
_pdbx_database_status.status_code_nmr_data            ? 
# 
_pdbx_database_related.db_name        TargetDB 
_pdbx_database_related.db_id          CvR39 
_pdbx_database_related.details        . 
_pdbx_database_related.content_type   unspecified 
# 
loop_
_audit_author.name 
_audit_author.pdbx_ordinal 
'Vorobiev, S.M.'                                  1  
'Abashidze, M.'                                   2  
'Seetharaman, J.'                                 3  
'Chen, C.X.'                                      4  
'Jiang, M.'                                       5  
'Cunningham, K.'                                  6  
'Ma, L.C.'                                        7  
'Xiao, R.'                                        8  
'Acton, T.'                                       9  
'Montelione, G.T.'                                10 
'Hunt, J.F.'                                      11 
'Tong, L.'                                        12 
'Northeast Structural Genomics Consortium (NESG)' 13 
# 
_citation.id                        primary 
_citation.title                     
;Crystal structure of the putative Tetraacyldisaccharide-1-P 4-kinase from Chromobacterium 
violaceum.
;
_citation.journal_abbrev            'To be Published' 
_citation.journal_volume            ? 
_citation.page_first                ? 
_citation.page_last                 ? 
_citation.year                      ? 
_citation.journal_id_ASTM           ? 
_citation.country                   ? 
_citation.journal_id_ISSN           ? 
_citation.journal_id_CSD            0353 
_citation.book_publisher            ? 
_citation.pdbx_database_id_PubMed   ? 
_citation.pdbx_database_id_DOI      ? 
# 
loop_
_citation_author.citation_id 
_citation_author.name 
_citation_author.ordinal 
_citation_author.identifier_ORCID 
primary 'Vorobiev, S.M.'   1  ? 
primary 'Abashidze, M.'    2  ? 
primary 'Seetharaman, J.'  3  ? 
primary 'Chen, C.X.'       4  ? 
primary 'Jiang, M.'        5  ? 
primary 'Cunningham, K.'   6  ? 
primary 'Ma, L.C.'         7  ? 
primary 'Xiao, R.'         8  ? 
primary 'Acton, T.'        9  ? 
primary 'Montelione, G.T.' 10 ? 
primary 'Hunt, J.F.'       11 ? 
primary 'Tong, L.'         12 ? 
# 
loop_
_entity.id 
_entity.type 
_entity.src_method 
_entity.pdbx_description 
_entity.formula_weight 
_entity.pdbx_number_of_molecules 
_entity.pdbx_ec 
_entity.pdbx_mutation 
_entity.pdbx_fragment 
_entity.details 
1 polymer     man 'Tetraacyldisaccharide-1-P 4-kinase' 7971.865 2  2.7.1.130 ? ? ? 
2 non-polymer syn 'ZINC ION'                           65.409   2  ?         ? ? ? 
3 water       nat water                                18.015   52 ?         ? ? ? 
# 
_entity_poly.entity_id                      1 
_entity_poly.type                           'polypeptide(L)' 
_entity_poly.nstd_linkage                   no 
_entity_poly.nstd_monomer                   yes 
_entity_poly.pdbx_seq_one_letter_code       '(MSE)DAKFLEILVCPLCKGPLVFDKSKDELICKGDRLAFPIKDGIP(MSE)(MSE)LESEARELAPEEEVKLEHHHHHH' 
_entity_poly.pdbx_seq_one_letter_code_can   MDAKFLEILVCPLCKGPLVFDKSKDELICKGDRLAFPIKDGIPMMLESEARELAPEEEVKLEHHHHHH 
_entity_poly.pdbx_strand_id                 A,B 
_entity_poly.pdbx_target_identifier         CvR39 
# 
loop_
_pdbx_entity_nonpoly.entity_id 
_pdbx_entity_nonpoly.name 
_pdbx_entity_nonpoly.comp_id 
2 'ZINC ION' ZN  
3 water      HOH 
# 
loop_
_entity_poly_seq.entity_id 
_entity_poly_seq.num 
_entity_poly_seq.mon_id 
_entity_poly_seq.hetero 
1 1  MSE n 
1 2  ASP n 
1 3  ALA n 
1 4  LYS n 
1 5  PHE n 
1 6  LEU n 
1 7  GLU n 
1 8  ILE n 
1 9  LEU n 
1 10 VAL n 
1 11 CYS n 
1 12 PRO n 
1 13 LEU n 
1 14 CYS n 
1 15 LYS n 
1 16 GLY n 
1 17 PRO n 
1 18 LEU n 
1 19 VAL n 
1 20 PHE n 
1 21 ASP n 
1 22 LYS n 
1 23 SER n 
1 24 LYS n 
1 25 ASP n 
1 26 GLU n 
1 27 LEU n 
1 28 ILE n 
1 29 CYS n 
1 30 LYS n 
1 31 GLY n 
1 32 ASP n 
1 33 ARG n 
1 34 LEU n 
1 35 ALA n 
1 36 PHE n 
1 37 PRO n 
1 38 ILE n 
1 39 LYS n 
1 40 ASP n 
1 41 GLY n 
1 42 ILE n 
1 43 PRO n 
1 44 MSE n 
1 45 MSE n 
1 46 LEU n 
1 47 GLU n 
1 48 SER n 
1 49 GLU n 
1 50 ALA n 
1 51 ARG n 
1 52 GLU n 
1 53 LEU n 
1 54 ALA n 
1 55 PRO n 
1 56 GLU n 
1 57 GLU n 
1 58 GLU n 
1 59 VAL n 
1 60 LYS n 
1 61 LEU n 
1 62 GLU n 
1 63 HIS n 
1 64 HIS n 
1 65 HIS n 
1 66 HIS n 
1 67 HIS n 
1 68 HIS n 
# 
_entity_src_gen.entity_id                          1 
_entity_src_gen.pdbx_src_id                        1 
_entity_src_gen.pdbx_alt_source_flag               sample 
_entity_src_gen.pdbx_seq_type                      ? 
_entity_src_gen.pdbx_beg_seq_num                   ? 
_entity_src_gen.pdbx_end_seq_num                   ? 
_entity_src_gen.gene_src_common_name               ? 
_entity_src_gen.gene_src_genus                     Chromobacterium 
_entity_src_gen.pdbx_gene_src_gene                 CV_3345 
_entity_src_gen.gene_src_species                   'Chromobacterium violaceum' 
_entity_src_gen.gene_src_strain                    'ATCC 12472' 
_entity_src_gen.gene_src_tissue                    ? 
_entity_src_gen.gene_src_tissue_fraction           ? 
_entity_src_gen.gene_src_details                   ? 
_entity_src_gen.pdbx_gene_src_fragment             ? 
_entity_src_gen.pdbx_gene_src_scientific_name      'Chromobacterium violaceum' 
_entity_src_gen.pdbx_gene_src_ncbi_taxonomy_id     243365 
_entity_src_gen.pdbx_gene_src_variant              ? 
_entity_src_gen.pdbx_gene_src_cell_line            ? 
_entity_src_gen.pdbx_gene_src_atcc                 ? 
_entity_src_gen.pdbx_gene_src_organ                ? 
_entity_src_gen.pdbx_gene_src_organelle            ? 
_entity_src_gen.pdbx_gene_src_cell                 ? 
_entity_src_gen.pdbx_gene_src_cellular_location    ? 
_entity_src_gen.host_org_common_name               ? 
_entity_src_gen.pdbx_host_org_scientific_name      'Escherichia coli' 
_entity_src_gen.pdbx_host_org_ncbi_taxonomy_id     562 
_entity_src_gen.host_org_genus                     Escherichia 
_entity_src_gen.pdbx_host_org_gene                 ? 
_entity_src_gen.pdbx_host_org_organ                ? 
_entity_src_gen.host_org_species                   ? 
_entity_src_gen.pdbx_host_org_tissue               ? 
_entity_src_gen.pdbx_host_org_tissue_fraction      ? 
_entity_src_gen.pdbx_host_org_strain               'BL21(DE3)+ Magic' 
_entity_src_gen.pdbx_host_org_variant              ? 
_entity_src_gen.pdbx_host_org_cell_line            ? 
_entity_src_gen.pdbx_host_org_atcc                 ? 
_entity_src_gen.pdbx_host_org_culture_collection   ? 
_entity_src_gen.pdbx_host_org_cell                 ? 
_entity_src_gen.pdbx_host_org_organelle            ? 
_entity_src_gen.pdbx_host_org_cellular_location    ? 
_entity_src_gen.pdbx_host_org_vector_type          plasmid 
_entity_src_gen.pdbx_host_org_vector               ? 
_entity_src_gen.host_org_details                   ? 
_entity_src_gen.expression_system_id               ? 
_entity_src_gen.plasmid_name                       pET21 
_entity_src_gen.plasmid_details                    ? 
_entity_src_gen.pdbx_description                   ? 
# 
loop_
_chem_comp.id 
_chem_comp.type 
_chem_comp.mon_nstd_flag 
_chem_comp.name 
_chem_comp.pdbx_synonyms 
_chem_comp.formula 
_chem_comp.formula_weight 
ALA 'L-peptide linking' y ALANINE          ? 'C3 H7 N O2'     89.093  
ARG 'L-peptide linking' y ARGININE         ? 'C6 H15 N4 O2 1' 175.209 
ASP 'L-peptide linking' y 'ASPARTIC ACID'  ? 'C4 H7 N O4'     133.103 
CYS 'L-peptide linking' y CYSTEINE         ? 'C3 H7 N O2 S'   121.158 
GLU 'L-peptide linking' y 'GLUTAMIC ACID'  ? 'C5 H9 N O4'     147.129 
GLY 'peptide linking'   y GLYCINE          ? 'C2 H5 N O2'     75.067  
HIS 'L-peptide linking' y HISTIDINE        ? 'C6 H10 N3 O2 1' 156.162 
HOH non-polymer         . WATER            ? 'H2 O'           18.015  
ILE 'L-peptide linking' y ISOLEUCINE       ? 'C6 H13 N O2'    131.173 
LEU 'L-peptide linking' y LEUCINE          ? 'C6 H13 N O2'    131.173 
LYS 'L-peptide linking' y LYSINE           ? 'C6 H15 N2 O2 1' 147.195 
MET 'L-peptide linking' y METHIONINE       ? 'C5 H11 N O2 S'  149.211 
MSE 'L-peptide linking' n SELENOMETHIONINE ? 'C5 H11 N O2 Se' 196.106 
PHE 'L-peptide linking' y PHENYLALANINE    ? 'C9 H11 N O2'    165.189 
PRO 'L-peptide linking' y PROLINE          ? 'C5 H9 N O2'     115.130 
SER 'L-peptide linking' y SERINE           ? 'C3 H7 N O3'     105.093 
VAL 'L-peptide linking' y VALINE           ? 'C5 H11 N O2'    117.146 
ZN  non-polymer         . 'ZINC ION'       ? 'Zn 2'           65.409  
# 
loop_
_pdbx_poly_seq_scheme.asym_id 
_pdbx_poly_seq_scheme.entity_id 
_pdbx_poly_seq_scheme.seq_id 
_pdbx_poly_seq_scheme.mon_id 
_pdbx_poly_seq_scheme.ndb_seq_num 
_pdbx_poly_seq_scheme.pdb_seq_num 
_pdbx_poly_seq_scheme.auth_seq_num 
_pdbx_poly_seq_scheme.pdb_mon_id 
_pdbx_poly_seq_scheme.auth_mon_id 
_pdbx_poly_seq_scheme.pdb_strand_id 
_pdbx_poly_seq_scheme.pdb_ins_code 
_pdbx_poly_seq_scheme.hetero 
A 1 1  MSE 1  1  ?  ?   ?   A . n 
A 1 2  ASP 2  2  2  ASP ALA A . n 
A 1 3  ALA 3  3  3  ALA ALA A . n 
A 1 4  LYS 4  4  4  LYS LYS A . n 
A 1 5  PHE 5  5  5  PHE PHE A . n 
A 1 6  LEU 6  6  6  LEU LEU A . n 
A 1 7  GLU 7  7  7  GLU GLU A . n 
A 1 8  ILE 8  8  8  ILE ILE A . n 
A 1 9  LEU 9  9  9  LEU LEU A . n 
A 1 10 VAL 10 10 10 VAL VAL A . n 
A 1 11 CYS 11 11 11 CYS CYS A . n 
A 1 12 PRO 12 12 12 PRO PRO A . n 
A 1 13 LEU 13 13 13 LEU LEU A . n 
A 1 14 CYS 14 14 14 CYS CYS A . n 
A 1 15 LYS 15 15 15 LYS LYS A . n 
A 1 16 GLY 16 16 16 GLY GLY A . n 
A 1 17 PRO 17 17 17 PRO PRO A . n 
A 1 18 LEU 18 18 18 LEU LEU A . n 
A 1 19 VAL 19 19 19 VAL VAL A . n 
A 1 20 PHE 20 20 20 PHE PHE A . n 
A 1 21 ASP 21 21 21 ASP ASP A . n 
A 1 22 LYS 22 22 22 LYS LYS A . n 
A 1 23 SER 23 23 23 SER SER A . n 
A 1 24 LYS 24 24 24 LYS LYS A . n 
A 1 25 ASP 25 25 25 ASP ASP A . n 
A 1 26 GLU 26 26 26 GLU GLU A . n 
A 1 27 LEU 27 27 27 LEU LEU A . n 
A 1 28 ILE 28 28 28 ILE ILE A . n 
A 1 29 CYS 29 29 29 CYS CYS A . n 
A 1 30 LYS 30 30 30 LYS LYS A . n 
A 1 31 GLY 31 31 31 GLY GLY A . n 
A 1 32 ASP 32 32 32 ASP ASP A . n 
A 1 33 ARG 33 33 33 ARG ALA A . n 
A 1 34 LEU 34 34 34 LEU LEU A . n 
A 1 35 ALA 35 35 35 ALA ALA A . n 
A 1 36 PHE 36 36 36 PHE PHE A . n 
A 1 37 PRO 37 37 37 PRO PRO A . n 
A 1 38 ILE 38 38 38 ILE ILE A . n 
A 1 39 LYS 39 39 39 LYS LYS A . n 
A 1 40 ASP 40 40 40 ASP ALA A . n 
A 1 41 GLY 41 41 41 GLY GLY A . n 
A 1 42 ILE 42 42 42 ILE ILE A . n 
A 1 43 PRO 43 43 43 PRO PRO A . n 
A 1 44 MSE 44 44 44 MSE MSE A . n 
A 1 45 MSE 45 45 45 MSE MSE A . n 
A 1 46 LEU 46 46 46 LEU LEU A . n 
A 1 47 GLU 47 47 47 GLU GLU A . n 
A 1 48 SER 48 48 48 SER SER A . n 
A 1 49 GLU 49 49 49 GLU GLU A . n 
A 1 50 ALA 50 50 50 ALA ALA A . n 
A 1 51 ARG 51 51 51 ARG ARG A . n 
A 1 52 GLU 52 52 52 GLU GLU A . n 
A 1 53 LEU 53 53 53 LEU LEU A . n 
A 1 54 ALA 54 54 54 ALA ALA A . n 
A 1 55 PRO 55 55 55 PRO PRO A . n 
A 1 56 GLU 56 56 56 GLU GLU A . n 
A 1 57 GLU 57 57 57 GLU GLU A . n 
A 1 58 GLU 58 58 58 GLU GLU A . n 
A 1 59 VAL 59 59 59 VAL VAL A . n 
A 1 60 LYS 60 60 60 LYS LYS A . n 
A 1 61 LEU 61 61 61 LEU LEU A . n 
A 1 62 GLU 62 62 62 GLU GLU A . n 
A 1 63 HIS 63 63 ?  ?   ?   A . n 
A 1 64 HIS 64 64 ?  ?   ?   A . n 
A 1 65 HIS 65 65 ?  ?   ?   A . n 
A 1 66 HIS 66 66 ?  ?   ?   A . n 
A 1 67 HIS 67 67 ?  ?   ?   A . n 
A 1 68 HIS 68 68 ?  ?   ?   A . n 
B 1 1  MSE 1  1  ?  ?   ?   B . n 
B 1 2  ASP 2  2  ?  ?   ?   B . n 
B 1 3  ALA 3  3  ?  ?   ?   B . n 
B 1 4  LYS 4  4  4  LYS ALA B . n 
B 1 5  PHE 5  5  5  PHE PHE B . n 
B 1 6  LEU 6  6  6  LEU LEU B . n 
B 1 7  GLU 7  7  7  GLU GLU B . n 
B 1 8  ILE 8  8  8  ILE ILE B . n 
B 1 9  LEU 9  9  9  LEU LEU B . n 
B 1 10 VAL 10 10 10 VAL VAL B . n 
B 1 11 CYS 11 11 11 CYS CYS B . n 
B 1 12 PRO 12 12 12 PRO PRO B . n 
B 1 13 LEU 13 13 13 LEU LEU B . n 
B 1 14 CYS 14 14 14 CYS CYS B . n 
B 1 15 LYS 15 15 15 LYS LYS B . n 
B 1 16 GLY 16 16 16 GLY GLY B . n 
B 1 17 PRO 17 17 17 PRO PRO B . n 
B 1 18 LEU 18 18 18 LEU LEU B . n 
B 1 19 VAL 19 19 19 VAL VAL B . n 
B 1 20 PHE 20 20 20 PHE PHE B . n 
B 1 21 ASP 21 21 21 ASP ASP B . n 
B 1 22 LYS 22 22 22 LYS LYS B . n 
B 1 23 SER 23 23 23 SER SER B . n 
B 1 24 LYS 24 24 24 LYS LYS B . n 
B 1 25 ASP 25 25 25 ASP ASP B . n 
B 1 26 GLU 26 26 26 GLU GLU B . n 
B 1 27 LEU 27 27 27 LEU LEU B . n 
B 1 28 ILE 28 28 28 ILE ILE B . n 
B 1 29 CYS 29 29 29 CYS CYS B . n 
B 1 30 LYS 30 30 30 LYS LYS B . n 
B 1 31 GLY 31 31 31 GLY GLY B . n 
B 1 32 ASP 32 32 32 ASP ASP B . n 
B 1 33 ARG 33 33 33 ARG ARG B . n 
B 1 34 LEU 34 34 34 LEU LEU B . n 
B 1 35 ALA 35 35 35 ALA ALA B . n 
B 1 36 PHE 36 36 36 PHE PHE B . n 
B 1 37 PRO 37 37 37 PRO PRO B . n 
B 1 38 ILE 38 38 38 ILE ILE B . n 
B 1 39 LYS 39 39 39 LYS LYS B . n 
B 1 40 ASP 40 40 40 ASP ASP B . n 
B 1 41 GLY 41 41 41 GLY GLY B . n 
B 1 42 ILE 42 42 42 ILE ILE B . n 
B 1 43 PRO 43 43 43 PRO PRO B . n 
B 1 44 MSE 44 44 44 MSE MSE B . n 
B 1 45 MSE 45 45 45 MSE MSE B . n 
B 1 46 LEU 46 46 46 LEU LEU B . n 
B 1 47 GLU 47 47 47 GLU GLU B . n 
B 1 48 SER 48 48 48 SER SER B . n 
B 1 49 GLU 49 49 49 GLU GLU B . n 
B 1 50 ALA 50 50 50 ALA ALA B . n 
B 1 51 ARG 51 51 51 ARG ARG B . n 
B 1 52 GLU 52 52 52 GLU GLU B . n 
B 1 53 LEU 53 53 53 LEU LEU B . n 
B 1 54 ALA 54 54 54 ALA ALA B . n 
B 1 55 PRO 55 55 55 PRO PRO B . n 
B 1 56 GLU 56 56 56 GLU GLU B . n 
B 1 57 GLU 57 57 57 GLU GLU B . n 
B 1 58 GLU 58 58 58 GLU GLU B . n 
B 1 59 VAL 59 59 59 VAL VAL B . n 
B 1 60 LYS 60 60 60 LYS LYS B . n 
B 1 61 LEU 61 61 61 LEU LEU B . n 
B 1 62 GLU 62 62 62 GLU GLU B . n 
B 1 63 HIS 63 63 ?  ?   ?   B . n 
B 1 64 HIS 64 64 ?  ?   ?   B . n 
B 1 65 HIS 65 65 ?  ?   ?   B . n 
B 1 66 HIS 66 66 ?  ?   ?   B . n 
B 1 67 HIS 67 67 ?  ?   ?   B . n 
B 1 68 HIS 68 68 ?  ?   ?   B . n 
# 
loop_
_pdbx_nonpoly_scheme.asym_id 
_pdbx_nonpoly_scheme.entity_id 
_pdbx_nonpoly_scheme.mon_id 
_pdbx_nonpoly_scheme.ndb_seq_num 
_pdbx_nonpoly_scheme.pdb_seq_num 
_pdbx_nonpoly_scheme.auth_seq_num 
_pdbx_nonpoly_scheme.pdb_mon_id 
_pdbx_nonpoly_scheme.auth_mon_id 
_pdbx_nonpoly_scheme.pdb_strand_id 
_pdbx_nonpoly_scheme.pdb_ins_code 
C 2 ZN  1  102 102 ZN  ZN  A . 
D 2 ZN  1  101 101 ZN  ZN  B . 
E 3 HOH 1  202 202 HOH WAT A . 
E 3 HOH 2  203 203 HOH WAT A . 
E 3 HOH 3  207 207 HOH WAT A . 
E 3 HOH 4  209 209 HOH WAT A . 
E 3 HOH 5  211 211 HOH WAT A . 
E 3 HOH 6  217 217 HOH WAT A . 
E 3 HOH 7  219 219 HOH WAT A . 
E 3 HOH 8  222 222 HOH WAT A . 
E 3 HOH 9  227 227 HOH WAT A . 
E 3 HOH 10 230 230 HOH WAT A . 
E 3 HOH 11 231 231 HOH WAT A . 
E 3 HOH 12 232 232 HOH WAT A . 
E 3 HOH 13 233 233 HOH WAT A . 
E 3 HOH 14 237 237 HOH WAT A . 
E 3 HOH 15 238 238 HOH WAT A . 
E 3 HOH 16 239 239 HOH WAT A . 
E 3 HOH 17 241 241 HOH WAT A . 
E 3 HOH 18 242 242 HOH WAT A . 
E 3 HOH 19 243 243 HOH WAT A . 
E 3 HOH 20 245 245 HOH WAT A . 
E 3 HOH 21 246 246 HOH WAT A . 
E 3 HOH 22 247 247 HOH WAT A . 
E 3 HOH 23 253 253 HOH WAT A . 
E 3 HOH 24 254 254 HOH WAT A . 
E 3 HOH 25 256 256 HOH WAT A . 
E 3 HOH 26 257 257 HOH WAT A . 
E 3 HOH 27 258 258 HOH WAT A . 
F 3 HOH 1  201 201 HOH WAT B . 
F 3 HOH 2  204 204 HOH WAT B . 
F 3 HOH 3  205 205 HOH WAT B . 
F 3 HOH 4  206 206 HOH WAT B . 
F 3 HOH 5  208 208 HOH WAT B . 
F 3 HOH 6  210 210 HOH WAT B . 
F 3 HOH 7  213 213 HOH WAT B . 
F 3 HOH 8  215 215 HOH WAT B . 
F 3 HOH 9  216 216 HOH WAT B . 
F 3 HOH 10 218 218 HOH WAT B . 
F 3 HOH 11 220 220 HOH WAT B . 
F 3 HOH 12 221 221 HOH WAT B . 
F 3 HOH 13 225 225 HOH WAT B . 
F 3 HOH 14 226 226 HOH WAT B . 
F 3 HOH 15 228 228 HOH WAT B . 
F 3 HOH 16 229 229 HOH WAT B . 
F 3 HOH 17 235 235 HOH WAT B . 
F 3 HOH 18 236 236 HOH WAT B . 
F 3 HOH 19 240 240 HOH WAT B . 
F 3 HOH 20 244 244 HOH WAT B . 
F 3 HOH 21 248 248 HOH WAT B . 
F 3 HOH 22 249 249 HOH WAT B . 
F 3 HOH 23 251 251 HOH WAT B . 
F 3 HOH 24 252 252 HOH WAT B . 
F 3 HOH 25 255 255 HOH WAT B . 
# 
loop_
_pdbx_unobs_or_zero_occ_atoms.id 
_pdbx_unobs_or_zero_occ_atoms.PDB_model_num 
_pdbx_unobs_or_zero_occ_atoms.polymer_flag 
_pdbx_unobs_or_zero_occ_atoms.occupancy_flag 
_pdbx_unobs_or_zero_occ_atoms.auth_asym_id 
_pdbx_unobs_or_zero_occ_atoms.auth_comp_id 
_pdbx_unobs_or_zero_occ_atoms.auth_seq_id 
_pdbx_unobs_or_zero_occ_atoms.PDB_ins_code 
_pdbx_unobs_or_zero_occ_atoms.auth_atom_id 
_pdbx_unobs_or_zero_occ_atoms.label_alt_id 
_pdbx_unobs_or_zero_occ_atoms.label_asym_id 
_pdbx_unobs_or_zero_occ_atoms.label_comp_id 
_pdbx_unobs_or_zero_occ_atoms.label_seq_id 
_pdbx_unobs_or_zero_occ_atoms.label_atom_id 
1  1 Y 1 A ASP 2  ? CG  ? A ASP 2  CG  
2  1 Y 1 A ASP 2  ? OD1 ? A ASP 2  OD1 
3  1 Y 1 A ASP 2  ? OD2 ? A ASP 2  OD2 
4  1 Y 1 A ARG 33 ? CG  ? A ARG 33 CG  
5  1 Y 1 A ARG 33 ? CD  ? A ARG 33 CD  
6  1 Y 1 A ARG 33 ? NE  ? A ARG 33 NE  
7  1 Y 1 A ARG 33 ? CZ  ? A ARG 33 CZ  
8  1 Y 1 A ARG 33 ? NH1 ? A ARG 33 NH1 
9  1 Y 1 A ARG 33 ? NH2 ? A ARG 33 NH2 
10 1 Y 1 A ASP 40 ? CG  ? A ASP 40 CG  
11 1 Y 1 A ASP 40 ? OD1 ? A ASP 40 OD1 
12 1 Y 1 A ASP 40 ? OD2 ? A ASP 40 OD2 
13 1 Y 1 B LYS 4  ? CG  ? B LYS 4  CG  
14 1 Y 1 B LYS 4  ? CD  ? B LYS 4  CD  
15 1 Y 1 B LYS 4  ? CE  ? B LYS 4  CE  
16 1 Y 1 B LYS 4  ? NZ  ? B LYS 4  NZ  
# 
loop_
_software.name 
_software.classification 
_software.version 
_software.citation_id 
_software.pdbx_ordinal 
CNS     refinement 1.1 ? 1 
SnB     phasing    .   ? 2 
RESOLVE phasing    .   ? 3 
# 
_cell.entry_id           2HF1 
_cell.length_a           27.517 
_cell.length_b           93.854 
_cell.length_c           87.219 
_cell.angle_alpha        90.00 
_cell.angle_beta         90.00 
_cell.angle_gamma        90.00 
_cell.Z_PDB              16 
_cell.pdbx_unique_axis   ? 
_cell.length_a_esd       ? 
_cell.length_b_esd       ? 
_cell.length_c_esd       ? 
_cell.angle_alpha_esd    ? 
_cell.angle_beta_esd     ? 
_cell.angle_gamma_esd    ? 
# 
_symmetry.entry_id                         2HF1 
_symmetry.space_group_name_H-M             'C 2 2 21' 
_symmetry.pdbx_full_space_group_name_H-M   ? 
_symmetry.cell_setting                     ? 
_symmetry.Int_Tables_number                20 
_symmetry.space_group_name_Hall            ? 
# 
_exptl.entry_id          2HF1 
_exptl.method            'X-RAY DIFFRACTION' 
_exptl.crystals_number   1 
# 
_exptl_crystal.id                    1 
_exptl_crystal.density_meas          ? 
_exptl_crystal.density_Matthews      1.76 
_exptl_crystal.density_percent_sol   30.30 
_exptl_crystal.description           ? 
_exptl_crystal.F_000                 ? 
_exptl_crystal.preparation           ? 
# 
_exptl_crystal_grow.crystal_id      1 
_exptl_crystal_grow.method          'VAPOR DIFFUSION, HANGING DROP' 
_exptl_crystal_grow.temp            291 
_exptl_crystal_grow.temp_details    ? 
_exptl_crystal_grow.pH              7.5 
_exptl_crystal_grow.pdbx_details    
'25-35%  PEG 300, 0.1M sodium acetate, 5 mM ZnCl(2), pH 7.5, VAPOR DIFFUSION, HANGING DROP, temperature 291K' 
_exptl_crystal_grow.pdbx_pH_range   . 
# 
_diffrn.id                     1 
_diffrn.ambient_temp           100 
_diffrn.ambient_temp_details   ? 
_diffrn.crystal_id             1 
# 
_diffrn_detector.diffrn_id              1 
_diffrn_detector.detector               CCD 
_diffrn_detector.type                   'ADSC QUANTUM 4' 
_diffrn_detector.pdbx_collection_date   2006-06-08 
_diffrn_detector.details                ? 
# 
_diffrn_radiation.diffrn_id                        1 
_diffrn_radiation.wavelength_id                    1 
_diffrn_radiation.pdbx_monochromatic_or_laue_m_l   M 
_diffrn_radiation.monochromator                    ? 
_diffrn_radiation.pdbx_diffrn_protocol             MAD 
_diffrn_radiation.pdbx_scattering_type             x-ray 
# 
loop_
_diffrn_radiation_wavelength.id 
_diffrn_radiation_wavelength.wavelength 
_diffrn_radiation_wavelength.wt 
1 0.97907 1.0 
2 0.97940 1.0 
3 0.96791 1.0 
# 
_diffrn_source.diffrn_id                   1 
_diffrn_source.source                      SYNCHROTRON 
_diffrn_source.type                        'NSLS BEAMLINE X4A' 
_diffrn_source.pdbx_synchrotron_site       NSLS 
_diffrn_source.pdbx_synchrotron_beamline   X4A 
_diffrn_source.pdbx_wavelength             ? 
_diffrn_source.pdbx_wavelength_list        '0.97907, 0.97940, 0.96791' 
# 
_reflns.entry_id                     2HF1 
_reflns.observed_criterion_sigma_I   0.0 
_reflns.observed_criterion_sigma_F   0.0 
_reflns.d_resolution_low             31.90 
_reflns.d_resolution_high            1.90 
_reflns.number_obs                   17211 
_reflns.number_all                   17246 
_reflns.percent_possible_obs         99.8 
_reflns.pdbx_Rmerge_I_obs            0.046 
_reflns.pdbx_Rsym_value              ? 
_reflns.pdbx_netI_over_sigmaI        ? 
_reflns.B_iso_Wilson_estimate        19.6 
_reflns.pdbx_redundancy              6.8 
_reflns.R_free_details               ? 
_reflns.limit_h_max                  ? 
_reflns.limit_h_min                  ? 
_reflns.limit_k_max                  ? 
_reflns.limit_k_min                  ? 
_reflns.limit_l_max                  ? 
_reflns.limit_l_min                  ? 
_reflns.observed_criterion_F_max     ? 
_reflns.observed_criterion_F_min     ? 
_reflns.pdbx_chi_squared             ? 
_reflns.pdbx_scaling_rejects         ? 
_reflns.pdbx_ordinal                 1 
_reflns.pdbx_diffrn_id               1 
# 
_reflns_shell.d_res_high             1.90 
_reflns_shell.d_res_low              1.97 
_reflns_shell.percent_possible_all   ? 
_reflns_shell.Rmerge_I_obs           0.274 
_reflns_shell.pdbx_Rsym_value        ? 
_reflns_shell.meanI_over_sigI_obs    6.9 
_reflns_shell.pdbx_redundancy        4.6 
_reflns_shell.percent_possible_obs   ? 
_reflns_shell.number_unique_all      1750 
_reflns_shell.number_measured_all    ? 
_reflns_shell.number_measured_obs    ? 
_reflns_shell.number_unique_obs      ? 
_reflns_shell.pdbx_chi_squared       ? 
_reflns_shell.pdbx_ordinal           1 
_reflns_shell.pdbx_diffrn_id         1 
# 
_refine.entry_id                                 2HF1 
_refine.ls_number_reflns_obs                     16173 
_refine.ls_number_reflns_all                     16176 
_refine.pdbx_ls_sigma_I                          ? 
_refine.pdbx_ls_sigma_F                          2.0 
_refine.pdbx_data_cutoff_high_absF               163383.75 
_refine.pdbx_data_cutoff_low_absF                0.000000 
_refine.pdbx_data_cutoff_high_rms_absF           ? 
_refine.ls_d_res_low                             26.41 
_refine.ls_d_res_high                            1.90 
_refine.ls_percent_reflns_obs                    93.9 
_refine.ls_R_factor_obs                          0.233 
_refine.ls_R_factor_all                          ? 
_refine.ls_R_factor_R_work                       0.233 
_refine.ls_R_factor_R_free                       0.284 
_refine.ls_R_factor_R_free_error                 0.011 
_refine.ls_R_factor_R_free_error_details         ? 
_refine.ls_percent_reflns_R_free                 4.1 
_refine.ls_number_reflns_R_free                  660 
_refine.ls_number_parameters                     ? 
_refine.ls_number_restraints                     ? 
_refine.occupancy_min                            ? 
_refine.occupancy_max                            ? 
_refine.correlation_coeff_Fo_to_Fc               ? 
_refine.correlation_coeff_Fo_to_Fc_free          ? 
_refine.B_iso_mean                               31.7 
_refine.aniso_B[1][1]                            -2.93 
_refine.aniso_B[2][2]                            0.64 
_refine.aniso_B[3][3]                            2.29 
_refine.aniso_B[1][2]                            0.00 
_refine.aniso_B[1][3]                            0.00 
_refine.aniso_B[2][3]                            0.00 
_refine.solvent_model_details                    'FLAT MODEL' 
_refine.solvent_model_param_ksol                 0.372862 
_refine.solvent_model_param_bsol                 48.2674 
_refine.pdbx_solvent_vdw_probe_radii             ? 
_refine.pdbx_solvent_ion_probe_radii             ? 
_refine.pdbx_solvent_shrinkage_radii             ? 
_refine.pdbx_ls_cross_valid_method               THROUGHOUT 
_refine.details                                  ? 
_refine.pdbx_starting_model                      ? 
_refine.pdbx_method_to_determine_struct          MAD 
_refine.pdbx_isotropic_thermal_model             RESTRAINED 
_refine.pdbx_stereochemistry_target_values       'Engh & Huber' 
_refine.pdbx_stereochem_target_val_spec_case     ? 
_refine.pdbx_R_Free_selection_details            RANDOM 
_refine.pdbx_overall_ESU_R                       ? 
_refine.pdbx_overall_ESU_R_Free                  ? 
_refine.overall_SU_ML                            ? 
_refine.overall_SU_B                             ? 
_refine.ls_redundancy_reflns_obs                 ? 
_refine.B_iso_min                                ? 
_refine.B_iso_max                                ? 
_refine.overall_SU_R_Cruickshank_DPI             ? 
_refine.overall_SU_R_free                        ? 
_refine.ls_wR_factor_R_free                      ? 
_refine.ls_wR_factor_R_work                      ? 
_refine.overall_FOM_free_R_set                   ? 
_refine.overall_FOM_work_R_set                   ? 
_refine.pdbx_refine_id                           'X-RAY DIFFRACTION' 
_refine.pdbx_diffrn_id                           1 
_refine.pdbx_TLS_residual_ADP_flag               ? 
_refine.pdbx_overall_phase_error                 ? 
_refine.pdbx_overall_SU_R_free_Cruickshank_DPI   ? 
_refine.pdbx_overall_SU_R_Blow_DPI               ? 
_refine.pdbx_overall_SU_R_free_Blow_DPI          ? 
# 
_refine_analyze.entry_id                        2HF1 
_refine_analyze.Luzzati_coordinate_error_obs    0.25 
_refine_analyze.Luzzati_sigma_a_obs             0.19 
_refine_analyze.Luzzati_d_res_low_obs           5.00 
_refine_analyze.Luzzati_coordinate_error_free   0.33 
_refine_analyze.Luzzati_sigma_a_free            0.29 
_refine_analyze.Luzzati_d_res_low_free          ? 
_refine_analyze.number_disordered_residues      ? 
_refine_analyze.occupancy_sum_hydrogen          ? 
_refine_analyze.occupancy_sum_non_hydrogen      ? 
_refine_analyze.pdbx_Luzzati_d_res_high_obs     ? 
_refine_analyze.pdbx_refine_id                  'X-RAY DIFFRACTION' 
# 
_refine_hist.pdbx_refine_id                   'X-RAY DIFFRACTION' 
_refine_hist.cycle_id                         LAST 
_refine_hist.pdbx_number_atoms_protein        925 
_refine_hist.pdbx_number_atoms_nucleic_acid   0 
_refine_hist.pdbx_number_atoms_ligand         2 
_refine_hist.number_atoms_solvent             52 
_refine_hist.number_atoms_total               979 
_refine_hist.d_res_high                       1.90 
_refine_hist.d_res_low                        26.41 
# 
loop_
_refine_ls_restr.type 
_refine_ls_restr.dev_ideal 
_refine_ls_restr.dev_ideal_target 
_refine_ls_restr.weight 
_refine_ls_restr.number 
_refine_ls_restr.pdbx_refine_id 
_refine_ls_restr.pdbx_restraint_function 
c_bond_d                0.006 ? ? ? 'X-RAY DIFFRACTION' ? 
c_bond_d_na             ?     ? ? ? 'X-RAY DIFFRACTION' ? 
c_bond_d_prot           ?     ? ? ? 'X-RAY DIFFRACTION' ? 
c_angle_d               ?     ? ? ? 'X-RAY DIFFRACTION' ? 
c_angle_d_na            ?     ? ? ? 'X-RAY DIFFRACTION' ? 
c_angle_d_prot          ?     ? ? ? 'X-RAY DIFFRACTION' ? 
c_angle_deg             1.4   ? ? ? 'X-RAY DIFFRACTION' ? 
c_angle_deg_na          ?     ? ? ? 'X-RAY DIFFRACTION' ? 
c_angle_deg_prot        ?     ? ? ? 'X-RAY DIFFRACTION' ? 
c_dihedral_angle_d      25.0  ? ? ? 'X-RAY DIFFRACTION' ? 
c_dihedral_angle_d_na   ?     ? ? ? 'X-RAY DIFFRACTION' ? 
c_dihedral_angle_d_prot ?     ? ? ? 'X-RAY DIFFRACTION' ? 
c_improper_angle_d      0.92  ? ? ? 'X-RAY DIFFRACTION' ? 
c_improper_angle_d_na   ?     ? ? ? 'X-RAY DIFFRACTION' ? 
c_improper_angle_d_prot ?     ? ? ? 'X-RAY DIFFRACTION' ? 
c_mcbond_it             ?     ? ? ? 'X-RAY DIFFRACTION' ? 
c_mcangle_it            ?     ? ? ? 'X-RAY DIFFRACTION' ? 
c_scbond_it             ?     ? ? ? 'X-RAY DIFFRACTION' ? 
c_scangle_it            ?     ? ? ? 'X-RAY DIFFRACTION' ? 
# 
_refine_ls_shell.pdbx_total_number_of_bins_used   6 
_refine_ls_shell.d_res_high                       1.90 
_refine_ls_shell.d_res_low                        2.02 
_refine_ls_shell.number_reflns_R_work             2312 
_refine_ls_shell.R_factor_R_work                  0.286 
_refine_ls_shell.percent_reflns_obs               83.5 
_refine_ls_shell.R_factor_R_free                  0.348 
_refine_ls_shell.R_factor_R_free_error            0.037 
_refine_ls_shell.percent_reflns_R_free            3.6 
_refine_ls_shell.number_reflns_R_free             87 
_refine_ls_shell.number_reflns_all                ? 
_refine_ls_shell.R_factor_all                     ? 
_refine_ls_shell.number_reflns_obs                ? 
_refine_ls_shell.redundancy_reflns_obs            ? 
_refine_ls_shell.pdbx_refine_id                   'X-RAY DIFFRACTION' 
# 
loop_
_pdbx_xplor_file.serial_no 
_pdbx_xplor_file.param_file 
_pdbx_xplor_file.topol_file 
_pdbx_xplor_file.pdbx_refine_id 
1 protein_rep.param protein.top 'X-RAY DIFFRACTION' 
2 water_rep.param   water.top   'X-RAY DIFFRACTION' 
3 ion.param         ion.top     'X-RAY DIFFRACTION' 
# 
_struct.entry_id                  2HF1 
_struct.title                     
'Crystal structure of the putative Tetraacyldisaccharide-1-P 4-kinase from Chromobacterium violaceum. NESG target CvR39.' 
_struct.pdbx_model_details        ? 
_struct.pdbx_CASP_flag            ? 
_struct.pdbx_model_type_details   ? 
# 
_struct_keywords.entry_id        2HF1 
_struct_keywords.pdbx_keywords   TRANSFERASE 
_struct_keywords.text            
;Tetraacyldisaccharide-1-P 4-kinase, LpxK, lipid A biosynthesis, NESG, Structural Genomics, PSI-2, Protein Structure Initiative, Northeast Structural Genomics Consortium, TRANSFERASE
;
# 
loop_
_struct_asym.id 
_struct_asym.pdbx_blank_PDB_chainid_flag 
_struct_asym.pdbx_modified 
_struct_asym.entity_id 
_struct_asym.details 
A N N 1 ? 
B N N 1 ? 
C N N 2 ? 
D N N 2 ? 
E N N 3 ? 
F N N 3 ? 
# 
_struct_ref.id                         1 
_struct_ref.db_name                    UNP 
_struct_ref.db_code                    Q7NSS5_CHRVO 
_struct_ref.pdbx_db_accession          Q7NSS5 
_struct_ref.entity_id                  1 
_struct_ref.pdbx_seq_one_letter_code   MDAKFLEILVCPLCKGPLVFDKSKDELICKGDRLAFPIKDGIPMMLESEARELAPEEEVK 
_struct_ref.pdbx_align_begin           1 
_struct_ref.pdbx_db_isoform            ? 
# 
loop_
_struct_ref_seq.align_id 
_struct_ref_seq.ref_id 
_struct_ref_seq.pdbx_PDB_id_code 
_struct_ref_seq.pdbx_strand_id 
_struct_ref_seq.seq_align_beg 
_struct_ref_seq.pdbx_seq_align_beg_ins_code 
_struct_ref_seq.seq_align_end 
_struct_ref_seq.pdbx_seq_align_end_ins_code 
_struct_ref_seq.pdbx_db_accession 
_struct_ref_seq.db_align_beg 
_struct_ref_seq.pdbx_db_align_beg_ins_code 
_struct_ref_seq.db_align_end 
_struct_ref_seq.pdbx_db_align_end_ins_code 
_struct_ref_seq.pdbx_auth_seq_align_beg 
_struct_ref_seq.pdbx_auth_seq_align_end 
1 1 2HF1 A 1 ? 60 ? Q7NSS5 1 ? 60 ? 1 60 
2 1 2HF1 B 1 ? 60 ? Q7NSS5 1 ? 60 ? 1 60 
# 
loop_
_struct_ref_seq_dif.align_id 
_struct_ref_seq_dif.pdbx_pdb_id_code 
_struct_ref_seq_dif.mon_id 
_struct_ref_seq_dif.pdbx_pdb_strand_id 
_struct_ref_seq_dif.seq_num 
_struct_ref_seq_dif.pdbx_pdb_ins_code 
_struct_ref_seq_dif.pdbx_seq_db_name 
_struct_ref_seq_dif.pdbx_seq_db_accession_code 
_struct_ref_seq_dif.db_mon_id 
_struct_ref_seq_dif.pdbx_seq_db_seq_num 
_struct_ref_seq_dif.details 
_struct_ref_seq_dif.pdbx_auth_seq_num 
_struct_ref_seq_dif.pdbx_ordinal 
1 2HF1 MSE A 1  ? UNP Q7NSS5 MET 1  'modified residue' 1  1  
1 2HF1 MSE A 44 ? UNP Q7NSS5 MET 44 'modified residue' 44 2  
1 2HF1 MSE A 45 ? UNP Q7NSS5 MET 45 'modified residue' 45 3  
1 2HF1 LEU A 61 ? UNP Q7NSS5 ?   ?  'expression tag'   61 4  
1 2HF1 GLU A 62 ? UNP Q7NSS5 ?   ?  'expression tag'   62 5  
1 2HF1 HIS A 63 ? UNP Q7NSS5 ?   ?  'expression tag'   63 6  
1 2HF1 HIS A 64 ? UNP Q7NSS5 ?   ?  'expression tag'   64 7  
1 2HF1 HIS A 65 ? UNP Q7NSS5 ?   ?  'expression tag'   65 8  
1 2HF1 HIS A 66 ? UNP Q7NSS5 ?   ?  'expression tag'   66 9  
1 2HF1 HIS A 67 ? UNP Q7NSS5 ?   ?  'expression tag'   67 10 
1 2HF1 HIS A 68 ? UNP Q7NSS5 ?   ?  'expression tag'   68 11 
2 2HF1 MSE B 1  ? UNP Q7NSS5 MET 1  'modified residue' 1  12 
2 2HF1 MSE B 44 ? UNP Q7NSS5 MET 44 'modified residue' 44 13 
2 2HF1 MSE B 45 ? UNP Q7NSS5 MET 45 'modified residue' 45 14 
2 2HF1 LEU B 61 ? UNP Q7NSS5 ?   ?  'expression tag'   61 15 
2 2HF1 GLU B 62 ? UNP Q7NSS5 ?   ?  'expression tag'   62 16 
2 2HF1 HIS B 63 ? UNP Q7NSS5 ?   ?  'expression tag'   63 17 
2 2HF1 HIS B 64 ? UNP Q7NSS5 ?   ?  'expression tag'   64 18 
2 2HF1 HIS B 65 ? UNP Q7NSS5 ?   ?  'expression tag'   65 19 
2 2HF1 HIS B 66 ? UNP Q7NSS5 ?   ?  'expression tag'   66 20 
2 2HF1 HIS B 67 ? UNP Q7NSS5 ?   ?  'expression tag'   67 21 
2 2HF1 HIS B 68 ? UNP Q7NSS5 ?   ?  'expression tag'   68 22 
# 
loop_
_pdbx_struct_assembly.id 
_pdbx_struct_assembly.details 
_pdbx_struct_assembly.method_details 
_pdbx_struct_assembly.oligomeric_details 
_pdbx_struct_assembly.oligomeric_count 
1 author_defined_assembly   ?        monomeric 1 
2 author_defined_assembly   ?        monomeric 1 
3 software_defined_assembly PISA,PQS dimeric   2 
# 
loop_
_pdbx_struct_assembly_prop.biol_id 
_pdbx_struct_assembly_prop.type 
_pdbx_struct_assembly_prop.value 
_pdbx_struct_assembly_prop.details 
3 'ABSA (A^2)' 1720 ? 
3 MORE         -17  ? 
3 'SSA (A^2)'  6990 ? 
# 
loop_
_pdbx_struct_assembly_gen.assembly_id 
_pdbx_struct_assembly_gen.oper_expression 
_pdbx_struct_assembly_gen.asym_id_list 
1 1 A,C,E       
2 1 B,D,F       
3 1 A,B,C,D,E,F 
# 
_pdbx_struct_oper_list.id                   1 
_pdbx_struct_oper_list.type                 'identity operation' 
_pdbx_struct_oper_list.name                 1_555 
_pdbx_struct_oper_list.symmetry_operation   x,y,z 
_pdbx_struct_oper_list.matrix[1][1]         1.0000000000 
_pdbx_struct_oper_list.matrix[1][2]         0.0000000000 
_pdbx_struct_oper_list.matrix[1][3]         0.0000000000 
_pdbx_struct_oper_list.vector[1]            0.0000000000 
_pdbx_struct_oper_list.matrix[2][1]         0.0000000000 
_pdbx_struct_oper_list.matrix[2][2]         1.0000000000 
_pdbx_struct_oper_list.matrix[2][3]         0.0000000000 
_pdbx_struct_oper_list.vector[2]            0.0000000000 
_pdbx_struct_oper_list.matrix[3][1]         0.0000000000 
_pdbx_struct_oper_list.matrix[3][2]         0.0000000000 
_pdbx_struct_oper_list.matrix[3][3]         1.0000000000 
_pdbx_struct_oper_list.vector[3]            0.0000000000 
# 
_struct_biol.id   1 
# 
loop_
_struct_conf.conf_type_id 
_struct_conf.id 
_struct_conf.pdbx_PDB_helix_id 
_struct_conf.beg_label_comp_id 
_struct_conf.beg_label_asym_id 
_struct_conf.beg_label_seq_id 
_struct_conf.pdbx_beg_PDB_ins_code 
_struct_conf.end_label_comp_id 
_struct_conf.end_label_asym_id 
_struct_conf.end_label_seq_id 
_struct_conf.pdbx_end_PDB_ins_code 
_struct_conf.beg_auth_comp_id 
_struct_conf.beg_auth_asym_id 
_struct_conf.beg_auth_seq_id 
_struct_conf.end_auth_comp_id 
_struct_conf.end_auth_asym_id 
_struct_conf.end_auth_seq_id 
_struct_conf.pdbx_PDB_helix_class 
_struct_conf.details 
_struct_conf.pdbx_PDB_helix_length 
HELX_P HELX_P1 1 LEU A 46 ? ALA A 50 ? LEU A 46 ALA A 50 5 ? 5 
HELX_P HELX_P2 2 ALA A 54 ? VAL A 59 ? ALA A 54 VAL A 59 1 ? 6 
HELX_P HELX_P3 3 LYS A 60 ? GLU A 62 ? LYS A 60 GLU A 62 5 ? 3 
HELX_P HELX_P4 4 LEU B 46 ? ALA B 50 ? LEU B 46 ALA B 50 5 ? 5 
HELX_P HELX_P5 5 ALA B 54 ? VAL B 59 ? ALA B 54 VAL B 59 1 ? 6 
HELX_P HELX_P6 6 LYS B 60 ? GLU B 62 ? LYS B 60 GLU B 62 5 ? 3 
# 
_struct_conf_type.id          HELX_P 
_struct_conf_type.criteria    ? 
_struct_conf_type.reference   ? 
# 
loop_
_struct_conn.id 
_struct_conn.conn_type_id 
_struct_conn.pdbx_leaving_atom_flag 
_struct_conn.pdbx_PDB_id 
_struct_conn.ptnr1_label_asym_id 
_struct_conn.ptnr1_label_comp_id 
_struct_conn.ptnr1_label_seq_id 
_struct_conn.ptnr1_label_atom_id 
_struct_conn.pdbx_ptnr1_label_alt_id 
_struct_conn.pdbx_ptnr1_PDB_ins_code 
_struct_conn.pdbx_ptnr1_standard_comp_id 
_struct_conn.ptnr1_symmetry 
_struct_conn.ptnr2_label_asym_id 
_struct_conn.ptnr2_label_comp_id 
_struct_conn.ptnr2_label_seq_id 
_struct_conn.ptnr2_label_atom_id 
_struct_conn.pdbx_ptnr2_label_alt_id 
_struct_conn.pdbx_ptnr2_PDB_ins_code 
_struct_conn.ptnr1_auth_asym_id 
_struct_conn.ptnr1_auth_comp_id 
_struct_conn.ptnr1_auth_seq_id 
_struct_conn.ptnr2_auth_asym_id 
_struct_conn.ptnr2_auth_comp_id 
_struct_conn.ptnr2_auth_seq_id 
_struct_conn.ptnr2_symmetry 
_struct_conn.pdbx_ptnr3_label_atom_id 
_struct_conn.pdbx_ptnr3_label_seq_id 
_struct_conn.pdbx_ptnr3_label_comp_id 
_struct_conn.pdbx_ptnr3_label_asym_id 
_struct_conn.pdbx_ptnr3_label_alt_id 
_struct_conn.pdbx_ptnr3_PDB_ins_code 
_struct_conn.details 
_struct_conn.pdbx_dist_value 
_struct_conn.pdbx_value_order 
_struct_conn.pdbx_role 
covale1 covale both ? A PRO 43 C   ? ? ? 1_555 A MSE 44 N  ? ? A PRO 43 A MSE 44  1_555 ? ? ? ? ? ? ? 1.330 ? ? 
covale2 covale both ? A MSE 44 C   ? ? ? 1_555 A MSE 45 N  ? ? A MSE 44 A MSE 45  1_555 ? ? ? ? ? ? ? 1.329 ? ? 
covale3 covale both ? A MSE 45 C   ? ? ? 1_555 A LEU 46 N  ? ? A MSE 45 A LEU 46  1_555 ? ? ? ? ? ? ? 1.330 ? ? 
covale4 covale both ? B PRO 43 C   ? ? ? 1_555 B MSE 44 N  ? ? B PRO 43 B MSE 44  1_555 ? ? ? ? ? ? ? 1.326 ? ? 
covale5 covale both ? B MSE 44 C   ? ? ? 1_555 B MSE 45 N  ? ? B MSE 44 B MSE 45  1_555 ? ? ? ? ? ? ? 1.330 ? ? 
covale6 covale both ? B MSE 45 C   ? ? ? 1_555 B LEU 46 N  ? ? B MSE 45 B LEU 46  1_555 ? ? ? ? ? ? ? 1.324 ? ? 
metalc1 metalc ?    ? A CYS 11 SG  ? ? ? 1_555 C ZN  .  ZN ? ? A CYS 11 A ZN  102 1_555 ? ? ? ? ? ? ? 2.396 ? ? 
metalc2 metalc ?    ? A CYS 14 SG  ? ? ? 1_555 C ZN  .  ZN ? ? A CYS 14 A ZN  102 1_555 ? ? ? ? ? ? ? 2.392 ? ? 
metalc3 metalc ?    ? A CYS 29 SG  ? ? ? 1_555 C ZN  .  ZN ? ? A CYS 29 A ZN  102 1_555 ? ? ? ? ? ? ? 2.254 ? ? 
metalc4 metalc ?    ? A ASP 32 OD1 ? ? ? 1_555 C ZN  .  ZN ? ? A ASP 32 A ZN  102 1_555 ? ? ? ? ? ? ? 2.332 ? ? 
metalc5 metalc ?    ? B CYS 11 SG  ? ? ? 1_555 D ZN  .  ZN ? ? B CYS 11 B ZN  101 1_555 ? ? ? ? ? ? ? 2.334 ? ? 
metalc6 metalc ?    ? B CYS 14 SG  ? ? ? 1_555 D ZN  .  ZN ? ? B CYS 14 B ZN  101 1_555 ? ? ? ? ? ? ? 2.299 ? ? 
metalc7 metalc ?    ? B CYS 29 SG  ? ? ? 1_555 D ZN  .  ZN ? ? B CYS 29 B ZN  101 1_555 ? ? ? ? ? ? ? 2.342 ? ? 
metalc8 metalc ?    ? B ASP 32 OD2 ? ? ? 1_555 D ZN  .  ZN ? ? B ASP 32 B ZN  101 1_555 ? ? ? ? ? ? ? 2.113 ? ? 
# 
loop_
_struct_conn_type.id 
_struct_conn_type.criteria 
_struct_conn_type.reference 
covale ? ? 
metalc ? ? 
# 
loop_
_pdbx_struct_conn_angle.id 
_pdbx_struct_conn_angle.ptnr1_label_atom_id 
_pdbx_struct_conn_angle.ptnr1_label_alt_id 
_pdbx_struct_conn_angle.ptnr1_label_asym_id 
_pdbx_struct_conn_angle.ptnr1_label_comp_id 
_pdbx_struct_conn_angle.ptnr1_label_seq_id 
_pdbx_struct_conn_angle.ptnr1_auth_atom_id 
_pdbx_struct_conn_angle.ptnr1_auth_asym_id 
_pdbx_struct_conn_angle.ptnr1_auth_comp_id 
_pdbx_struct_conn_angle.ptnr1_auth_seq_id 
_pdbx_struct_conn_angle.ptnr1_PDB_ins_code 
_pdbx_struct_conn_angle.ptnr1_symmetry 
_pdbx_struct_conn_angle.ptnr2_label_atom_id 
_pdbx_struct_conn_angle.ptnr2_label_alt_id 
_pdbx_struct_conn_angle.ptnr2_label_asym_id 
_pdbx_struct_conn_angle.ptnr2_label_comp_id 
_pdbx_struct_conn_angle.ptnr2_label_seq_id 
_pdbx_struct_conn_angle.ptnr2_auth_atom_id 
_pdbx_struct_conn_angle.ptnr2_auth_asym_id 
_pdbx_struct_conn_angle.ptnr2_auth_comp_id 
_pdbx_struct_conn_angle.ptnr2_auth_seq_id 
_pdbx_struct_conn_angle.ptnr2_PDB_ins_code 
_pdbx_struct_conn_angle.ptnr2_symmetry 
_pdbx_struct_conn_angle.ptnr3_label_atom_id 
_pdbx_struct_conn_angle.ptnr3_label_alt_id 
_pdbx_struct_conn_angle.ptnr3_label_asym_id 
_pdbx_struct_conn_angle.ptnr3_label_comp_id 
_pdbx_struct_conn_angle.ptnr3_label_seq_id 
_pdbx_struct_conn_angle.ptnr3_auth_atom_id 
_pdbx_struct_conn_angle.ptnr3_auth_asym_id 
_pdbx_struct_conn_angle.ptnr3_auth_comp_id 
_pdbx_struct_conn_angle.ptnr3_auth_seq_id 
_pdbx_struct_conn_angle.ptnr3_PDB_ins_code 
_pdbx_struct_conn_angle.ptnr3_symmetry 
_pdbx_struct_conn_angle.value 
_pdbx_struct_conn_angle.value_esd 
1  SG ? A CYS 11 ? A CYS 11 ? 1_555 ZN ? C ZN . ? A ZN 102 ? 1_555 SG  ? A CYS 14 ? A CYS 14 ? 1_555 116.8 ? 
2  SG ? A CYS 11 ? A CYS 11 ? 1_555 ZN ? C ZN . ? A ZN 102 ? 1_555 SG  ? A CYS 29 ? A CYS 29 ? 1_555 112.3 ? 
3  SG ? A CYS 14 ? A CYS 14 ? 1_555 ZN ? C ZN . ? A ZN 102 ? 1_555 SG  ? A CYS 29 ? A CYS 29 ? 1_555 105.5 ? 
4  SG ? A CYS 11 ? A CYS 11 ? 1_555 ZN ? C ZN . ? A ZN 102 ? 1_555 OD1 ? A ASP 32 ? A ASP 32 ? 1_555 102.2 ? 
5  SG ? A CYS 14 ? A CYS 14 ? 1_555 ZN ? C ZN . ? A ZN 102 ? 1_555 OD1 ? A ASP 32 ? A ASP 32 ? 1_555 105.0 ? 
6  SG ? A CYS 29 ? A CYS 29 ? 1_555 ZN ? C ZN . ? A ZN 102 ? 1_555 OD1 ? A ASP 32 ? A ASP 32 ? 1_555 115.1 ? 
7  SG ? B CYS 11 ? B CYS 11 ? 1_555 ZN ? D ZN . ? B ZN 101 ? 1_555 SG  ? B CYS 14 ? B CYS 14 ? 1_555 112.0 ? 
8  SG ? B CYS 11 ? B CYS 11 ? 1_555 ZN ? D ZN . ? B ZN 101 ? 1_555 SG  ? B CYS 29 ? B CYS 29 ? 1_555 114.2 ? 
9  SG ? B CYS 14 ? B CYS 14 ? 1_555 ZN ? D ZN . ? B ZN 101 ? 1_555 SG  ? B CYS 29 ? B CYS 29 ? 1_555 103.2 ? 
10 SG ? B CYS 11 ? B CYS 11 ? 1_555 ZN ? D ZN . ? B ZN 101 ? 1_555 OD2 ? B ASP 32 ? B ASP 32 ? 1_555 94.9  ? 
11 SG ? B CYS 14 ? B CYS 14 ? 1_555 ZN ? D ZN . ? B ZN 101 ? 1_555 OD2 ? B ASP 32 ? B ASP 32 ? 1_555 114.6 ? 
12 SG ? B CYS 29 ? B CYS 29 ? 1_555 ZN ? D ZN . ? B ZN 101 ? 1_555 OD2 ? B ASP 32 ? B ASP 32 ? 1_555 118.3 ? 
# 
loop_
_pdbx_modification_feature.ordinal 
_pdbx_modification_feature.label_comp_id 
_pdbx_modification_feature.label_asym_id 
_pdbx_modification_feature.label_seq_id 
_pdbx_modification_feature.label_alt_id 
_pdbx_modification_feature.modified_residue_label_comp_id 
_pdbx_modification_feature.modified_residue_label_asym_id 
_pdbx_modification_feature.modified_residue_label_seq_id 
_pdbx_modification_feature.modified_residue_label_alt_id 
_pdbx_modification_feature.auth_comp_id 
_pdbx_modification_feature.auth_asym_id 
_pdbx_modification_feature.auth_seq_id 
_pdbx_modification_feature.PDB_ins_code 
_pdbx_modification_feature.symmetry 
_pdbx_modification_feature.modified_residue_auth_comp_id 
_pdbx_modification_feature.modified_residue_auth_asym_id 
_pdbx_modification_feature.modified_residue_auth_seq_id 
_pdbx_modification_feature.modified_residue_PDB_ins_code 
_pdbx_modification_feature.modified_residue_symmetry 
_pdbx_modification_feature.comp_id_linking_atom 
_pdbx_modification_feature.modified_residue_id_linking_atom 
_pdbx_modification_feature.modified_residue_id 
_pdbx_modification_feature.ref_pcm_id 
_pdbx_modification_feature.ref_comp_id 
_pdbx_modification_feature.type 
_pdbx_modification_feature.category 
1 MSE A 44 ? . . . . MSE A 44 ? 1_555 . . . . . . . MET 1 MSE Selenomethionine 'Named protein modification' 
2 MSE A 45 ? . . . . MSE A 45 ? 1_555 . . . . . . . MET 1 MSE Selenomethionine 'Named protein modification' 
3 MSE B 44 ? . . . . MSE B 44 ? 1_555 . . . . . . . MET 1 MSE Selenomethionine 'Named protein modification' 
4 MSE B 45 ? . . . . MSE B 45 ? 1_555 . . . . . . . MET 1 MSE Selenomethionine 'Named protein modification' 
# 
loop_
_struct_sheet.id 
_struct_sheet.type 
_struct_sheet.number_strands 
_struct_sheet.details 
A ? 5 ? 
B ? 5 ? 
C ? 3 ? 
D ? 5 ? 
# 
loop_
_struct_sheet_order.sheet_id 
_struct_sheet_order.range_id_1 
_struct_sheet_order.range_id_2 
_struct_sheet_order.offset 
_struct_sheet_order.sense 
A 1 2 ? anti-parallel 
A 2 3 ? anti-parallel 
A 3 4 ? anti-parallel 
A 4 5 ? anti-parallel 
B 1 2 ? anti-parallel 
B 2 3 ? anti-parallel 
B 3 4 ? anti-parallel 
B 4 5 ? anti-parallel 
C 1 2 ? anti-parallel 
C 2 3 ? anti-parallel 
D 1 2 ? anti-parallel 
D 2 3 ? anti-parallel 
D 3 4 ? anti-parallel 
D 4 5 ? anti-parallel 
# 
loop_
_struct_sheet_range.sheet_id 
_struct_sheet_range.id 
_struct_sheet_range.beg_label_comp_id 
_struct_sheet_range.beg_label_asym_id 
_struct_sheet_range.beg_label_seq_id 
_struct_sheet_range.pdbx_beg_PDB_ins_code 
_struct_sheet_range.end_label_comp_id 
_struct_sheet_range.end_label_asym_id 
_struct_sheet_range.end_label_seq_id 
_struct_sheet_range.pdbx_end_PDB_ins_code 
_struct_sheet_range.beg_auth_comp_id 
_struct_sheet_range.beg_auth_asym_id 
_struct_sheet_range.beg_auth_seq_id 
_struct_sheet_range.end_auth_comp_id 
_struct_sheet_range.end_auth_asym_id 
_struct_sheet_range.end_auth_seq_id 
A 1 LEU A 6  ? ILE A 8  ? LEU A 6  ILE A 8  
A 2 VAL B 19 ? ASP B 21 ? VAL B 19 ASP B 21 
A 3 GLU B 26 ? CYS B 29 ? GLU B 26 CYS B 29 
A 4 LEU B 34 ? LYS B 39 ? LEU B 34 LYS B 39 
A 5 ILE B 42 ? PRO B 43 ? ILE B 42 PRO B 43 
B 1 LEU A 6  ? ILE A 8  ? LEU A 6  ILE A 8  
B 2 VAL B 19 ? ASP B 21 ? VAL B 19 ASP B 21 
B 3 GLU B 26 ? CYS B 29 ? GLU B 26 CYS B 29 
B 4 LEU B 34 ? LYS B 39 ? LEU B 34 LYS B 39 
B 5 ARG B 51 ? GLU B 52 ? ARG B 51 GLU B 52 
C 1 ILE A 42 ? PRO A 43 ? ILE A 42 PRO A 43 
C 2 LEU A 34 ? LYS A 39 ? LEU A 34 LYS A 39 
C 3 ARG A 51 ? GLU A 52 ? ARG A 51 GLU A 52 
D 1 ILE A 42 ? PRO A 43 ? ILE A 42 PRO A 43 
D 2 LEU A 34 ? LYS A 39 ? LEU A 34 LYS A 39 
D 3 GLU A 26 ? CYS A 29 ? GLU A 26 CYS A 29 
D 4 VAL A 19 ? ASP A 21 ? VAL A 19 ASP A 21 
D 5 LEU B 6  ? ILE B 8  ? LEU B 6  ILE B 8  
# 
loop_
_pdbx_struct_sheet_hbond.sheet_id 
_pdbx_struct_sheet_hbond.range_id_1 
_pdbx_struct_sheet_hbond.range_id_2 
_pdbx_struct_sheet_hbond.range_1_label_atom_id 
_pdbx_struct_sheet_hbond.range_1_label_comp_id 
_pdbx_struct_sheet_hbond.range_1_label_asym_id 
_pdbx_struct_sheet_hbond.range_1_label_seq_id 
_pdbx_struct_sheet_hbond.range_1_PDB_ins_code 
_pdbx_struct_sheet_hbond.range_1_auth_atom_id 
_pdbx_struct_sheet_hbond.range_1_auth_comp_id 
_pdbx_struct_sheet_hbond.range_1_auth_asym_id 
_pdbx_struct_sheet_hbond.range_1_auth_seq_id 
_pdbx_struct_sheet_hbond.range_2_label_atom_id 
_pdbx_struct_sheet_hbond.range_2_label_comp_id 
_pdbx_struct_sheet_hbond.range_2_label_asym_id 
_pdbx_struct_sheet_hbond.range_2_label_seq_id 
_pdbx_struct_sheet_hbond.range_2_PDB_ins_code 
_pdbx_struct_sheet_hbond.range_2_auth_atom_id 
_pdbx_struct_sheet_hbond.range_2_auth_comp_id 
_pdbx_struct_sheet_hbond.range_2_auth_asym_id 
_pdbx_struct_sheet_hbond.range_2_auth_seq_id 
A 1 2 N GLU A 7  ? N GLU A 7  O PHE B 20 ? O PHE B 20 
A 2 3 N ASP B 21 ? N ASP B 21 O GLU B 26 ? O GLU B 26 
A 3 4 N LEU B 27 ? N LEU B 27 O PHE B 36 ? O PHE B 36 
A 4 5 N LYS B 39 ? N LYS B 39 O ILE B 42 ? O ILE B 42 
B 1 2 N GLU A 7  ? N GLU A 7  O PHE B 20 ? O PHE B 20 
B 2 3 N ASP B 21 ? N ASP B 21 O GLU B 26 ? O GLU B 26 
B 3 4 N LEU B 27 ? N LEU B 27 O PHE B 36 ? O PHE B 36 
B 4 5 N ALA B 35 ? N ALA B 35 O ARG B 51 ? O ARG B 51 
C 1 2 O ILE A 42 ? O ILE A 42 N LYS A 39 ? N LYS A 39 
C 2 3 N ALA A 35 ? N ALA A 35 O ARG A 51 ? O ARG A 51 
D 1 2 O ILE A 42 ? O ILE A 42 N LYS A 39 ? N LYS A 39 
D 2 3 O PHE A 36 ? O PHE A 36 N LEU A 27 ? N LEU A 27 
D 3 4 O ILE A 28 ? O ILE A 28 N VAL A 19 ? N VAL A 19 
D 4 5 N PHE A 20 ? N PHE A 20 O GLU B 7  ? O GLU B 7  
# 
loop_
_struct_site.id 
_struct_site.pdbx_evidence_code 
_struct_site.pdbx_auth_asym_id 
_struct_site.pdbx_auth_comp_id 
_struct_site.pdbx_auth_seq_id 
_struct_site.pdbx_auth_ins_code 
_struct_site.pdbx_num_residues 
_struct_site.details 
AC1 Software B ZN 101 ? 4 'BINDING SITE FOR RESIDUE ZN B 101' 
AC2 Software A ZN 102 ? 4 'BINDING SITE FOR RESIDUE ZN A 102' 
# 
loop_
_struct_site_gen.id 
_struct_site_gen.site_id 
_struct_site_gen.pdbx_num_res 
_struct_site_gen.label_comp_id 
_struct_site_gen.label_asym_id 
_struct_site_gen.label_seq_id 
_struct_site_gen.pdbx_auth_ins_code 
_struct_site_gen.auth_comp_id 
_struct_site_gen.auth_asym_id 
_struct_site_gen.auth_seq_id 
_struct_site_gen.label_atom_id 
_struct_site_gen.label_alt_id 
_struct_site_gen.symmetry 
_struct_site_gen.details 
1 AC1 4 CYS B 11 ? CYS B 11 . ? 1_555 ? 
2 AC1 4 CYS B 14 ? CYS B 14 . ? 1_555 ? 
3 AC1 4 CYS B 29 ? CYS B 29 . ? 1_555 ? 
4 AC1 4 ASP B 32 ? ASP B 32 . ? 1_555 ? 
5 AC2 4 CYS A 11 ? CYS A 11 . ? 1_555 ? 
6 AC2 4 CYS A 14 ? CYS A 14 . ? 1_555 ? 
7 AC2 4 CYS A 29 ? CYS A 29 . ? 1_555 ? 
8 AC2 4 ASP A 32 ? ASP A 32 . ? 1_555 ? 
# 
_pdbx_entry_details.entry_id                   2HF1 
_pdbx_entry_details.compound_details           ? 
_pdbx_entry_details.source_details             ? 
_pdbx_entry_details.nonpolymer_details         ? 
_pdbx_entry_details.sequence_details           ? 
_pdbx_entry_details.has_ligand_of_interest     ? 
_pdbx_entry_details.has_protein_modification   Y 
# 
_pdbx_validate_torsion.id              1 
_pdbx_validate_torsion.PDB_model_num   1 
_pdbx_validate_torsion.auth_comp_id    LEU 
_pdbx_validate_torsion.auth_asym_id    A 
_pdbx_validate_torsion.auth_seq_id     13 
_pdbx_validate_torsion.PDB_ins_code    ? 
_pdbx_validate_torsion.label_alt_id    ? 
_pdbx_validate_torsion.phi             -99.73 
_pdbx_validate_torsion.psi             -68.20 
# 
_pdbx_SG_project.id                    1 
_pdbx_SG_project.project_name          'PSI, Protein Structure Initiative' 
_pdbx_SG_project.full_name_of_center   'Northeast Structural Genomics Consortium' 
_pdbx_SG_project.initial_of_center     NESG 
# 
loop_
_pdbx_struct_mod_residue.id 
_pdbx_struct_mod_residue.label_asym_id 
_pdbx_struct_mod_residue.label_comp_id 
_pdbx_struct_mod_residue.label_seq_id 
_pdbx_struct_mod_residue.auth_asym_id 
_pdbx_struct_mod_residue.auth_comp_id 
_pdbx_struct_mod_residue.auth_seq_id 
_pdbx_struct_mod_residue.PDB_ins_code 
_pdbx_struct_mod_residue.parent_comp_id 
_pdbx_struct_mod_residue.details 
1 A MSE 44 A MSE 44 ? MET SELENOMETHIONINE 
2 A MSE 45 A MSE 45 ? MET SELENOMETHIONINE 
3 B MSE 44 B MSE 44 ? MET SELENOMETHIONINE 
4 B MSE 45 B MSE 45 ? MET SELENOMETHIONINE 
# 
loop_
_pdbx_unobs_or_zero_occ_residues.id 
_pdbx_unobs_or_zero_occ_residues.PDB_model_num 
_pdbx_unobs_or_zero_occ_residues.polymer_flag 
_pdbx_unobs_or_zero_occ_residues.occupancy_flag 
_pdbx_unobs_or_zero_occ_residues.auth_asym_id 
_pdbx_unobs_or_zero_occ_residues.auth_comp_id 
_pdbx_unobs_or_zero_occ_residues.auth_seq_id 
_pdbx_unobs_or_zero_occ_residues.PDB_ins_code 
_pdbx_unobs_or_zero_occ_residues.label_asym_id 
_pdbx_unobs_or_zero_occ_residues.label_comp_id 
_pdbx_unobs_or_zero_occ_residues.label_seq_id 
1  1 Y 1 A MSE 1  ? A MSE 1  
2  1 Y 1 A HIS 63 ? A HIS 63 
3  1 Y 1 A HIS 64 ? A HIS 64 
4  1 Y 1 A HIS 65 ? A HIS 65 
5  1 Y 1 A HIS 66 ? A HIS 66 
6  1 Y 1 A HIS 67 ? A HIS 67 
7  1 Y 1 A HIS 68 ? A HIS 68 
8  1 Y 1 B MSE 1  ? B MSE 1  
9  1 Y 1 B ASP 2  ? B ASP 2  
10 1 Y 1 B ALA 3  ? B ALA 3  
11 1 Y 1 B HIS 63 ? B HIS 63 
12 1 Y 1 B HIS 64 ? B HIS 64 
13 1 Y 1 B HIS 65 ? B HIS 65 
14 1 Y 1 B HIS 66 ? B HIS 66 
15 1 Y 1 B HIS 67 ? B HIS 67 
16 1 Y 1 B HIS 68 ? B HIS 68 
# 
loop_
_chem_comp_atom.comp_id 
_chem_comp_atom.atom_id 
_chem_comp_atom.type_symbol 
_chem_comp_atom.pdbx_aromatic_flag 
_chem_comp_atom.pdbx_stereo_config 
_chem_comp_atom.pdbx_ordinal 
ALA N    N  N N 1   
ALA CA   C  N S 2   
ALA C    C  N N 3   
ALA O    O  N N 4   
ALA CB   C  N N 5   
ALA OXT  O  N N 6   
ALA H    H  N N 7   
ALA H2   H  N N 8   
ALA HA   H  N N 9   
ALA HB1  H  N N 10  
ALA HB2  H  N N 11  
ALA HB3  H  N N 12  
ALA HXT  H  N N 13  
ARG N    N  N N 14  
ARG CA   C  N S 15  
ARG C    C  N N 16  
ARG O    O  N N 17  
ARG CB   C  N N 18  
ARG CG   C  N N 19  
ARG CD   C  N N 20  
ARG NE   N  N N 21  
ARG CZ   C  N N 22  
ARG NH1  N  N N 23  
ARG NH2  N  N N 24  
ARG OXT  O  N N 25  
ARG H    H  N N 26  
ARG H2   H  N N 27  
ARG HA   H  N N 28  
ARG HB2  H  N N 29  
ARG HB3  H  N N 30  
ARG HG2  H  N N 31  
ARG HG3  H  N N 32  
ARG HD2  H  N N 33  
ARG HD3  H  N N 34  
ARG HE   H  N N 35  
ARG HH11 H  N N 36  
ARG HH12 H  N N 37  
ARG HH21 H  N N 38  
ARG HH22 H  N N 39  
ARG HXT  H  N N 40  
ASP N    N  N N 41  
ASP CA   C  N S 42  
ASP C    C  N N 43  
ASP O    O  N N 44  
ASP CB   C  N N 45  
ASP CG   C  N N 46  
ASP OD1  O  N N 47  
ASP OD2  O  N N 48  
ASP OXT  O  N N 49  
ASP H    H  N N 50  
ASP H2   H  N N 51  
ASP HA   H  N N 52  
ASP HB2  H  N N 53  
ASP HB3  H  N N 54  
ASP HD2  H  N N 55  
ASP HXT  H  N N 56  
CYS N    N  N N 57  
CYS CA   C  N R 58  
CYS C    C  N N 59  
CYS O    O  N N 60  
CYS CB   C  N N 61  
CYS SG   S  N N 62  
CYS OXT  O  N N 63  
CYS H    H  N N 64  
CYS H2   H  N N 65  
CYS HA   H  N N 66  
CYS HB2  H  N N 67  
CYS HB3  H  N N 68  
CYS HG   H  N N 69  
CYS HXT  H  N N 70  
GLU N    N  N N 71  
GLU CA   C  N S 72  
GLU C    C  N N 73  
GLU O    O  N N 74  
GLU CB   C  N N 75  
GLU CG   C  N N 76  
GLU CD   C  N N 77  
GLU OE1  O  N N 78  
GLU OE2  O  N N 79  
GLU OXT  O  N N 80  
GLU H    H  N N 81  
GLU H2   H  N N 82  
GLU HA   H  N N 83  
GLU HB2  H  N N 84  
GLU HB3  H  N N 85  
GLU HG2  H  N N 86  
GLU HG3  H  N N 87  
GLU HE2  H  N N 88  
GLU HXT  H  N N 89  
GLY N    N  N N 90  
GLY CA   C  N N 91  
GLY C    C  N N 92  
GLY O    O  N N 93  
GLY OXT  O  N N 94  
GLY H    H  N N 95  
GLY H2   H  N N 96  
GLY HA2  H  N N 97  
GLY HA3  H  N N 98  
GLY HXT  H  N N 99  
HIS N    N  N N 100 
HIS CA   C  N S 101 
HIS C    C  N N 102 
HIS O    O  N N 103 
HIS CB   C  N N 104 
HIS CG   C  Y N 105 
HIS ND1  N  Y N 106 
HIS CD2  C  Y N 107 
HIS CE1  C  Y N 108 
HIS NE2  N  Y N 109 
HIS OXT  O  N N 110 
HIS H    H  N N 111 
HIS H2   H  N N 112 
HIS HA   H  N N 113 
HIS HB2  H  N N 114 
HIS HB3  H  N N 115 
HIS HD1  H  N N 116 
HIS HD2  H  N N 117 
HIS HE1  H  N N 118 
HIS HE2  H  N N 119 
HIS HXT  H  N N 120 
HOH O    O  N N 121 
HOH H1   H  N N 122 
HOH H2   H  N N 123 
ILE N    N  N N 124 
ILE CA   C  N S 125 
ILE C    C  N N 126 
ILE O    O  N N 127 
ILE CB   C  N S 128 
ILE CG1  C  N N 129 
ILE CG2  C  N N 130 
ILE CD1  C  N N 131 
ILE OXT  O  N N 132 
ILE H    H  N N 133 
ILE H2   H  N N 134 
ILE HA   H  N N 135 
ILE HB   H  N N 136 
ILE HG12 H  N N 137 
ILE HG13 H  N N 138 
ILE HG21 H  N N 139 
ILE HG22 H  N N 140 
ILE HG23 H  N N 141 
ILE HD11 H  N N 142 
ILE HD12 H  N N 143 
ILE HD13 H  N N 144 
ILE HXT  H  N N 145 
LEU N    N  N N 146 
LEU CA   C  N S 147 
LEU C    C  N N 148 
LEU O    O  N N 149 
LEU CB   C  N N 150 
LEU CG   C  N N 151 
LEU CD1  C  N N 152 
LEU CD2  C  N N 153 
LEU OXT  O  N N 154 
LEU H    H  N N 155 
LEU H2   H  N N 156 
LEU HA   H  N N 157 
LEU HB2  H  N N 158 
LEU HB3  H  N N 159 
LEU HG   H  N N 160 
LEU HD11 H  N N 161 
LEU HD12 H  N N 162 
LEU HD13 H  N N 163 
LEU HD21 H  N N 164 
LEU HD22 H  N N 165 
LEU HD23 H  N N 166 
LEU HXT  H  N N 167 
LYS N    N  N N 168 
LYS CA   C  N S 169 
LYS C    C  N N 170 
LYS O    O  N N 171 
LYS CB   C  N N 172 
LYS CG   C  N N 173 
LYS CD   C  N N 174 
LYS CE   C  N N 175 
LYS NZ   N  N N 176 
LYS OXT  O  N N 177 
LYS H    H  N N 178 
LYS H2   H  N N 179 
LYS HA   H  N N 180 
LYS HB2  H  N N 181 
LYS HB3  H  N N 182 
LYS HG2  H  N N 183 
LYS HG3  H  N N 184 
LYS HD2  H  N N 185 
LYS HD3  H  N N 186 
LYS HE2  H  N N 187 
LYS HE3  H  N N 188 
LYS HZ1  H  N N 189 
LYS HZ2  H  N N 190 
LYS HZ3  H  N N 191 
LYS HXT  H  N N 192 
MET N    N  N N 193 
MET CA   C  N S 194 
MET C    C  N N 195 
MET O    O  N N 196 
MET CB   C  N N 197 
MET CG   C  N N 198 
MET SD   S  N N 199 
MET CE   C  N N 200 
MET OXT  O  N N 201 
MET H    H  N N 202 
MET H2   H  N N 203 
MET HA   H  N N 204 
MET HB2  H  N N 205 
MET HB3  H  N N 206 
MET HG2  H  N N 207 
MET HG3  H  N N 208 
MET HE1  H  N N 209 
MET HE2  H  N N 210 
MET HE3  H  N N 211 
MET HXT  H  N N 212 
MSE N    N  N N 213 
MSE CA   C  N S 214 
MSE C    C  N N 215 
MSE O    O  N N 216 
MSE OXT  O  N N 217 
MSE CB   C  N N 218 
MSE CG   C  N N 219 
MSE SE   SE N N 220 
MSE CE   C  N N 221 
MSE H    H  N N 222 
MSE H2   H  N N 223 
MSE HA   H  N N 224 
MSE HXT  H  N N 225 
MSE HB2  H  N N 226 
MSE HB3  H  N N 227 
MSE HG2  H  N N 228 
MSE HG3  H  N N 229 
MSE HE1  H  N N 230 
MSE HE2  H  N N 231 
MSE HE3  H  N N 232 
PHE N    N  N N 233 
PHE CA   C  N S 234 
PHE C    C  N N 235 
PHE O    O  N N 236 
PHE CB   C  N N 237 
PHE CG   C  Y N 238 
PHE CD1  C  Y N 239 
PHE CD2  C  Y N 240 
PHE CE1  C  Y N 241 
PHE CE2  C  Y N 242 
PHE CZ   C  Y N 243 
PHE OXT  O  N N 244 
PHE H    H  N N 245 
PHE H2   H  N N 246 
PHE HA   H  N N 247 
PHE HB2  H  N N 248 
PHE HB3  H  N N 249 
PHE HD1  H  N N 250 
PHE HD2  H  N N 251 
PHE HE1  H  N N 252 
PHE HE2  H  N N 253 
PHE HZ   H  N N 254 
PHE HXT  H  N N 255 
PRO N    N  N N 256 
PRO CA   C  N S 257 
PRO C    C  N N 258 
PRO O    O  N N 259 
PRO CB   C  N N 260 
PRO CG   C  N N 261 
PRO CD   C  N N 262 
PRO OXT  O  N N 263 
PRO H    H  N N 264 
PRO HA   H  N N 265 
PRO HB2  H  N N 266 
PRO HB3  H  N N 267 
PRO HG2  H  N N 268 
PRO HG3  H  N N 269 
PRO HD2  H  N N 270 
PRO HD3  H  N N 271 
PRO HXT  H  N N 272 
SER N    N  N N 273 
SER CA   C  N S 274 
SER C    C  N N 275 
SER O    O  N N 276 
SER CB   C  N N 277 
SER OG   O  N N 278 
SER OXT  O  N N 279 
SER H    H  N N 280 
SER H2   H  N N 281 
SER HA   H  N N 282 
SER HB2  H  N N 283 
SER HB3  H  N N 284 
SER HG   H  N N 285 
SER HXT  H  N N 286 
VAL N    N  N N 287 
VAL CA   C  N S 288 
VAL C    C  N N 289 
VAL O    O  N N 290 
VAL CB   C  N N 291 
VAL CG1  C  N N 292 
VAL CG2  C  N N 293 
VAL OXT  O  N N 294 
VAL H    H  N N 295 
VAL H2   H  N N 296 
VAL HA   H  N N 297 
VAL HB   H  N N 298 
VAL HG11 H  N N 299 
VAL HG12 H  N N 300 
VAL HG13 H  N N 301 
VAL HG21 H  N N 302 
VAL HG22 H  N N 303 
VAL HG23 H  N N 304 
VAL HXT  H  N N 305 
ZN  ZN   ZN N N 306 
# 
loop_
_chem_comp_bond.comp_id 
_chem_comp_bond.atom_id_1 
_chem_comp_bond.atom_id_2 
_chem_comp_bond.value_order 
_chem_comp_bond.pdbx_aromatic_flag 
_chem_comp_bond.pdbx_stereo_config 
_chem_comp_bond.pdbx_ordinal 
ALA N   CA   sing N N 1   
ALA N   H    sing N N 2   
ALA N   H2   sing N N 3   
ALA CA  C    sing N N 4   
ALA CA  CB   sing N N 5   
ALA CA  HA   sing N N 6   
ALA C   O    doub N N 7   
ALA C   OXT  sing N N 8   
ALA CB  HB1  sing N N 9   
ALA CB  HB2  sing N N 10  
ALA CB  HB3  sing N N 11  
ALA OXT HXT  sing N N 12  
ARG N   CA   sing N N 13  
ARG N   H    sing N N 14  
ARG N   H2   sing N N 15  
ARG CA  C    sing N N 16  
ARG CA  CB   sing N N 17  
ARG CA  HA   sing N N 18  
ARG C   O    doub N N 19  
ARG C   OXT  sing N N 20  
ARG CB  CG   sing N N 21  
ARG CB  HB2  sing N N 22  
ARG CB  HB3  sing N N 23  
ARG CG  CD   sing N N 24  
ARG CG  HG2  sing N N 25  
ARG CG  HG3  sing N N 26  
ARG CD  NE   sing N N 27  
ARG CD  HD2  sing N N 28  
ARG CD  HD3  sing N N 29  
ARG NE  CZ   sing N N 30  
ARG NE  HE   sing N N 31  
ARG CZ  NH1  sing N N 32  
ARG CZ  NH2  doub N N 33  
ARG NH1 HH11 sing N N 34  
ARG NH1 HH12 sing N N 35  
ARG NH2 HH21 sing N N 36  
ARG NH2 HH22 sing N N 37  
ARG OXT HXT  sing N N 38  
ASP N   CA   sing N N 39  
ASP N   H    sing N N 40  
ASP N   H2   sing N N 41  
ASP CA  C    sing N N 42  
ASP CA  CB   sing N N 43  
ASP CA  HA   sing N N 44  
ASP C   O    doub N N 45  
ASP C   OXT  sing N N 46  
ASP CB  CG   sing N N 47  
ASP CB  HB2  sing N N 48  
ASP CB  HB3  sing N N 49  
ASP CG  OD1  doub N N 50  
ASP CG  OD2  sing N N 51  
ASP OD2 HD2  sing N N 52  
ASP OXT HXT  sing N N 53  
CYS N   CA   sing N N 54  
CYS N   H    sing N N 55  
CYS N   H2   sing N N 56  
CYS CA  C    sing N N 57  
CYS CA  CB   sing N N 58  
CYS CA  HA   sing N N 59  
CYS C   O    doub N N 60  
CYS C   OXT  sing N N 61  
CYS CB  SG   sing N N 62  
CYS CB  HB2  sing N N 63  
CYS CB  HB3  sing N N 64  
CYS SG  HG   sing N N 65  
CYS OXT HXT  sing N N 66  
GLU N   CA   sing N N 67  
GLU N   H    sing N N 68  
GLU N   H2   sing N N 69  
GLU CA  C    sing N N 70  
GLU CA  CB   sing N N 71  
GLU CA  HA   sing N N 72  
GLU C   O    doub N N 73  
GLU C   OXT  sing N N 74  
GLU CB  CG   sing N N 75  
GLU CB  HB2  sing N N 76  
GLU CB  HB3  sing N N 77  
GLU CG  CD   sing N N 78  
GLU CG  HG2  sing N N 79  
GLU CG  HG3  sing N N 80  
GLU CD  OE1  doub N N 81  
GLU CD  OE2  sing N N 82  
GLU OE2 HE2  sing N N 83  
GLU OXT HXT  sing N N 84  
GLY N   CA   sing N N 85  
GLY N   H    sing N N 86  
GLY N   H2   sing N N 87  
GLY CA  C    sing N N 88  
GLY CA  HA2  sing N N 89  
GLY CA  HA3  sing N N 90  
GLY C   O    doub N N 91  
GLY C   OXT  sing N N 92  
GLY OXT HXT  sing N N 93  
HIS N   CA   sing N N 94  
HIS N   H    sing N N 95  
HIS N   H2   sing N N 96  
HIS CA  C    sing N N 97  
HIS CA  CB   sing N N 98  
HIS CA  HA   sing N N 99  
HIS C   O    doub N N 100 
HIS C   OXT  sing N N 101 
HIS CB  CG   sing N N 102 
HIS CB  HB2  sing N N 103 
HIS CB  HB3  sing N N 104 
HIS CG  ND1  sing Y N 105 
HIS CG  CD2  doub Y N 106 
HIS ND1 CE1  doub Y N 107 
HIS ND1 HD1  sing N N 108 
HIS CD2 NE2  sing Y N 109 
HIS CD2 HD2  sing N N 110 
HIS CE1 NE2  sing Y N 111 
HIS CE1 HE1  sing N N 112 
HIS NE2 HE2  sing N N 113 
HIS OXT HXT  sing N N 114 
HOH O   H1   sing N N 115 
HOH O   H2   sing N N 116 
ILE N   CA   sing N N 117 
ILE N   H    sing N N 118 
ILE N   H2   sing N N 119 
ILE CA  C    sing N N 120 
ILE CA  CB   sing N N 121 
ILE CA  HA   sing N N 122 
ILE C   O    doub N N 123 
ILE C   OXT  sing N N 124 
ILE CB  CG1  sing N N 125 
ILE CB  CG2  sing N N 126 
ILE CB  HB   sing N N 127 
ILE CG1 CD1  sing N N 128 
ILE CG1 HG12 sing N N 129 
ILE CG1 HG13 sing N N 130 
ILE CG2 HG21 sing N N 131 
ILE CG2 HG22 sing N N 132 
ILE CG2 HG23 sing N N 133 
ILE CD1 HD11 sing N N 134 
ILE CD1 HD12 sing N N 135 
ILE CD1 HD13 sing N N 136 
ILE OXT HXT  sing N N 137 
LEU N   CA   sing N N 138 
LEU N   H    sing N N 139 
LEU N   H2   sing N N 140 
LEU CA  C    sing N N 141 
LEU CA  CB   sing N N 142 
LEU CA  HA   sing N N 143 
LEU C   O    doub N N 144 
LEU C   OXT  sing N N 145 
LEU CB  CG   sing N N 146 
LEU CB  HB2  sing N N 147 
LEU CB  HB3  sing N N 148 
LEU CG  CD1  sing N N 149 
LEU CG  CD2  sing N N 150 
LEU CG  HG   sing N N 151 
LEU CD1 HD11 sing N N 152 
LEU CD1 HD12 sing N N 153 
LEU CD1 HD13 sing N N 154 
LEU CD2 HD21 sing N N 155 
LEU CD2 HD22 sing N N 156 
LEU CD2 HD23 sing N N 157 
LEU OXT HXT  sing N N 158 
LYS N   CA   sing N N 159 
LYS N   H    sing N N 160 
LYS N   H2   sing N N 161 
LYS CA  C    sing N N 162 
LYS CA  CB   sing N N 163 
LYS CA  HA   sing N N 164 
LYS C   O    doub N N 165 
LYS C   OXT  sing N N 166 
LYS CB  CG   sing N N 167 
LYS CB  HB2  sing N N 168 
LYS CB  HB3  sing N N 169 
LYS CG  CD   sing N N 170 
LYS CG  HG2  sing N N 171 
LYS CG  HG3  sing N N 172 
LYS CD  CE   sing N N 173 
LYS CD  HD2  sing N N 174 
LYS CD  HD3  sing N N 175 
LYS CE  NZ   sing N N 176 
LYS CE  HE2  sing N N 177 
LYS CE  HE3  sing N N 178 
LYS NZ  HZ1  sing N N 179 
LYS NZ  HZ2  sing N N 180 
LYS NZ  HZ3  sing N N 181 
LYS OXT HXT  sing N N 182 
MET N   CA   sing N N 183 
MET N   H    sing N N 184 
MET N   H2   sing N N 185 
MET CA  C    sing N N 186 
MET CA  CB   sing N N 187 
MET CA  HA   sing N N 188 
MET C   O    doub N N 189 
MET C   OXT  sing N N 190 
MET CB  CG   sing N N 191 
MET CB  HB2  sing N N 192 
MET CB  HB3  sing N N 193 
MET CG  SD   sing N N 194 
MET CG  HG2  sing N N 195 
MET CG  HG3  sing N N 196 
MET SD  CE   sing N N 197 
MET CE  HE1  sing N N 198 
MET CE  HE2  sing N N 199 
MET CE  HE3  sing N N 200 
MET OXT HXT  sing N N 201 
MSE N   CA   sing N N 202 
MSE N   H    sing N N 203 
MSE N   H2   sing N N 204 
MSE CA  C    sing N N 205 
MSE CA  CB   sing N N 206 
MSE CA  HA   sing N N 207 
MSE C   O    doub N N 208 
MSE C   OXT  sing N N 209 
MSE OXT HXT  sing N N 210 
MSE CB  CG   sing N N 211 
MSE CB  HB2  sing N N 212 
MSE CB  HB3  sing N N 213 
MSE CG  SE   sing N N 214 
MSE CG  HG2  sing N N 215 
MSE CG  HG3  sing N N 216 
MSE SE  CE   sing N N 217 
MSE CE  HE1  sing N N 218 
MSE CE  HE2  sing N N 219 
MSE CE  HE3  sing N N 220 
PHE N   CA   sing N N 221 
PHE N   H    sing N N 222 
PHE N   H2   sing N N 223 
PHE CA  C    sing N N 224 
PHE CA  CB   sing N N 225 
PHE CA  HA   sing N N 226 
PHE C   O    doub N N 227 
PHE C   OXT  sing N N 228 
PHE CB  CG   sing N N 229 
PHE CB  HB2  sing N N 230 
PHE CB  HB3  sing N N 231 
PHE CG  CD1  doub Y N 232 
PHE CG  CD2  sing Y N 233 
PHE CD1 CE1  sing Y N 234 
PHE CD1 HD1  sing N N 235 
PHE CD2 CE2  doub Y N 236 
PHE CD2 HD2  sing N N 237 
PHE CE1 CZ   doub Y N 238 
PHE CE1 HE1  sing N N 239 
PHE CE2 CZ   sing Y N 240 
PHE CE2 HE2  sing N N 241 
PHE CZ  HZ   sing N N 242 
PHE OXT HXT  sing N N 243 
PRO N   CA   sing N N 244 
PRO N   CD   sing N N 245 
PRO N   H    sing N N 246 
PRO CA  C    sing N N 247 
PRO CA  CB   sing N N 248 
PRO CA  HA   sing N N 249 
PRO C   O    doub N N 250 
PRO C   OXT  sing N N 251 
PRO CB  CG   sing N N 252 
PRO CB  HB2  sing N N 253 
PRO CB  HB3  sing N N 254 
PRO CG  CD   sing N N 255 
PRO CG  HG2  sing N N 256 
PRO CG  HG3  sing N N 257 
PRO CD  HD2  sing N N 258 
PRO CD  HD3  sing N N 259 
PRO OXT HXT  sing N N 260 
SER N   CA   sing N N 261 
SER N   H    sing N N 262 
SER N   H2   sing N N 263 
SER CA  C    sing N N 264 
SER CA  CB   sing N N 265 
SER CA  HA   sing N N 266 
SER C   O    doub N N 267 
SER C   OXT  sing N N 268 
SER CB  OG   sing N N 269 
SER CB  HB2  sing N N 270 
SER CB  HB3  sing N N 271 
SER OG  HG   sing N N 272 
SER OXT HXT  sing N N 273 
VAL N   CA   sing N N 274 
VAL N   H    sing N N 275 
VAL N   H2   sing N N 276 
VAL CA  C    sing N N 277 
VAL CA  CB   sing N N 278 
VAL CA  HA   sing N N 279 
VAL C   O    doub N N 280 
VAL C   OXT  sing N N 281 
VAL CB  CG1  sing N N 282 
VAL CB  CG2  sing N N 283 
VAL CB  HB   sing N N 284 
VAL CG1 HG11 sing N N 285 
VAL CG1 HG12 sing N N 286 
VAL CG1 HG13 sing N N 287 
VAL CG2 HG21 sing N N 288 
VAL CG2 HG22 sing N N 289 
VAL CG2 HG23 sing N N 290 
VAL OXT HXT  sing N N 291 
# 
_atom_sites.entry_id                    2HF1 
_atom_sites.fract_transf_matrix[1][1]   -0.01116309 
_atom_sites.fract_transf_matrix[1][2]   -0.01215568 
_atom_sites.fract_transf_matrix[1][3]   0.03237736 
_atom_sites.fract_transf_matrix[2][1]   0.00908174 
_atom_sites.fract_transf_matrix[2][2]   -0.00546694 
_atom_sites.fract_transf_matrix[2][3]   0.00107871 
_atom_sites.fract_transf_matrix[3][1]   0.00485269 
_atom_sites.fract_transf_matrix[3][2]   0.00906286 
_atom_sites.fract_transf_matrix[3][3]   0.00507565 
_atom_sites.fract_transf_vector[1]      0.461821 
_atom_sites.fract_transf_vector[2]      0.369276 
_atom_sites.fract_transf_vector[3]      0.623448 
# 
loop_
_atom_type.symbol 
C  
N  
O  
S  
SE 
ZN 
# 
loop_
_atom_site.group_PDB 
_atom_site.id 
_atom_site.type_symbol 
_atom_site.label_atom_id 
_atom_site.label_alt_id 
_atom_site.label_comp_id 
_atom_site.label_asym_id 
_atom_site.label_entity_id 
_atom_site.label_seq_id 
_atom_site.pdbx_PDB_ins_code 
_atom_site.Cartn_x 
_atom_site.Cartn_y 
_atom_site.Cartn_z 
_atom_site.occupancy 
_atom_site.B_iso_or_equiv 
_atom_site.pdbx_formal_charge 
_atom_site.auth_seq_id 
_atom_site.auth_comp_id 
_atom_site.auth_asym_id 
_atom_site.auth_atom_id 
_atom_site.pdbx_PDB_model_num 
ATOM   1   N  N   . ASP A 1 2  ? 16.374  -9.735  -12.475 1.00 42.04 ? 2   ASP A N   1 
ATOM   2   C  CA  . ASP A 1 2  ? 15.282  -9.680  -13.489 1.00 41.31 ? 2   ASP A CA  1 
ATOM   3   C  C   . ASP A 1 2  ? 14.408  -8.445  -13.275 1.00 41.55 ? 2   ASP A C   1 
ATOM   4   O  O   . ASP A 1 2  ? 14.338  -7.906  -12.169 1.00 41.92 ? 2   ASP A O   1 
ATOM   5   C  CB  . ASP A 1 2  ? 14.430  -10.942 -13.403 1.00 42.07 ? 2   ASP A CB  1 
ATOM   6   N  N   . ALA A 1 3  ? 13.747  -8.001  -14.340 1.00 40.63 ? 3   ALA A N   1 
ATOM   7   C  CA  . ALA A 1 3  ? 12.879  -6.837  -14.267 1.00 38.12 ? 3   ALA A CA  1 
ATOM   8   C  C   . ALA A 1 3  ? 11.607  -7.220  -13.533 1.00 37.66 ? 3   ALA A C   1 
ATOM   9   O  O   . ALA A 1 3  ? 10.952  -8.202  -13.881 1.00 37.28 ? 3   ALA A O   1 
ATOM   10  C  CB  . ALA A 1 3  ? 12.542  -6.344  -15.665 1.00 40.51 ? 3   ALA A CB  1 
ATOM   11  N  N   . LYS A 1 4  ? 11.260  -6.448  -12.512 1.00 35.75 ? 4   LYS A N   1 
ATOM   12  C  CA  . LYS A 1 4  ? 10.055  -6.726  -11.747 1.00 33.27 ? 4   LYS A CA  1 
ATOM   13  C  C   . LYS A 1 4  ? 9.310   -5.452  -11.390 1.00 29.77 ? 4   LYS A C   1 
ATOM   14  O  O   . LYS A 1 4  ? 9.835   -4.346  -11.538 1.00 25.52 ? 4   LYS A O   1 
ATOM   15  C  CB  . LYS A 1 4  ? 10.400  -7.519  -10.486 1.00 36.04 ? 4   LYS A CB  1 
ATOM   16  C  CG  . LYS A 1 4  ? 11.483  -6.904  -9.624  1.00 39.08 ? 4   LYS A CG  1 
ATOM   17  C  CD  . LYS A 1 4  ? 12.092  -7.966  -8.726  1.00 42.69 ? 4   LYS A CD  1 
ATOM   18  C  CE  . LYS A 1 4  ? 12.731  -9.077  -9.561  1.00 44.93 ? 4   LYS A CE  1 
ATOM   19  N  NZ  . LYS A 1 4  ? 13.180  -10.241 -8.743  1.00 46.11 ? 4   LYS A NZ  1 
ATOM   20  N  N   . PHE A 1 5  ? 8.079   -5.624  -10.925 1.00 26.22 ? 5   PHE A N   1 
ATOM   21  C  CA  . PHE A 1 5  ? 7.232   -4.501  -10.561 1.00 25.15 ? 5   PHE A CA  1 
ATOM   22  C  C   . PHE A 1 5  ? 7.253   -4.196  -9.064  1.00 23.05 ? 5   PHE A C   1 
ATOM   23  O  O   . PHE A 1 5  ? 6.702   -4.939  -8.251  1.00 21.96 ? 5   PHE A O   1 
ATOM   24  C  CB  . PHE A 1 5  ? 5.800   -4.771  -11.029 1.00 24.26 ? 5   PHE A CB  1 
ATOM   25  C  CG  . PHE A 1 5  ? 4.899   -3.573  -10.956 1.00 26.55 ? 5   PHE A CG  1 
ATOM   26  C  CD1 . PHE A 1 5  ? 4.354   -3.164  -9.746  1.00 26.92 ? 5   PHE A CD1 1 
ATOM   27  C  CD2 . PHE A 1 5  ? 4.606   -2.844  -12.105 1.00 27.14 ? 5   PHE A CD2 1 
ATOM   28  C  CE1 . PHE A 1 5  ? 3.527   -2.044  -9.678  1.00 29.71 ? 5   PHE A CE1 1 
ATOM   29  C  CE2 . PHE A 1 5  ? 3.781   -1.723  -12.052 1.00 29.80 ? 5   PHE A CE2 1 
ATOM   30  C  CZ  . PHE A 1 5  ? 3.239   -1.320  -10.835 1.00 27.56 ? 5   PHE A CZ  1 
ATOM   31  N  N   . LEU A 1 6  ? 7.908   -3.092  -8.718  1.00 22.04 ? 6   LEU A N   1 
ATOM   32  C  CA  . LEU A 1 6  ? 8.006   -2.631  -7.340  1.00 21.30 ? 6   LEU A CA  1 
ATOM   33  C  C   . LEU A 1 6  ? 7.639   -1.145  -7.315  1.00 22.10 ? 6   LEU A C   1 
ATOM   34  O  O   . LEU A 1 6  ? 8.254   -0.334  -8.014  1.00 18.79 ? 6   LEU A O   1 
ATOM   35  C  CB  . LEU A 1 6  ? 9.431   -2.799  -6.800  1.00 21.21 ? 6   LEU A CB  1 
ATOM   36  C  CG  . LEU A 1 6  ? 10.040  -4.194  -6.573  1.00 23.66 ? 6   LEU A CG  1 
ATOM   37  C  CD1 . LEU A 1 6  ? 11.518  -4.031  -6.221  1.00 23.80 ? 6   LEU A CD1 1 
ATOM   38  C  CD2 . LEU A 1 6  ? 9.300   -4.929  -5.458  1.00 21.45 ? 6   LEU A CD2 1 
ATOM   39  N  N   . GLU A 1 7  ? 6.628   -0.788  -6.530  1.00 21.68 ? 7   GLU A N   1 
ATOM   40  C  CA  . GLU A 1 7  ? 6.235   0.615   -6.430  1.00 21.81 ? 7   GLU A CA  1 
ATOM   41  C  C   . GLU A 1 7  ? 5.881   1.007   -5.001  1.00 20.58 ? 7   GLU A C   1 
ATOM   42  O  O   . GLU A 1 7  ? 5.160   0.291   -4.309  1.00 20.10 ? 7   GLU A O   1 
ATOM   43  C  CB  . GLU A 1 7  ? 5.061   0.929   -7.367  1.00 23.35 ? 7   GLU A CB  1 
ATOM   44  C  CG  . GLU A 1 7  ? 3.847   0.050   -7.191  1.00 26.30 ? 7   GLU A CG  1 
ATOM   45  C  CD  . GLU A 1 7  ? 2.619   0.604   -7.901  1.00 28.30 ? 7   GLU A CD  1 
ATOM   46  O  OE1 . GLU A 1 7  ? 2.777   1.413   -8.843  1.00 31.11 ? 7   GLU A OE1 1 
ATOM   47  O  OE2 . GLU A 1 7  ? 1.495   0.220   -7.524  1.00 25.46 ? 7   GLU A OE2 1 
ATOM   48  N  N   . ILE A 1 8  ? 6.413   2.142   -4.553  1.00 19.99 ? 8   ILE A N   1 
ATOM   49  C  CA  . ILE A 1 8  ? 6.131   2.623   -3.206  1.00 18.14 ? 8   ILE A CA  1 
ATOM   50  C  C   . ILE A 1 8  ? 4.662   3.049   -3.151  1.00 15.73 ? 8   ILE A C   1 
ATOM   51  O  O   . ILE A 1 8  ? 4.149   3.661   -4.080  1.00 15.26 ? 8   ILE A O   1 
ATOM   52  C  CB  . ILE A 1 8  ? 7.047   3.807   -2.833  1.00 19.88 ? 8   ILE A CB  1 
ATOM   53  C  CG1 . ILE A 1 8  ? 6.776   4.241   -1.392  1.00 22.86 ? 8   ILE A CG1 1 
ATOM   54  C  CG2 . ILE A 1 8  ? 6.835   4.962   -3.799  1.00 23.49 ? 8   ILE A CG2 1 
ATOM   55  C  CD1 . ILE A 1 8  ? 7.764   5.263   -0.867  1.00 26.66 ? 8   ILE A CD1 1 
ATOM   56  N  N   . LEU A 1 9  ? 3.981   2.710   -2.064  1.00 15.80 ? 9   LEU A N   1 
ATOM   57  C  CA  . LEU A 1 9  ? 2.570   3.040   -1.939  1.00 15.97 ? 9   LEU A CA  1 
ATOM   58  C  C   . LEU A 1 9  ? 2.304   4.316   -1.167  1.00 15.80 ? 9   LEU A C   1 
ATOM   59  O  O   . LEU A 1 9  ? 1.954   4.266   0.005   1.00 15.97 ? 9   LEU A O   1 
ATOM   60  C  CB  . LEU A 1 9  ? 1.807   1.882   -1.288  1.00 16.62 ? 9   LEU A CB  1 
ATOM   61  C  CG  . LEU A 1 9  ? 1.845   0.551   -2.044  1.00 18.85 ? 9   LEU A CG  1 
ATOM   62  C  CD1 . LEU A 1 9  ? 0.893   -0.445  -1.388  1.00 19.11 ? 9   LEU A CD1 1 
ATOM   63  C  CD2 . LEU A 1 9  ? 1.450   0.782   -3.493  1.00 16.00 ? 9   LEU A CD2 1 
ATOM   64  N  N   . VAL A 1 10 ? 2.507   5.450   -1.834  1.00 16.31 ? 10  VAL A N   1 
ATOM   65  C  CA  . VAL A 1 10 ? 2.245   6.758   -1.259  1.00 18.81 ? 10  VAL A CA  1 
ATOM   66  C  C   . VAL A 1 10 ? 1.446   7.520   -2.305  1.00 18.90 ? 10  VAL A C   1 
ATOM   67  O  O   . VAL A 1 10 ? 1.500   7.196   -3.496  1.00 19.96 ? 10  VAL A O   1 
ATOM   68  C  CB  . VAL A 1 10 ? 3.542   7.550   -0.923  1.00 18.44 ? 10  VAL A CB  1 
ATOM   69  C  CG1 . VAL A 1 10 ? 4.214   6.946   0.291   1.00 20.57 ? 10  VAL A CG1 1 
ATOM   70  C  CG2 . VAL A 1 10 ? 4.487   7.555   -2.107  1.00 20.11 ? 10  VAL A CG2 1 
ATOM   71  N  N   . CYS A 1 11 ? 0.687   8.512   -1.863  1.00 19.67 ? 11  CYS A N   1 
ATOM   72  C  CA  . CYS A 1 11 ? -0.115  9.297   -2.784  1.00 20.99 ? 11  CYS A CA  1 
ATOM   73  C  C   . CYS A 1 11 ? 0.802   9.981   -3.790  1.00 23.23 ? 11  CYS A C   1 
ATOM   74  O  O   . CYS A 1 11 ? 1.776   10.620  -3.409  1.00 24.70 ? 11  CYS A O   1 
ATOM   75  C  CB  . CYS A 1 11 ? -0.918  10.351  -2.026  1.00 21.30 ? 11  CYS A CB  1 
ATOM   76  S  SG  . CYS A 1 11 ? -1.772  11.457  -3.148  1.00 22.57 ? 11  CYS A SG  1 
ATOM   77  N  N   . PRO A 1 12 ? 0.501   9.860   -5.090  1.00 26.07 ? 12  PRO A N   1 
ATOM   78  C  CA  . PRO A 1 12 ? 1.338   10.489  -6.116  1.00 29.51 ? 12  PRO A CA  1 
ATOM   79  C  C   . PRO A 1 12 ? 1.431   12.013  -6.000  1.00 33.24 ? 12  PRO A C   1 
ATOM   80  O  O   . PRO A 1 12 ? 2.267   12.636  -6.651  1.00 35.73 ? 12  PRO A O   1 
ATOM   81  C  CB  . PRO A 1 12 ? 0.677   10.041  -7.418  1.00 28.34 ? 12  PRO A CB  1 
ATOM   82  C  CG  . PRO A 1 12 ? -0.746  9.920   -7.042  1.00 29.83 ? 12  PRO A CG  1 
ATOM   83  C  CD  . PRO A 1 12 ? -0.676  9.222   -5.700  1.00 27.70 ? 12  PRO A CD  1 
ATOM   84  N  N   . LEU A 1 13 ? 0.583   12.608  -5.165  1.00 34.71 ? 13  LEU A N   1 
ATOM   85  C  CA  . LEU A 1 13 ? 0.589   14.056  -4.982  1.00 35.34 ? 13  LEU A CA  1 
ATOM   86  C  C   . LEU A 1 13 ? 1.320   14.547  -3.734  1.00 35.37 ? 13  LEU A C   1 
ATOM   87  O  O   . LEU A 1 13 ? 2.367   15.189  -3.832  1.00 35.34 ? 13  LEU A O   1 
ATOM   88  C  CB  . LEU A 1 13 ? -0.845  14.594  -4.960  1.00 36.88 ? 13  LEU A CB  1 
ATOM   89  C  CG  . LEU A 1 13 ? -1.568  14.693  -6.305  1.00 38.03 ? 13  LEU A CG  1 
ATOM   90  C  CD1 . LEU A 1 13 ? -2.991  15.193  -6.093  1.00 38.65 ? 13  LEU A CD1 1 
ATOM   91  C  CD2 . LEU A 1 13 ? -0.809  15.641  -7.215  1.00 39.49 ? 13  LEU A CD2 1 
ATOM   92  N  N   . CYS A 1 14 ? 0.763   14.251  -2.563  1.00 33.37 ? 14  CYS A N   1 
ATOM   93  C  CA  . CYS A 1 14 ? 1.342   14.689  -1.297  1.00 31.28 ? 14  CYS A CA  1 
ATOM   94  C  C   . CYS A 1 14 ? 2.393   13.741  -0.730  1.00 32.87 ? 14  CYS A C   1 
ATOM   95  O  O   . CYS A 1 14 ? 3.049   14.063  0.262   1.00 32.79 ? 14  CYS A O   1 
ATOM   96  C  CB  . CYS A 1 14 ? 0.232   14.868  -0.259  1.00 29.68 ? 14  CYS A CB  1 
ATOM   97  S  SG  . CYS A 1 14 ? -0.539  13.306  0.271   1.00 26.96 ? 14  CYS A SG  1 
ATOM   98  N  N   . LYS A 1 15 ? 2.547   12.577  -1.353  1.00 33.87 ? 15  LYS A N   1 
ATOM   99  C  CA  . LYS A 1 15 ? 3.502   11.569  -0.892  1.00 32.86 ? 15  LYS A CA  1 
ATOM   100 C  C   . LYS A 1 15 ? 3.144   11.006  0.482   1.00 30.61 ? 15  LYS A C   1 
ATOM   101 O  O   . LYS A 1 15 ? 3.999   10.457  1.178   1.00 30.30 ? 15  LYS A O   1 
ATOM   102 C  CB  . LYS A 1 15 ? 4.923   12.143  -0.856  1.00 37.55 ? 15  LYS A CB  1 
ATOM   103 C  CG  . LYS A 1 15 ? 5.635   12.089  -2.192  1.00 39.27 ? 15  LYS A CG  1 
ATOM   104 C  CD  . LYS A 1 15 ? 4.887   12.882  -3.245  1.00 43.37 ? 15  LYS A CD  1 
ATOM   105 C  CE  . LYS A 1 15 ? 5.468   12.648  -4.630  1.00 44.44 ? 15  LYS A CE  1 
ATOM   106 N  NZ  . LYS A 1 15 ? 6.913   13.007  -4.739  1.00 47.15 ? 15  LYS A NZ  1 
ATOM   107 N  N   . GLY A 1 16 ? 1.878   11.136  0.866   1.00 27.88 ? 16  GLY A N   1 
ATOM   108 C  CA  . GLY A 1 16 ? 1.440   10.616  2.152   1.00 27.20 ? 16  GLY A CA  1 
ATOM   109 C  C   . GLY A 1 16 ? 0.967   9.177   2.038   1.00 25.72 ? 16  GLY A C   1 
ATOM   110 O  O   . GLY A 1 16 ? 0.795   8.673   0.926   1.00 24.29 ? 16  GLY A O   1 
ATOM   111 N  N   . PRO A 1 17 ? 0.747   8.484   3.168   1.00 26.42 ? 17  PRO A N   1 
ATOM   112 C  CA  . PRO A 1 17 ? 0.288   7.090   3.161   1.00 24.70 ? 17  PRO A CA  1 
ATOM   113 C  C   . PRO A 1 17 ? -1.141  6.946   2.639   1.00 22.86 ? 17  PRO A C   1 
ATOM   114 O  O   . PRO A 1 17 ? -1.922  7.894   2.660   1.00 20.63 ? 17  PRO A O   1 
ATOM   115 C  CB  . PRO A 1 17 ? 0.414   6.683   4.626   1.00 23.77 ? 17  PRO A CB  1 
ATOM   116 C  CG  . PRO A 1 17 ? 0.123   7.967   5.344   1.00 26.18 ? 17  PRO A CG  1 
ATOM   117 C  CD  . PRO A 1 17 ? 0.918   8.969   4.549   1.00 25.93 ? 17  PRO A CD  1 
ATOM   118 N  N   . LEU A 1 18 ? -1.472  5.748   2.172   1.00 19.06 ? 18  LEU A N   1 
ATOM   119 C  CA  . LEU A 1 18 ? -2.798  5.472   1.634   1.00 19.65 ? 18  LEU A CA  1 
ATOM   120 C  C   . LEU A 1 18 ? -3.556  4.487   2.506   1.00 17.88 ? 18  LEU A C   1 
ATOM   121 O  O   . LEU A 1 18 ? -2.959  3.625   3.159   1.00 18.24 ? 18  LEU A O   1 
ATOM   122 C  CB  . LEU A 1 18 ? -2.666  4.910   0.219   1.00 17.30 ? 18  LEU A CB  1 
ATOM   123 C  CG  . LEU A 1 18 ? -1.930  5.853   -0.727  1.00 19.56 ? 18  LEU A CG  1 
ATOM   124 C  CD1 . LEU A 1 18 ? -1.485  5.129   -1.977  1.00 22.76 ? 18  LEU A CD1 1 
ATOM   125 C  CD2 . LEU A 1 18 ? -2.848  7.021   -1.054  1.00 19.72 ? 18  LEU A CD2 1 
ATOM   126 N  N   . VAL A 1 19 ? -4.877  4.624   2.519   1.00 19.20 ? 19  VAL A N   1 
ATOM   127 C  CA  . VAL A 1 19 ? -5.728  3.731   3.298   1.00 20.52 ? 19  VAL A CA  1 
ATOM   128 C  C   . VAL A 1 19 ? -6.348  2.709   2.347   1.00 19.38 ? 19  VAL A C   1 
ATOM   129 O  O   . VAL A 1 19 ? -6.961  3.080   1.345   1.00 19.45 ? 19  VAL A O   1 
ATOM   130 C  CB  . VAL A 1 19 ? -6.856  4.508   4.008   1.00 20.51 ? 19  VAL A CB  1 
ATOM   131 C  CG1 . VAL A 1 19 ? -7.730  3.547   4.802   1.00 22.61 ? 19  VAL A CG1 1 
ATOM   132 C  CG2 . VAL A 1 19 ? -6.260  5.554   4.926   1.00 23.21 ? 19  VAL A CG2 1 
ATOM   133 N  N   . PHE A 1 20 ? -6.182  1.427   2.657   1.00 17.72 ? 20  PHE A N   1 
ATOM   134 C  CA  . PHE A 1 20 ? -6.718  0.380   1.800   1.00 19.15 ? 20  PHE A CA  1 
ATOM   135 C  C   . PHE A 1 20 ? -8.189  0.152   2.084   1.00 19.31 ? 20  PHE A C   1 
ATOM   136 O  O   . PHE A 1 20 ? -8.576  -0.090  3.224   1.00 18.92 ? 20  PHE A O   1 
ATOM   137 C  CB  . PHE A 1 20 ? -5.936  -0.928  1.997   1.00 17.05 ? 20  PHE A CB  1 
ATOM   138 C  CG  . PHE A 1 20 ? -6.512  -2.107  1.257   1.00 19.61 ? 20  PHE A CG  1 
ATOM   139 C  CD1 . PHE A 1 20 ? -7.011  -3.205  1.955   1.00 21.46 ? 20  PHE A CD1 1 
ATOM   140 C  CD2 . PHE A 1 20 ? -6.567  -2.119  -0.136  1.00 19.80 ? 20  PHE A CD2 1 
ATOM   141 C  CE1 . PHE A 1 20 ? -7.549  -4.308  1.276   1.00 22.62 ? 20  PHE A CE1 1 
ATOM   142 C  CE2 . PHE A 1 20 ? -7.103  -3.218  -0.826  1.00 24.12 ? 20  PHE A CE2 1 
ATOM   143 C  CZ  . PHE A 1 20 ? -7.597  -4.310  -0.113  1.00 23.92 ? 20  PHE A CZ  1 
ATOM   144 N  N   . ASP A 1 21 ? -9.000  0.256   1.036   1.00 21.05 ? 21  ASP A N   1 
ATOM   145 C  CA  . ASP A 1 21 ? -10.438 0.031   1.144   1.00 22.88 ? 21  ASP A CA  1 
ATOM   146 C  C   . ASP A 1 21 ? -10.726 -1.315  0.492   1.00 23.99 ? 21  ASP A C   1 
ATOM   147 O  O   . ASP A 1 21 ? -10.708 -1.439  -0.731  1.00 24.23 ? 21  ASP A O   1 
ATOM   148 C  CB  . ASP A 1 21 ? -11.222 1.127   0.420   1.00 25.30 ? 21  ASP A CB  1 
ATOM   149 C  CG  . ASP A 1 21 ? -12.725 1.021   0.657   1.00 26.33 ? 21  ASP A CG  1 
ATOM   150 O  OD1 . ASP A 1 21 ? -13.229 -0.113  0.785   1.00 26.35 ? 21  ASP A OD1 1 
ATOM   151 O  OD2 . ASP A 1 21 ? -13.401 2.067   0.706   1.00 27.96 ? 21  ASP A OD2 1 
ATOM   152 N  N   . LYS A 1 22 ? -10.984 -2.320  1.319   1.00 27.95 ? 22  LYS A N   1 
ATOM   153 C  CA  . LYS A 1 22 ? -11.260 -3.672  0.843   1.00 32.08 ? 22  LYS A CA  1 
ATOM   154 C  C   . LYS A 1 22 ? -12.503 -3.769  -0.047  1.00 33.76 ? 22  LYS A C   1 
ATOM   155 O  O   . LYS A 1 22 ? -12.476 -4.426  -1.092  1.00 33.33 ? 22  LYS A O   1 
ATOM   156 C  CB  . LYS A 1 22 ? -11.410 -4.604  2.049   1.00 34.92 ? 22  LYS A CB  1 
ATOM   157 C  CG  . LYS A 1 22 ? -11.703 -6.067  1.729   1.00 39.19 ? 22  LYS A CG  1 
ATOM   158 C  CD  . LYS A 1 22 ? -11.957 -6.828  3.032   1.00 43.44 ? 22  LYS A CD  1 
ATOM   159 C  CE  . LYS A 1 22 ? -12.168 -8.322  2.816   1.00 45.31 ? 22  LYS A CE  1 
ATOM   160 N  NZ  . LYS A 1 22 ? -12.345 -9.030  4.120   1.00 44.90 ? 22  LYS A NZ  1 
ATOM   161 N  N   . SER A 1 23 ? -13.581 -3.111  0.362   1.00 34.70 ? 23  SER A N   1 
ATOM   162 C  CA  . SER A 1 23 ? -14.838 -3.152  -0.381  1.00 36.20 ? 23  SER A CA  1 
ATOM   163 C  C   . SER A 1 23 ? -14.796 -2.552  -1.788  1.00 35.65 ? 23  SER A C   1 
ATOM   164 O  O   . SER A 1 23 ? -15.465 -3.047  -2.690  1.00 35.63 ? 23  SER A O   1 
ATOM   165 C  CB  . SER A 1 23 ? -15.941 -2.470  0.431   1.00 36.95 ? 23  SER A CB  1 
ATOM   166 O  OG  . SER A 1 23 ? -15.662 -1.097  0.613   1.00 39.74 ? 23  SER A OG  1 
ATOM   167 N  N   . LYS A 1 24 ? -14.026 -1.487  -1.981  1.00 35.73 ? 24  LYS A N   1 
ATOM   168 C  CA  . LYS A 1 24 ? -13.935 -0.865  -3.301  1.00 36.07 ? 24  LYS A CA  1 
ATOM   169 C  C   . LYS A 1 24 ? -12.599 -1.148  -3.972  1.00 34.67 ? 24  LYS A C   1 
ATOM   170 O  O   . LYS A 1 24 ? -12.342 -0.667  -5.077  1.00 33.63 ? 24  LYS A O   1 
ATOM   171 C  CB  . LYS A 1 24 ? -14.127 0.650   -3.190  1.00 37.61 ? 24  LYS A CB  1 
ATOM   172 C  CG  . LYS A 1 24 ? -15.557 1.080   -2.945  1.00 39.88 ? 24  LYS A CG  1 
ATOM   173 C  CD  . LYS A 1 24 ? -15.641 2.577   -2.686  1.00 41.20 ? 24  LYS A CD  1 
ATOM   174 C  CE  . LYS A 1 24 ? -17.085 3.034   -2.548  1.00 41.57 ? 24  LYS A CE  1 
ATOM   175 N  NZ  . LYS A 1 24 ? -17.845 2.790   -3.805  1.00 42.72 ? 24  LYS A NZ  1 
ATOM   176 N  N   . ASP A 1 25 ? -11.771 -1.949  -3.305  1.00 33.07 ? 25  ASP A N   1 
ATOM   177 C  CA  . ASP A 1 25 ? -10.431 -2.286  -3.778  1.00 33.08 ? 25  ASP A CA  1 
ATOM   178 C  C   . ASP A 1 25 ? -9.754  -1.028  -4.320  1.00 28.85 ? 25  ASP A C   1 
ATOM   179 O  O   . ASP A 1 25 ? -9.420  -0.926  -5.498  1.00 28.47 ? 25  ASP A O   1 
ATOM   180 C  CB  . ASP A 1 25 ? -10.461 -3.399  -4.840  1.00 39.20 ? 25  ASP A CB  1 
ATOM   181 C  CG  . ASP A 1 25 ? -11.245 -3.019  -6.077  1.00 43.94 ? 25  ASP A CG  1 
ATOM   182 O  OD1 . ASP A 1 25 ? -12.492 -3.011  -6.010  1.00 46.65 ? 25  ASP A OD1 1 
ATOM   183 O  OD2 . ASP A 1 25 ? -10.611 -2.729  -7.118  1.00 46.44 ? 25  ASP A OD2 1 
ATOM   184 N  N   . GLU A 1 26 ? -9.578  -0.059  -3.431  1.00 24.67 ? 26  GLU A N   1 
ATOM   185 C  CA  . GLU A 1 26 ? -8.946  1.209   -3.774  1.00 23.01 ? 26  GLU A CA  1 
ATOM   186 C  C   . GLU A 1 26 ? -7.991  1.625   -2.666  1.00 19.69 ? 26  GLU A C   1 
ATOM   187 O  O   . GLU A 1 26 ? -8.074  1.123   -1.545  1.00 19.10 ? 26  GLU A O   1 
ATOM   188 C  CB  . GLU A 1 26 ? -9.998  2.309   -3.943  1.00 23.77 ? 26  GLU A CB  1 
ATOM   189 C  CG  . GLU A 1 26 ? -10.986 2.088   -5.071  1.00 25.85 ? 26  GLU A CG  1 
ATOM   190 C  CD  . GLU A 1 26 ? -11.956 3.245   -5.223  1.00 27.26 ? 26  GLU A CD  1 
ATOM   191 O  OE1 . GLU A 1 26 ? -12.532 3.678   -4.199  1.00 25.18 ? 26  GLU A OE1 1 
ATOM   192 O  OE2 . GLU A 1 26 ? -12.149 3.718   -6.363  1.00 29.81 ? 26  GLU A OE2 1 
ATOM   193 N  N   . LEU A 1 27 ? -7.079  2.528   -2.997  1.00 16.90 ? 27  LEU A N   1 
ATOM   194 C  CA  . LEU A 1 27 ? -6.130  3.062   -2.021  1.00 16.59 ? 27  LEU A CA  1 
ATOM   195 C  C   . LEU A 1 27 ? -6.489  4.539   -1.927  1.00 15.00 ? 27  LEU A C   1 
ATOM   196 O  O   . LEU A 1 27 ? -6.401  5.272   -2.911  1.00 14.14 ? 27  LEU A O   1 
ATOM   197 C  CB  . LEU A 1 27 ? -4.691  2.868   -2.506  1.00 15.62 ? 27  LEU A CB  1 
ATOM   198 C  CG  . LEU A 1 27 ? -4.235  1.411   -2.589  1.00 17.74 ? 27  LEU A CG  1 
ATOM   199 C  CD1 . LEU A 1 27 ? -2.781  1.355   -3.046  1.00 19.83 ? 27  LEU A CD1 1 
ATOM   200 C  CD2 . LEU A 1 27 ? -4.392  0.741   -1.226  1.00 19.75 ? 27  LEU A CD2 1 
ATOM   201 N  N   . ILE A 1 28 ? -6.902  4.959   -0.736  1.00 16.85 ? 28  ILE A N   1 
ATOM   202 C  CA  . ILE A 1 28 ? -7.356  6.318   -0.493  1.00 16.57 ? 28  ILE A CA  1 
ATOM   203 C  C   . ILE A 1 28 ? -6.356  7.266   0.157   1.00 18.52 ? 28  ILE A C   1 
ATOM   204 O  O   . ILE A 1 28 ? -5.644  6.899   1.091   1.00 14.43 ? 28  ILE A O   1 
ATOM   205 C  CB  . ILE A 1 28 ? -8.627  6.295   0.399   1.00 19.87 ? 28  ILE A CB  1 
ATOM   206 C  CG1 . ILE A 1 28 ? -9.701  5.421   -0.253  1.00 20.65 ? 28  ILE A CG1 1 
ATOM   207 C  CG2 . ILE A 1 28 ? -9.167  7.722   0.622   1.00 16.81 ? 28  ILE A CG2 1 
ATOM   208 C  CD1 . ILE A 1 28 ? -10.955 5.239   0.600   1.00 21.84 ? 28  ILE A CD1 1 
ATOM   209 N  N   . CYS A 1 29 ? -6.298  8.491   -0.352  1.00 18.50 ? 29  CYS A N   1 
ATOM   210 C  CA  . CYS A 1 29 ? -5.442  9.489   0.265   1.00 22.14 ? 29  CYS A CA  1 
ATOM   211 C  C   . CYS A 1 29 ? -6.406  10.395  1.014   1.00 23.79 ? 29  CYS A C   1 
ATOM   212 O  O   . CYS A 1 29 ? -7.164  11.144  0.403   1.00 21.93 ? 29  CYS A O   1 
ATOM   213 C  CB  . CYS A 1 29 ? -4.676  10.324  -0.751  1.00 20.96 ? 29  CYS A CB  1 
ATOM   214 S  SG  . CYS A 1 29 ? -3.888  11.752  0.071   1.00 24.43 ? 29  CYS A SG  1 
ATOM   215 N  N   . LYS A 1 30 ? -6.374  10.307  2.337   1.00 24.85 ? 30  LYS A N   1 
ATOM   216 C  CA  . LYS A 1 30 ? -7.252  11.099  3.182   1.00 30.35 ? 30  LYS A CA  1 
ATOM   217 C  C   . LYS A 1 30 ? -7.055  12.597  2.961   1.00 30.78 ? 30  LYS A C   1 
ATOM   218 O  O   . LYS A 1 30 ? -8.010  13.320  2.683   1.00 31.63 ? 30  LYS A O   1 
ATOM   219 C  CB  . LYS A 1 30 ? -7.004  10.729  4.651   1.00 31.90 ? 30  LYS A CB  1 
ATOM   220 C  CG  . LYS A 1 30 ? -7.818  11.502  5.675   1.00 36.84 ? 30  LYS A CG  1 
ATOM   221 C  CD  . LYS A 1 30 ? -9.300  11.189  5.582   1.00 40.12 ? 30  LYS A CD  1 
ATOM   222 C  CE  . LYS A 1 30 ? -10.074 11.860  6.712   1.00 41.65 ? 30  LYS A CE  1 
ATOM   223 N  NZ  . LYS A 1 30 ? -9.647  11.377  8.056   1.00 43.09 ? 30  LYS A NZ  1 
ATOM   224 N  N   . GLY A 1 31 ? -5.810  13.050  3.072   1.00 31.68 ? 31  GLY A N   1 
ATOM   225 C  CA  . GLY A 1 31 ? -5.496  14.459  2.905   1.00 32.72 ? 31  GLY A CA  1 
ATOM   226 C  C   . GLY A 1 31 ? -5.892  15.112  1.592   1.00 35.44 ? 31  GLY A C   1 
ATOM   227 O  O   . GLY A 1 31 ? -6.128  16.322  1.546   1.00 36.07 ? 31  GLY A O   1 
ATOM   228 N  N   . ASP A 1 32 ? -5.965  14.328  0.520   1.00 33.60 ? 32  ASP A N   1 
ATOM   229 C  CA  . ASP A 1 32 ? -6.336  14.867  -0.785  1.00 30.70 ? 32  ASP A CA  1 
ATOM   230 C  C   . ASP A 1 32 ? -7.735  14.446  -1.217  1.00 29.54 ? 32  ASP A C   1 
ATOM   231 O  O   . ASP A 1 32 ? -8.237  14.906  -2.240  1.00 27.65 ? 32  ASP A O   1 
ATOM   232 C  CB  . ASP A 1 32 ? -5.315  14.431  -1.837  1.00 30.51 ? 32  ASP A CB  1 
ATOM   233 C  CG  . ASP A 1 32 ? -4.072  15.304  -1.839  1.00 32.92 ? 32  ASP A CG  1 
ATOM   234 O  OD1 . ASP A 1 32 ? -2.983  14.787  -2.154  1.00 30.14 ? 32  ASP A OD1 1 
ATOM   235 O  OD2 . ASP A 1 32 ? -4.185  16.512  -1.545  1.00 30.63 ? 32  ASP A OD2 1 
ATOM   236 N  N   . ARG A 1 33 ? -8.359  13.573  -0.433  1.00 29.35 ? 33  ARG A N   1 
ATOM   237 C  CA  . ARG A 1 33 ? -9.701  13.095  -0.732  1.00 29.54 ? 33  ARG A CA  1 
ATOM   238 C  C   . ARG A 1 33 ? -9.761  12.508  -2.136  1.00 29.45 ? 33  ARG A C   1 
ATOM   239 O  O   . ARG A 1 33 ? -10.631 12.856  -2.939  1.00 28.79 ? 33  ARG A O   1 
ATOM   240 C  CB  . ARG A 1 33 ? -10.704 14.238  -0.592  1.00 30.36 ? 33  ARG A CB  1 
ATOM   241 N  N   . LEU A 1 34 ? -8.822  11.613  -2.417  1.00 27.62 ? 34  LEU A N   1 
ATOM   242 C  CA  . LEU A 1 34 ? -8.733  10.949  -3.706  1.00 26.65 ? 34  LEU A CA  1 
ATOM   243 C  C   . LEU A 1 34 ? -8.627  9.441   -3.491  1.00 25.87 ? 34  LEU A C   1 
ATOM   244 O  O   . LEU A 1 34 ? -8.036  8.988   -2.504  1.00 25.88 ? 34  LEU A O   1 
ATOM   245 C  CB  . LEU A 1 34 ? -7.496  11.431  -4.468  1.00 26.35 ? 34  LEU A CB  1 
ATOM   246 C  CG  . LEU A 1 34 ? -7.413  12.897  -4.903  1.00 28.40 ? 34  LEU A CG  1 
ATOM   247 C  CD1 . LEU A 1 34 ? -6.071  13.140  -5.570  1.00 29.64 ? 34  LEU A CD1 1 
ATOM   248 C  CD2 . LEU A 1 34 ? -8.554  13.228  -5.867  1.00 30.61 ? 34  LEU A CD2 1 
ATOM   249 N  N   . ALA A 1 35 ? -9.200  8.675   -4.413  1.00 22.47 ? 35  ALA A N   1 
ATOM   250 C  CA  . ALA A 1 35 ? -9.146  7.218   -4.343  1.00 22.76 ? 35  ALA A CA  1 
ATOM   251 C  C   . ALA A 1 35 ? -8.470  6.700   -5.606  1.00 23.38 ? 35  ALA A C   1 
ATOM   252 O  O   . ALA A 1 35 ? -8.913  6.988   -6.719  1.00 24.99 ? 35  ALA A O   1 
ATOM   253 C  CB  . ALA A 1 35 ? -10.554 6.630   -4.233  1.00 23.87 ? 35  ALA A CB  1 
ATOM   254 N  N   . PHE A 1 36 ? -7.389  5.949   -5.434  1.00 20.56 ? 36  PHE A N   1 
ATOM   255 C  CA  . PHE A 1 36 ? -6.678  5.388   -6.571  1.00 21.14 ? 36  PHE A CA  1 
ATOM   256 C  C   . PHE A 1 36 ? -7.142  3.956   -6.753  1.00 19.83 ? 36  PHE A C   1 
ATOM   257 O  O   . PHE A 1 36 ? -7.349  3.233   -5.787  1.00 20.09 ? 36  PHE A O   1 
ATOM   258 C  CB  . PHE A 1 36 ? -5.164  5.453   -6.343  1.00 21.73 ? 36  PHE A CB  1 
ATOM   259 C  CG  . PHE A 1 36 ? -4.651  6.850   -6.227  1.00 24.52 ? 36  PHE A CG  1 
ATOM   260 C  CD1 . PHE A 1 36 ? -4.811  7.562   -5.043  1.00 22.11 ? 36  PHE A CD1 1 
ATOM   261 C  CD2 . PHE A 1 36 ? -4.086  7.492   -7.326  1.00 22.80 ? 36  PHE A CD2 1 
ATOM   262 C  CE1 . PHE A 1 36 ? -4.425  8.892   -4.957  1.00 23.12 ? 36  PHE A CE1 1 
ATOM   263 C  CE2 . PHE A 1 36 ? -3.698  8.823   -7.248  1.00 25.00 ? 36  PHE A CE2 1 
ATOM   264 C  CZ  . PHE A 1 36 ? -3.869  9.526   -6.062  1.00 23.69 ? 36  PHE A CZ  1 
ATOM   265 N  N   . PRO A 1 37 ? -7.320  3.531   -8.007  1.00 20.23 ? 37  PRO A N   1 
ATOM   266 C  CA  . PRO A 1 37 ? -7.777  2.168   -8.253  1.00 20.13 ? 37  PRO A CA  1 
ATOM   267 C  C   . PRO A 1 37 ? -6.688  1.112   -8.221  1.00 20.45 ? 37  PRO A C   1 
ATOM   268 O  O   . PRO A 1 37 ? -5.509  1.398   -8.424  1.00 20.85 ? 37  PRO A O   1 
ATOM   269 C  CB  . PRO A 1 37 ? -8.420  2.277   -9.626  1.00 20.33 ? 37  PRO A CB  1 
ATOM   270 C  CG  . PRO A 1 37 ? -7.491  3.238   -10.326 1.00 23.12 ? 37  PRO A CG  1 
ATOM   271 C  CD  . PRO A 1 37 ? -7.226  4.302   -9.262  1.00 20.28 ? 37  PRO A CD  1 
ATOM   272 N  N   . ILE A 1 38 ? -7.111  -0.114  -7.959  1.00 21.88 ? 38  ILE A N   1 
ATOM   273 C  CA  . ILE A 1 38 ? -6.230  -1.264  -7.950  1.00 24.39 ? 38  ILE A CA  1 
ATOM   274 C  C   . ILE A 1 38 ? -6.791  -2.102  -9.092  1.00 27.35 ? 38  ILE A C   1 
ATOM   275 O  O   . ILE A 1 38 ? -7.924  -2.582  -9.021  1.00 28.43 ? 38  ILE A O   1 
ATOM   276 C  CB  . ILE A 1 38 ? -6.326  -2.033  -6.617  1.00 25.38 ? 38  ILE A CB  1 
ATOM   277 C  CG1 . ILE A 1 38 ? -5.892  -1.118  -5.459  1.00 22.57 ? 38  ILE A CG1 1 
ATOM   278 C  CG2 . ILE A 1 38 ? -5.445  -3.295  -6.676  1.00 24.94 ? 38  ILE A CG2 1 
ATOM   279 C  CD1 . ILE A 1 38 ? -6.135  -1.712  -4.075  1.00 23.81 ? 38  ILE A CD1 1 
ATOM   280 N  N   . LYS A 1 39 ? -6.019  -2.236  -10.163 1.00 27.86 ? 39  LYS A N   1 
ATOM   281 C  CA  . LYS A 1 39 ? -6.461  -2.996  -11.327 1.00 30.22 ? 39  LYS A CA  1 
ATOM   282 C  C   . LYS A 1 39 ? -5.630  -4.261  -11.479 1.00 30.68 ? 39  LYS A C   1 
ATOM   283 O  O   . LYS A 1 39 ? -4.405  -4.207  -11.474 1.00 30.17 ? 39  LYS A O   1 
ATOM   284 C  CB  . LYS A 1 39 ? -6.345  -2.132  -12.585 1.00 31.59 ? 39  LYS A CB  1 
ATOM   285 C  CG  . LYS A 1 39 ? -7.202  -0.870  -12.533 1.00 33.77 ? 39  LYS A CG  1 
ATOM   286 C  CD  . LYS A 1 39 ? -7.180  -0.116  -13.852 1.00 35.69 ? 39  LYS A CD  1 
ATOM   287 C  CE  . LYS A 1 39 ? -8.044  1.134   -13.777 1.00 36.18 ? 39  LYS A CE  1 
ATOM   288 N  NZ  . LYS A 1 39 ? -8.105  1.855   -15.077 1.00 37.84 ? 39  LYS A NZ  1 
ATOM   289 N  N   . ASP A 1 40 ? -6.300  -5.400  -11.604 1.00 32.42 ? 40  ASP A N   1 
ATOM   290 C  CA  . ASP A 1 40 ? -5.596  -6.672  -11.736 1.00 34.91 ? 40  ASP A CA  1 
ATOM   291 C  C   . ASP A 1 40 ? -4.634  -6.824  -10.560 1.00 34.49 ? 40  ASP A C   1 
ATOM   292 O  O   . ASP A 1 40 ? -3.523  -7.315  -10.718 1.00 36.46 ? 40  ASP A O   1 
ATOM   293 C  CB  . ASP A 1 40 ? -4.822  -6.713  -13.054 1.00 34.18 ? 40  ASP A CB  1 
ATOM   294 N  N   . GLY A 1 41 ? -5.066  -6.385  -9.383  1.00 35.20 ? 41  GLY A N   1 
ATOM   295 C  CA  . GLY A 1 41 ? -4.228  -6.477  -8.201  1.00 34.08 ? 41  GLY A CA  1 
ATOM   296 C  C   . GLY A 1 41 ? -3.069  -5.495  -8.180  1.00 32.46 ? 41  GLY A C   1 
ATOM   297 O  O   . GLY A 1 41 ? -2.170  -5.613  -7.344  1.00 33.75 ? 41  GLY A O   1 
ATOM   298 N  N   . ILE A 1 42 ? -3.088  -4.513  -9.079  1.00 30.06 ? 42  ILE A N   1 
ATOM   299 C  CA  . ILE A 1 42 ? -2.014  -3.529  -9.144  1.00 27.38 ? 42  ILE A CA  1 
ATOM   300 C  C   . ILE A 1 42 ? -2.458  -2.098  -8.848  1.00 26.18 ? 42  ILE A C   1 
ATOM   301 O  O   . ILE A 1 42 ? -3.235  -1.508  -9.596  1.00 22.24 ? 42  ILE A O   1 
ATOM   302 C  CB  . ILE A 1 42 ? -1.333  -3.543  -10.523 1.00 30.60 ? 42  ILE A CB  1 
ATOM   303 C  CG1 . ILE A 1 42 ? -0.690  -4.915  -10.764 1.00 32.05 ? 42  ILE A CG1 1 
ATOM   304 C  CG2 . ILE A 1 42 ? -0.282  -2.437  -10.602 1.00 28.21 ? 42  ILE A CG2 1 
ATOM   305 C  CD1 . ILE A 1 42 ? 0.002   -5.038  -12.096 1.00 34.86 ? 42  ILE A CD1 1 
ATOM   306 N  N   . PRO A 1 43 ? -1.956  -1.519  -7.747  1.00 25.37 ? 43  PRO A N   1 
ATOM   307 C  CA  . PRO A 1 43 ? -2.339  -0.145  -7.409  1.00 24.48 ? 43  PRO A CA  1 
ATOM   308 C  C   . PRO A 1 43 ? -1.868  0.813   -8.503  1.00 24.77 ? 43  PRO A C   1 
ATOM   309 O  O   . PRO A 1 43 ? -0.679  0.857   -8.836  1.00 21.97 ? 43  PRO A O   1 
ATOM   310 C  CB  . PRO A 1 43 ? -1.629  0.090   -6.079  1.00 25.72 ? 43  PRO A CB  1 
ATOM   311 C  CG  . PRO A 1 43 ? -1.596  -1.294  -5.474  1.00 27.08 ? 43  PRO A CG  1 
ATOM   312 C  CD  . PRO A 1 43 ? -1.160  -2.120  -6.664  1.00 23.89 ? 43  PRO A CD  1 
HETATM 313 N  N   . MSE A 1 44 ? -2.805  1.570   -9.067  1.00 23.05 ? 44  MSE A N   1 
HETATM 314 C  CA  . MSE A 1 44 ? -2.483  2.514   -10.127 1.00 24.72 ? 44  MSE A CA  1 
HETATM 315 C  C   . MSE A 1 44 ? -2.119  3.876   -9.541  1.00 25.83 ? 44  MSE A C   1 
HETATM 316 O  O   . MSE A 1 44 ? -2.944  4.785   -9.483  1.00 22.78 ? 44  MSE A O   1 
HETATM 317 C  CB  . MSE A 1 44 ? -3.675  2.646   -11.078 1.00 28.98 ? 44  MSE A CB  1 
HETATM 318 C  CG  . MSE A 1 44 ? -4.140  1.321   -11.668 1.00 32.58 ? 44  MSE A CG  1 
HETATM 319 SE SE  . MSE A 1 44 ? -2.739  0.396   -12.639 1.00 42.60 ? 44  MSE A SE  1 
HETATM 320 C  CE  . MSE A 1 44 ? -2.796  1.389   -14.298 1.00 37.64 ? 44  MSE A CE  1 
HETATM 321 N  N   . MSE A 1 45 ? -0.865  4.008   -9.121  1.00 25.95 ? 45  MSE A N   1 
HETATM 322 C  CA  . MSE A 1 45 ? -0.372  5.237   -8.515  1.00 27.87 ? 45  MSE A CA  1 
HETATM 323 C  C   . MSE A 1 45 ? -0.124  6.357   -9.528  1.00 26.60 ? 45  MSE A C   1 
HETATM 324 O  O   . MSE A 1 45 ? 1.017   6.768   -9.744  1.00 26.36 ? 45  MSE A O   1 
HETATM 325 C  CB  . MSE A 1 45 ? 0.918   4.937   -7.751  1.00 29.91 ? 45  MSE A CB  1 
HETATM 326 C  CG  . MSE A 1 45 ? 0.767   3.848   -6.712  1.00 30.82 ? 45  MSE A CG  1 
HETATM 327 SE SE  . MSE A 1 45 ? -0.334  4.403   -5.234  1.00 43.84 ? 45  MSE A SE  1 
HETATM 328 C  CE  . MSE A 1 45 ? -2.040  3.879   -5.832  1.00 16.04 ? 45  MSE A CE  1 
ATOM   329 N  N   . LEU A 1 46 ? -1.200  6.842   -10.140 1.00 26.44 ? 46  LEU A N   1 
ATOM   330 C  CA  . LEU A 1 46 ? -1.133  7.912   -11.126 1.00 26.82 ? 46  LEU A CA  1 
ATOM   331 C  C   . LEU A 1 46 ? -2.246  8.915   -10.865 1.00 26.50 ? 46  LEU A C   1 
ATOM   332 O  O   . LEU A 1 46 ? -3.392  8.535   -10.690 1.00 24.33 ? 46  LEU A O   1 
ATOM   333 C  CB  . LEU A 1 46 ? -1.285  7.349   -12.539 1.00 27.10 ? 46  LEU A CB  1 
ATOM   334 C  CG  . LEU A 1 46 ? -0.097  6.578   -13.113 1.00 27.86 ? 46  LEU A CG  1 
ATOM   335 C  CD1 . LEU A 1 46 ? -0.516  5.881   -14.409 1.00 28.23 ? 46  LEU A CD1 1 
ATOM   336 C  CD2 . LEU A 1 46 ? 1.062   7.540   -13.350 1.00 29.09 ? 46  LEU A CD2 1 
ATOM   337 N  N   . GLU A 1 47 ? -1.904  10.198  -10.848 1.00 28.69 ? 47  GLU A N   1 
ATOM   338 C  CA  . GLU A 1 47 ? -2.891  11.242  -10.604 1.00 29.56 ? 47  GLU A CA  1 
ATOM   339 C  C   . GLU A 1 47 ? -4.079  11.125  -11.564 1.00 28.88 ? 47  GLU A C   1 
ATOM   340 O  O   . GLU A 1 47 ? -5.233  11.264  -11.161 1.00 28.19 ? 47  GLU A O   1 
ATOM   341 C  CB  . GLU A 1 47 ? -2.227  12.616  -10.721 1.00 33.83 ? 47  GLU A CB  1 
ATOM   342 C  CG  . GLU A 1 47 ? -3.187  13.788  -10.637 1.00 38.63 ? 47  GLU A CG  1 
ATOM   343 C  CD  . GLU A 1 47 ? -2.485  15.101  -10.335 1.00 42.12 ? 47  GLU A CD  1 
ATOM   344 O  OE1 . GLU A 1 47 ? -1.406  15.356  -10.913 1.00 44.38 ? 47  GLU A OE1 1 
ATOM   345 O  OE2 . GLU A 1 47 ? -3.025  15.887  -9.528  1.00 43.85 ? 47  GLU A OE2 1 
ATOM   346 N  N   . SER A 1 48 ? -3.792  10.840  -12.828 1.00 26.80 ? 48  SER A N   1 
ATOM   347 C  CA  . SER A 1 48 ? -4.829  10.695  -13.847 1.00 26.40 ? 48  SER A CA  1 
ATOM   348 C  C   . SER A 1 48 ? -5.863  9.606   -13.533 1.00 26.32 ? 48  SER A C   1 
ATOM   349 O  O   . SER A 1 48 ? -7.006  9.677   -13.986 1.00 24.39 ? 48  SER A O   1 
ATOM   350 C  CB  . SER A 1 48 ? -4.178  10.381  -15.193 1.00 26.57 ? 48  SER A CB  1 
ATOM   351 O  OG  . SER A 1 48 ? -3.463  9.159   -15.121 1.00 26.92 ? 48  SER A OG  1 
ATOM   352 N  N   . GLU A 1 49 ? -5.452  8.598   -12.765 1.00 25.44 ? 49  GLU A N   1 
ATOM   353 C  CA  . GLU A 1 49 ? -6.321  7.479   -12.407 1.00 26.55 ? 49  GLU A CA  1 
ATOM   354 C  C   . GLU A 1 49 ? -7.201  7.726   -11.181 1.00 26.14 ? 49  GLU A C   1 
ATOM   355 O  O   . GLU A 1 49 ? -8.185  7.030   -10.980 1.00 25.98 ? 49  GLU A O   1 
ATOM   356 C  CB  . GLU A 1 49 ? -5.469  6.226   -12.156 1.00 28.63 ? 49  GLU A CB  1 
ATOM   357 C  CG  . GLU A 1 49 ? -4.715  5.716   -13.374 1.00 27.61 ? 49  GLU A CG  1 
ATOM   358 C  CD  . GLU A 1 49 ? -5.571  4.837   -14.265 1.00 30.79 ? 49  GLU A CD  1 
ATOM   359 O  OE1 . GLU A 1 49 ? -5.079  4.414   -15.334 1.00 29.84 ? 49  GLU A OE1 1 
ATOM   360 O  OE2 . GLU A 1 49 ? -6.732  4.563   -13.894 1.00 29.74 ? 49  GLU A OE2 1 
ATOM   361 N  N   . ALA A 1 50 ? -6.841  8.714   -10.368 1.00 29.23 ? 50  ALA A N   1 
ATOM   362 C  CA  . ALA A 1 50 ? -7.582  9.014   -9.145  1.00 30.21 ? 50  ALA A CA  1 
ATOM   363 C  C   . ALA A 1 50 ? -8.959  9.632   -9.348  1.00 32.29 ? 50  ALA A C   1 
ATOM   364 O  O   . ALA A 1 50 ? -9.190  10.403  -10.276 1.00 30.24 ? 50  ALA A O   1 
ATOM   365 C  CB  . ALA A 1 50 ? -6.750  9.918   -8.250  1.00 30.55 ? 50  ALA A CB  1 
ATOM   366 N  N   . ARG A 1 51 ? -9.873  9.282   -8.454  1.00 34.36 ? 51  ARG A N   1 
ATOM   367 C  CA  . ARG A 1 51 ? -11.225 9.818   -8.499  1.00 36.76 ? 51  ARG A CA  1 
ATOM   368 C  C   . ARG A 1 51 ? -11.423 10.583  -7.195  1.00 36.62 ? 51  ARG A C   1 
ATOM   369 O  O   . ARG A 1 51 ? -10.915 10.170  -6.154  1.00 35.03 ? 51  ARG A O   1 
ATOM   370 C  CB  . ARG A 1 51 ? -12.247 8.685   -8.574  1.00 37.86 ? 51  ARG A CB  1 
ATOM   371 C  CG  . ARG A 1 51 ? -12.224 7.804   -7.347  1.00 40.58 ? 51  ARG A CG  1 
ATOM   372 C  CD  . ARG A 1 51 ? -13.482 6.975   -7.189  1.00 43.60 ? 51  ARG A CD  1 
ATOM   373 N  NE  . ARG A 1 51 ? -13.590 6.511   -5.810  1.00 47.56 ? 51  ARG A NE  1 
ATOM   374 C  CZ  . ARG A 1 51 ? -14.594 5.791   -5.327  1.00 48.30 ? 51  ARG A CZ  1 
ATOM   375 N  NH1 . ARG A 1 51 ? -15.601 5.431   -6.109  1.00 51.35 ? 51  ARG A NH1 1 
ATOM   376 N  NH2 . ARG A 1 51 ? -14.588 5.436   -4.050  1.00 48.87 ? 51  ARG A NH2 1 
ATOM   377 N  N   . GLU A 1 52 ? -12.142 11.700  -7.246  1.00 38.03 ? 52  GLU A N   1 
ATOM   378 C  CA  . GLU A 1 52 ? -12.407 12.475  -6.038  1.00 39.54 ? 52  GLU A CA  1 
ATOM   379 C  C   . GLU A 1 52 ? -13.449 11.716  -5.227  1.00 39.14 ? 52  GLU A C   1 
ATOM   380 O  O   . GLU A 1 52 ? -14.331 11.082  -5.805  1.00 37.29 ? 52  GLU A O   1 
ATOM   381 C  CB  . GLU A 1 52 ? -12.975 13.841  -6.381  1.00 42.89 ? 52  GLU A CB  1 
ATOM   382 C  CG  . GLU A 1 52 ? -12.045 14.739  -7.142  1.00 47.59 ? 52  GLU A CG  1 
ATOM   383 C  CD  . GLU A 1 52 ? -12.604 16.136  -7.272  1.00 50.07 ? 52  GLU A CD  1 
ATOM   384 O  OE1 . GLU A 1 52 ? -12.981 16.727  -6.235  1.00 52.42 ? 52  GLU A OE1 1 
ATOM   385 O  OE2 . GLU A 1 52 ? -12.668 16.641  -8.409  1.00 51.99 ? 52  GLU A OE2 1 
ATOM   386 N  N   . LEU A 1 53 ? -13.349 11.782  -3.899  1.00 37.54 ? 53  LEU A N   1 
ATOM   387 C  CA  . LEU A 1 53 ? -14.288 11.096  -3.015  1.00 38.96 ? 53  LEU A CA  1 
ATOM   388 C  C   . LEU A 1 53 ? -15.597 11.866  -2.933  1.00 40.20 ? 53  LEU A C   1 
ATOM   389 O  O   . LEU A 1 53 ? -15.635 13.091  -3.101  1.00 37.57 ? 53  LEU A O   1 
ATOM   390 C  CB  . LEU A 1 53 ? -13.714 10.939  -1.607  1.00 38.57 ? 53  LEU A CB  1 
ATOM   391 C  CG  . LEU A 1 53 ? -12.426 10.157  -1.371  1.00 39.25 ? 53  LEU A CG  1 
ATOM   392 C  CD1 . LEU A 1 53 ? -12.111 10.280  0.100   1.00 37.02 ? 53  LEU A CD1 1 
ATOM   393 C  CD2 . LEU A 1 53 ? -12.536 8.705   -1.841  1.00 37.48 ? 53  LEU A CD2 1 
ATOM   394 N  N   . ALA A 1 54 ? -16.686 11.131  -2.750  1.00 42.55 ? 54  ALA A N   1 
ATOM   395 C  CA  . ALA A 1 54 ? -17.976 11.772  -2.628  1.00 45.66 ? 54  ALA A CA  1 
ATOM   396 C  C   . ALA A 1 54 ? -18.012 12.144  -1.126  1.00 46.59 ? 54  ALA A C   1 
ATOM   397 O  O   . ALA A 1 54 ? -17.260 11.601  -0.301  1.00 44.98 ? 54  ALA A O   1 
ATOM   398 C  CB  . ALA A 1 54 ? -19.075 10.791  -2.966  1.00 45.17 ? 54  ALA A CB  1 
ATOM   399 N  N   . PRO A 1 55 ? -18.874 13.084  -0.741  1.00 48.88 ? 55  PRO A N   1 
ATOM   400 C  CA  . PRO A 1 55 ? -18.890 13.415  0.684   1.00 49.36 ? 55  PRO A CA  1 
ATOM   401 C  C   . PRO A 1 55 ? -19.514 12.294  1.497   1.00 49.10 ? 55  PRO A C   1 
ATOM   402 O  O   . PRO A 1 55 ? -19.298 12.228  2.704   1.00 49.41 ? 55  PRO A O   1 
ATOM   403 C  CB  . PRO A 1 55 ? -19.701 14.713  0.763   1.00 49.92 ? 55  PRO A CB  1 
ATOM   404 C  CG  . PRO A 1 55 ? -20.307 14.926  -0.639  1.00 49.86 ? 55  PRO A CG  1 
ATOM   405 C  CD  . PRO A 1 55 ? -19.989 13.702  -1.470  1.00 49.19 ? 55  PRO A CD  1 
ATOM   406 N  N   . GLU A 1 56 ? -20.278 11.428  0.830   1.00 49.76 ? 56  GLU A N   1 
ATOM   407 C  CA  . GLU A 1 56 ? -20.917 10.298  1.481   1.00 50.35 ? 56  GLU A CA  1 
ATOM   408 C  C   . GLU A 1 56 ? -19.838 9.277   1.810   1.00 49.85 ? 56  GLU A C   1 
ATOM   409 O  O   . GLU A 1 56 ? -20.062 8.350   2.593   1.00 49.51 ? 56  GLU A O   1 
ATOM   410 C  CB  . GLU A 1 56 ? -21.964 9.684   0.552   1.00 51.26 ? 56  GLU A CB  1 
ATOM   411 C  CG  . GLU A 1 56 ? -21.417 9.344   -0.820  1.00 53.10 ? 56  GLU A CG  1 
ATOM   412 C  CD  . GLU A 1 56 ? -22.460 9.425   -1.908  1.00 53.59 ? 56  GLU A CD  1 
ATOM   413 O  OE1 . GLU A 1 56 ? -23.177 8.422   -2.118  1.00 53.85 ? 56  GLU A OE1 1 
ATOM   414 O  OE2 . GLU A 1 56 ? -22.557 10.498  -2.549  1.00 54.69 ? 56  GLU A OE2 1 
ATOM   415 N  N   . GLU A 1 57 ? -18.668 9.457   1.203   1.00 49.42 ? 57  GLU A N   1 
ATOM   416 C  CA  . GLU A 1 57 ? -17.544 8.565   1.432   1.00 47.58 ? 57  GLU A CA  1 
ATOM   417 C  C   . GLU A 1 57 ? -16.572 9.140   2.450   1.00 47.99 ? 57  GLU A C   1 
ATOM   418 O  O   . GLU A 1 57 ? -15.862 8.377   3.098   1.00 47.15 ? 57  GLU A O   1 
ATOM   419 C  CB  . GLU A 1 57 ? -16.789 8.299   0.133   1.00 46.64 ? 57  GLU A CB  1 
ATOM   420 C  CG  . GLU A 1 57 ? -17.609 7.636   -0.945  1.00 43.93 ? 57  GLU A CG  1 
ATOM   421 C  CD  . GLU A 1 57 ? -16.776 7.302   -2.166  1.00 43.60 ? 57  GLU A CD  1 
ATOM   422 O  OE1 . GLU A 1 57 ? -16.170 6.206   -2.192  1.00 42.03 ? 57  GLU A OE1 1 
ATOM   423 O  OE2 . GLU A 1 57 ? -16.719 8.145   -3.087  1.00 41.58 ? 57  GLU A OE2 1 
ATOM   424 N  N   . GLU A 1 58 ? -16.503 10.465  2.571   1.00 48.77 ? 58  GLU A N   1 
ATOM   425 C  CA  . GLU A 1 58 ? -15.603 11.076  3.540   1.00 51.17 ? 58  GLU A CA  1 
ATOM   426 C  C   . GLU A 1 58 ? -16.069 10.720  4.949   1.00 51.72 ? 58  GLU A C   1 
ATOM   427 O  O   . GLU A 1 58 ? -15.278 10.701  5.891   1.00 51.97 ? 58  GLU A O   1 
ATOM   428 C  CB  . GLU A 1 58 ? -15.579 12.595  3.356   1.00 52.56 ? 58  GLU A CB  1 
ATOM   429 C  CG  . GLU A 1 58 ? -14.375 13.095  2.579   1.00 54.83 ? 58  GLU A CG  1 
ATOM   430 C  CD  . GLU A 1 58 ? -14.437 14.576  2.280   1.00 56.97 ? 58  GLU A CD  1 
ATOM   431 O  OE1 . GLU A 1 58 ? -15.023 14.947  1.242   1.00 58.39 ? 58  GLU A OE1 1 
ATOM   432 O  OE2 . GLU A 1 58 ? -13.905 15.363  3.089   1.00 58.25 ? 58  GLU A OE2 1 
ATOM   433 N  N   . VAL A 1 59 ? -17.358 10.417  5.085   1.00 52.18 ? 59  VAL A N   1 
ATOM   434 C  CA  . VAL A 1 59 ? -17.923 10.075  6.388   1.00 51.91 ? 59  VAL A CA  1 
ATOM   435 C  C   . VAL A 1 59 ? -17.254 8.898   7.101   1.00 51.35 ? 59  VAL A C   1 
ATOM   436 O  O   . VAL A 1 59 ? -17.002 8.976   8.300   1.00 51.17 ? 59  VAL A O   1 
ATOM   437 C  CB  . VAL A 1 59 ? -19.458 9.781   6.305   1.00 52.28 ? 59  VAL A CB  1 
ATOM   438 C  CG1 . VAL A 1 59 ? -20.186 10.963  5.706   1.00 52.70 ? 59  VAL A CG1 1 
ATOM   439 C  CG2 . VAL A 1 59 ? -19.722 8.533   5.489   1.00 52.94 ? 59  VAL A CG2 1 
ATOM   440 N  N   . LYS A 1 60 ? -16.952 7.816   6.381   1.00 50.98 ? 60  LYS A N   1 
ATOM   441 C  CA  . LYS A 1 60 ? -16.342 6.646   7.021   1.00 50.97 ? 60  LYS A CA  1 
ATOM   442 C  C   . LYS A 1 60 ? -14.871 6.768   7.410   1.00 50.80 ? 60  LYS A C   1 
ATOM   443 O  O   . LYS A 1 60 ? -14.365 5.961   8.190   1.00 51.40 ? 60  LYS A O   1 
ATOM   444 C  CB  . LYS A 1 60 ? -16.530 5.393   6.159   1.00 51.70 ? 60  LYS A CB  1 
ATOM   445 C  CG  . LYS A 1 60 ? -15.768 5.379   4.855   1.00 53.41 ? 60  LYS A CG  1 
ATOM   446 C  CD  . LYS A 1 60 ? -15.962 4.043   4.168   1.00 53.63 ? 60  LYS A CD  1 
ATOM   447 C  CE  . LYS A 1 60 ? -15.402 4.054   2.760   1.00 55.01 ? 60  LYS A CE  1 
ATOM   448 N  NZ  . LYS A 1 60 ? -15.712 2.786   2.043   1.00 56.04 ? 60  LYS A NZ  1 
ATOM   449 N  N   . LEU A 1 61 ? -14.175 7.758   6.868   1.00 50.17 ? 61  LEU A N   1 
ATOM   450 C  CA  . LEU A 1 61 ? -12.777 7.955   7.221   1.00 49.44 ? 61  LEU A CA  1 
ATOM   451 C  C   . LEU A 1 61 ? -12.810 8.972   8.349   1.00 49.76 ? 61  LEU A C   1 
ATOM   452 O  O   . LEU A 1 61 ? -11.777 9.338   8.914   1.00 50.49 ? 61  LEU A O   1 
ATOM   453 C  CB  . LEU A 1 61 ? -11.999 8.484   6.016   1.00 48.32 ? 61  LEU A CB  1 
ATOM   454 C  CG  . LEU A 1 61 ? -12.169 7.605   4.769   1.00 47.27 ? 61  LEU A CG  1 
ATOM   455 C  CD1 . LEU A 1 61 ? -11.567 8.289   3.558   1.00 46.90 ? 61  LEU A CD1 1 
ATOM   456 C  CD2 . LEU A 1 61 ? -11.524 6.249   5.004   1.00 47.80 ? 61  LEU A CD2 1 
ATOM   457 N  N   . GLU A 1 62 ? -14.036 9.400   8.660   1.00 49.89 ? 62  GLU A N   1 
ATOM   458 C  CA  . GLU A 1 62 ? -14.350 10.370  9.711   1.00 50.45 ? 62  GLU A CA  1 
ATOM   459 C  C   . GLU A 1 62 ? -14.360 11.824  9.262   1.00 50.87 ? 62  GLU A C   1 
ATOM   460 O  O   . GLU A 1 62 ? -13.274 12.433  9.186   1.00 51.77 ? 62  GLU A O   1 
ATOM   461 C  CB  . GLU A 1 62 ? -13.420 10.191  10.910  1.00 49.60 ? 62  GLU A CB  1 
ATOM   462 C  CG  . GLU A 1 62 ? -13.895 9.090   11.833  1.00 49.75 ? 62  GLU A CG  1 
ATOM   463 C  CD  . GLU A 1 62 ? -12.832 8.634   12.800  1.00 51.18 ? 62  GLU A CD  1 
ATOM   464 O  OE1 . GLU A 1 62 ? -12.350 9.464   13.605  1.00 50.13 ? 62  GLU A OE1 1 
ATOM   465 O  OE2 . GLU A 1 62 ? -12.484 7.436   12.748  1.00 51.76 ? 62  GLU A OE2 1 
ATOM   466 N  N   . LYS B 1 4  ? -16.781 -1.637  8.078   1.00 28.16 ? 4   LYS B N   1 
ATOM   467 C  CA  . LYS B 1 4  ? -16.059 -1.938  6.805   1.00 28.73 ? 4   LYS B CA  1 
ATOM   468 C  C   . LYS B 1 4  ? -14.578 -2.016  7.133   1.00 29.70 ? 4   LYS B C   1 
ATOM   469 O  O   . LYS B 1 4  ? -14.120 -1.384  8.098   1.00 31.89 ? 4   LYS B O   1 
ATOM   470 C  CB  . LYS B 1 4  ? -16.310 -0.844  5.771   1.00 26.44 ? 4   LYS B CB  1 
ATOM   471 N  N   . PHE B 1 5  ? -13.845 -2.790  6.336   1.00 25.52 ? 5   PHE B N   1 
ATOM   472 C  CA  . PHE B 1 5  ? -12.417 -2.988  6.538   1.00 27.94 ? 5   PHE B CA  1 
ATOM   473 C  C   . PHE B 1 5  ? -11.570 -1.967  5.798   1.00 28.07 ? 5   PHE B C   1 
ATOM   474 O  O   . PHE B 1 5  ? -11.528 -1.940  4.563   1.00 27.41 ? 5   PHE B O   1 
ATOM   475 C  CB  . PHE B 1 5  ? -12.019 -4.388  6.092   1.00 29.58 ? 5   PHE B CB  1 
ATOM   476 C  CG  . PHE B 1 5  ? -10.598 -4.748  6.414   1.00 33.43 ? 5   PHE B CG  1 
ATOM   477 C  CD1 . PHE B 1 5  ? -9.543  -4.342  5.595   1.00 34.04 ? 5   PHE B CD1 1 
ATOM   478 C  CD2 . PHE B 1 5  ? -10.310 -5.465  7.566   1.00 33.80 ? 5   PHE B CD2 1 
ATOM   479 C  CE1 . PHE B 1 5  ? -8.223  -4.659  5.925   1.00 35.96 ? 5   PHE B CE1 1 
ATOM   480 C  CE2 . PHE B 1 5  ? -9.004  -5.785  7.902   1.00 36.85 ? 5   PHE B CE2 1 
ATOM   481 C  CZ  . PHE B 1 5  ? -7.954  -5.379  7.085   1.00 35.08 ? 5   PHE B CZ  1 
ATOM   482 N  N   . LEU B 1 6  ? -10.875 -1.146  6.573   1.00 27.13 ? 6   LEU B N   1 
ATOM   483 C  CA  . LEU B 1 6  ? -10.034 -0.098  6.023   1.00 29.11 ? 6   LEU B CA  1 
ATOM   484 C  C   . LEU B 1 6  ? -8.804  -0.035  6.900   1.00 28.35 ? 6   LEU B C   1 
ATOM   485 O  O   . LEU B 1 6  ? -8.930  0.076   8.120   1.00 27.74 ? 6   LEU B O   1 
ATOM   486 C  CB  . LEU B 1 6  ? -10.766 1.264   6.056   1.00 30.78 ? 6   LEU B CB  1 
ATOM   487 C  CG  . LEU B 1 6  ? -12.046 1.331   5.221   1.00 33.58 ? 6   LEU B CG  1 
ATOM   488 C  CD1 . LEU B 1 6  ? -12.726 2.685   5.351   1.00 36.03 ? 6   LEU B CD1 1 
ATOM   489 C  CD2 . LEU B 1 6  ? -11.712 0.966   3.800   1.00 32.39 ? 6   LEU B CD2 1 
ATOM   490 N  N   . GLU B 1 7  ? -7.624  -0.087  6.292   1.00 26.90 ? 7   GLU B N   1 
ATOM   491 C  CA  . GLU B 1 7  ? -6.399  -0.034  7.067   1.00 26.10 ? 7   GLU B CA  1 
ATOM   492 C  C   . GLU B 1 7  ? -5.343  0.783   6.345   1.00 25.89 ? 7   GLU B C   1 
ATOM   493 O  O   . GLU B 1 7  ? -5.159  0.671   5.126   1.00 22.96 ? 7   GLU B O   1 
ATOM   494 C  CB  . GLU B 1 7  ? -5.875  -1.446  7.358   1.00 28.93 ? 7   GLU B CB  1 
ATOM   495 C  CG  . GLU B 1 7  ? -5.817  -2.386  6.152   1.00 31.58 ? 7   GLU B CG  1 
ATOM   496 C  CD  . GLU B 1 7  ? -4.950  -3.623  6.420   1.00 33.28 ? 7   GLU B CD  1 
ATOM   497 O  OE1 . GLU B 1 7  ? -4.475  -3.794  7.559   1.00 36.30 ? 7   GLU B OE1 1 
ATOM   498 O  OE2 . GLU B 1 7  ? -4.743  -4.428  5.496   1.00 26.46 ? 7   GLU B OE2 1 
ATOM   499 N  N   . ILE B 1 8  ? -4.683  1.643   7.109   1.00 22.88 ? 8   ILE B N   1 
ATOM   500 C  CA  . ILE B 1 8  ? -3.633  2.488   6.577   1.00 22.36 ? 8   ILE B CA  1 
ATOM   501 C  C   . ILE B 1 8  ? -2.467  1.571   6.234   1.00 19.57 ? 8   ILE B C   1 
ATOM   502 O  O   . ILE B 1 8  ? -2.129  0.671   7.001   1.00 18.21 ? 8   ILE B O   1 
ATOM   503 C  CB  . ILE B 1 8  ? -3.197  3.527   7.626   1.00 24.30 ? 8   ILE B CB  1 
ATOM   504 C  CG1 . ILE B 1 8  ? -4.391  4.417   7.997   1.00 28.25 ? 8   ILE B CG1 1 
ATOM   505 C  CG2 . ILE B 1 8  ? -2.061  4.371   7.080   1.00 25.59 ? 8   ILE B CG2 1 
ATOM   506 C  CD1 . ILE B 1 8  ? -4.156  5.332   9.197   1.00 31.63 ? 8   ILE B CD1 1 
ATOM   507 N  N   . LEU B 1 9  ? -1.859  1.796   5.075   1.00 18.99 ? 9   LEU B N   1 
ATOM   508 C  CA  . LEU B 1 9  ? -0.747  0.966   4.642   1.00 18.43 ? 9   LEU B CA  1 
ATOM   509 C  C   . LEU B 1 9  ? 0.625   1.555   4.969   1.00 20.22 ? 9   LEU B C   1 
ATOM   510 O  O   . LEU B 1 9  ? 1.307   2.121   4.113   1.00 20.59 ? 9   LEU B O   1 
ATOM   511 C  CB  . LEU B 1 9  ? -0.876  0.664   3.142   1.00 17.94 ? 9   LEU B CB  1 
ATOM   512 C  CG  . LEU B 1 9  ? -1.596  -0.639  2.734   1.00 23.07 ? 9   LEU B CG  1 
ATOM   513 C  CD1 . LEU B 1 9  ? -2.786  -0.923  3.618   1.00 20.96 ? 9   LEU B CD1 1 
ATOM   514 C  CD2 . LEU B 1 9  ? -2.025  -0.551  1.263   1.00 19.00 ? 9   LEU B CD2 1 
ATOM   515 N  N   . VAL B 1 10 ? 1.006   1.426   6.233   1.00 19.12 ? 10  VAL B N   1 
ATOM   516 C  CA  . VAL B 1 10 ? 2.305   1.885   6.699   1.00 20.53 ? 10  VAL B CA  1 
ATOM   517 C  C   . VAL B 1 10 ? 2.870   0.768   7.561   1.00 18.30 ? 10  VAL B C   1 
ATOM   518 O  O   . VAL B 1 10 ? 2.123   -0.063  8.084   1.00 18.38 ? 10  VAL B O   1 
ATOM   519 C  CB  . VAL B 1 10 ? 2.204   3.185   7.547   1.00 21.69 ? 10  VAL B CB  1 
ATOM   520 C  CG1 . VAL B 1 10 ? 1.715   4.323   6.683   1.00 20.06 ? 10  VAL B CG1 1 
ATOM   521 C  CG2 . VAL B 1 10 ? 1.279   2.971   8.731   1.00 21.56 ? 10  VAL B CG2 1 
ATOM   522 N  N   . CYS B 1 11 ? 4.188   0.728   7.692   1.00 19.90 ? 11  CYS B N   1 
ATOM   523 C  CA  . CYS B 1 11 ? 4.822   -0.297  8.507   1.00 19.77 ? 11  CYS B CA  1 
ATOM   524 C  C   . CYS B 1 11 ? 4.384   -0.091  9.948   1.00 21.45 ? 11  CYS B C   1 
ATOM   525 O  O   . CYS B 1 11 ? 4.456   1.018   10.474  1.00 20.28 ? 11  CYS B O   1 
ATOM   526 C  CB  . CYS B 1 11 ? 6.346   -0.199  8.408   1.00 19.03 ? 11  CYS B CB  1 
ATOM   527 S  SG  . CYS B 1 11 ? 7.152   -1.412  9.446   1.00 21.27 ? 11  CYS B SG  1 
ATOM   528 N  N   . PRO B 1 12 ? 3.908   -1.156  10.610  1.00 23.40 ? 12  PRO B N   1 
ATOM   529 C  CA  . PRO B 1 12 ? 3.470   -0.995  12.000  1.00 26.48 ? 12  PRO B CA  1 
ATOM   530 C  C   . PRO B 1 12 ? 4.599   -0.688  12.976  1.00 28.82 ? 12  PRO B C   1 
ATOM   531 O  O   . PRO B 1 12 ? 4.360   -0.211  14.087  1.00 29.62 ? 12  PRO B O   1 
ATOM   532 C  CB  . PRO B 1 12 ? 2.792   -2.329  12.306  1.00 28.40 ? 12  PRO B CB  1 
ATOM   533 C  CG  . PRO B 1 12 ? 3.526   -3.292  11.419  1.00 26.51 ? 12  PRO B CG  1 
ATOM   534 C  CD  . PRO B 1 12 ? 3.657   -2.526  10.132  1.00 23.39 ? 12  PRO B CD  1 
ATOM   535 N  N   . LEU B 1 13 ? 5.824   -0.963  12.554  1.00 29.04 ? 13  LEU B N   1 
ATOM   536 C  CA  . LEU B 1 13 ? 6.992   -0.727  13.385  1.00 31.66 ? 13  LEU B CA  1 
ATOM   537 C  C   . LEU B 1 13 ? 7.479   0.715   13.353  1.00 30.15 ? 13  LEU B C   1 
ATOM   538 O  O   . LEU B 1 13 ? 7.509   1.386   14.384  1.00 31.93 ? 13  LEU B O   1 
ATOM   539 C  CB  . LEU B 1 13 ? 8.131   -1.601  12.922  1.00 34.80 ? 13  LEU B CB  1 
ATOM   540 C  CG  . LEU B 1 13 ? 8.053   -3.074  13.297  1.00 37.86 ? 13  LEU B CG  1 
ATOM   541 C  CD1 . LEU B 1 13 ? 9.228   -3.826  12.715  1.00 40.76 ? 13  LEU B CD1 1 
ATOM   542 C  CD2 . LEU B 1 13 ? 8.067   -3.207  14.807  1.00 41.94 ? 13  LEU B CD2 1 
ATOM   543 N  N   . CYS B 1 14 ? 7.895   1.164   12.168  1.00 27.87 ? 14  CYS B N   1 
ATOM   544 C  CA  . CYS B 1 14 ? 8.409   2.518   11.943  1.00 24.76 ? 14  CYS B CA  1 
ATOM   545 C  C   . CYS B 1 14 ? 7.353   3.492   11.416  1.00 24.29 ? 14  CYS B C   1 
ATOM   546 O  O   . CYS B 1 14 ? 7.612   4.688   11.321  1.00 23.91 ? 14  CYS B O   1 
ATOM   547 C  CB  . CYS B 1 14 ? 9.559   2.463   10.939  1.00 26.04 ? 14  CYS B CB  1 
ATOM   548 S  SG  . CYS B 1 14 ? 9.035   1.933   9.294   1.00 21.11 ? 14  CYS B SG  1 
ATOM   549 N  N   . LYS B 1 15 ? 6.183   2.979   11.041  1.00 23.12 ? 15  LYS B N   1 
ATOM   550 C  CA  . LYS B 1 15 ? 5.108   3.825   10.515  1.00 22.50 ? 15  LYS B CA  1 
ATOM   551 C  C   . LYS B 1 15 ? 5.469   4.379   9.140   1.00 21.90 ? 15  LYS B C   1 
ATOM   552 O  O   . LYS B 1 15 ? 4.846   5.322   8.640   1.00 21.79 ? 15  LYS B O   1 
ATOM   553 C  CB  . LYS B 1 15 ? 4.813   4.979   11.489  1.00 24.19 ? 15  LYS B CB  1 
ATOM   554 C  CG  . LYS B 1 15 ? 4.592   4.523   12.934  1.00 25.20 ? 15  LYS B CG  1 
ATOM   555 C  CD  . LYS B 1 15 ? 3.354   3.637   13.072  1.00 31.39 ? 15  LYS B CD  1 
ATOM   556 C  CE  . LYS B 1 15 ? 3.418   2.750   14.319  1.00 33.71 ? 15  LYS B CE  1 
ATOM   557 N  NZ  . LYS B 1 15 ? 3.775   3.499   15.561  1.00 37.21 ? 15  LYS B NZ  1 
ATOM   558 N  N   . GLY B 1 16 ? 6.469   3.769   8.514   1.00 20.43 ? 16  GLY B N   1 
ATOM   559 C  CA  . GLY B 1 16 ? 6.903   4.215   7.204   1.00 20.28 ? 16  GLY B CA  1 
ATOM   560 C  C   . GLY B 1 16 ? 6.114   3.613   6.051   1.00 19.79 ? 16  GLY B C   1 
ATOM   561 O  O   . GLY B 1 16 ? 5.457   2.586   6.206   1.00 16.64 ? 16  GLY B O   1 
ATOM   562 N  N   . PRO B 1 17 ? 6.168   4.239   4.867   1.00 21.01 ? 17  PRO B N   1 
ATOM   563 C  CA  . PRO B 1 17 ? 5.444   3.741   3.698   1.00 20.71 ? 17  PRO B CA  1 
ATOM   564 C  C   . PRO B 1 17 ? 5.939   2.354   3.256   1.00 18.80 ? 17  PRO B C   1 
ATOM   565 O  O   . PRO B 1 17 ? 7.032   1.921   3.613   1.00 18.62 ? 17  PRO B O   1 
ATOM   566 C  CB  . PRO B 1 17 ? 5.705   4.823   2.658   1.00 21.75 ? 17  PRO B CB  1 
ATOM   567 C  CG  . PRO B 1 17 ? 7.086   5.251   2.989   1.00 24.87 ? 17  PRO B CG  1 
ATOM   568 C  CD  . PRO B 1 17 ? 7.027   5.376   4.498   1.00 23.06 ? 17  PRO B CD  1 
ATOM   569 N  N   . LEU B 1 18 ? 5.122   1.666   2.471   1.00 18.22 ? 18  LEU B N   1 
ATOM   570 C  CA  . LEU B 1 18 ? 5.473   0.333   2.008   1.00 16.45 ? 18  LEU B CA  1 
ATOM   571 C  C   . LEU B 1 18 ? 5.604   0.262   0.495   1.00 15.09 ? 18  LEU B C   1 
ATOM   572 O  O   . LEU B 1 18 ? 5.008   1.055   -0.238  1.00 16.78 ? 18  LEU B O   1 
ATOM   573 C  CB  . LEU B 1 18 ? 4.415   -0.664  2.480   1.00 14.82 ? 18  LEU B CB  1 
ATOM   574 C  CG  . LEU B 1 18 ? 4.291   -0.771  4.000   1.00 15.83 ? 18  LEU B CG  1 
ATOM   575 C  CD1 . LEU B 1 18 ? 2.972   -1.391  4.394   1.00 19.41 ? 18  LEU B CD1 1 
ATOM   576 C  CD2 . LEU B 1 18 ? 5.450   -1.589  4.524   1.00 17.41 ? 18  LEU B CD2 1 
ATOM   577 N  N   . VAL B 1 19 ? 6.396   -0.701  0.046   1.00 13.34 ? 19  VAL B N   1 
ATOM   578 C  CA  . VAL B 1 19 ? 6.630   -0.926  -1.368  1.00 13.75 ? 19  VAL B CA  1 
ATOM   579 C  C   . VAL B 1 19 ? 5.922   -2.213  -1.776  1.00 15.81 ? 19  VAL B C   1 
ATOM   580 O  O   . VAL B 1 19 ? 6.145   -3.270  -1.184  1.00 14.53 ? 19  VAL B O   1 
ATOM   581 C  CB  . VAL B 1 19 ? 8.140   -1.058  -1.654  1.00 17.22 ? 19  VAL B CB  1 
ATOM   582 C  CG1 . VAL B 1 19 ? 8.374   -1.405  -3.118  1.00 14.77 ? 19  VAL B CG1 1 
ATOM   583 C  CG2 . VAL B 1 19 ? 8.841   0.240   -1.296  1.00 17.57 ? 19  VAL B CG2 1 
ATOM   584 N  N   . PHE B 1 20 ? 5.050   -2.110  -2.766  1.00 14.64 ? 20  PHE B N   1 
ATOM   585 C  CA  . PHE B 1 20 ? 4.320   -3.271  -3.246  1.00 16.01 ? 20  PHE B CA  1 
ATOM   586 C  C   . PHE B 1 20 ? 5.215   -4.089  -4.180  1.00 15.58 ? 20  PHE B C   1 
ATOM   587 O  O   . PHE B 1 20 ? 5.735   -3.566  -5.166  1.00 16.72 ? 20  PHE B O   1 
ATOM   588 C  CB  . PHE B 1 20 ? 3.056   -2.818  -3.983  1.00 15.55 ? 20  PHE B CB  1 
ATOM   589 C  CG  . PHE B 1 20 ? 2.335   -3.919  -4.697  1.00 21.73 ? 20  PHE B CG  1 
ATOM   590 C  CD1 . PHE B 1 20 ? 1.885   -5.038  -4.005  1.00 22.75 ? 20  PHE B CD1 1 
ATOM   591 C  CD2 . PHE B 1 20 ? 2.089   -3.831  -6.065  1.00 21.59 ? 20  PHE B CD2 1 
ATOM   592 C  CE1 . PHE B 1 20 ? 1.198   -6.058  -4.666  1.00 24.70 ? 20  PHE B CE1 1 
ATOM   593 C  CE2 . PHE B 1 20 ? 1.404   -4.845  -6.735  1.00 25.69 ? 20  PHE B CE2 1 
ATOM   594 C  CZ  . PHE B 1 20 ? 0.958   -5.958  -6.035  1.00 24.28 ? 20  PHE B CZ  1 
ATOM   595 N  N   . ASP B 1 21 ? 5.401   -5.359  -3.837  1.00 16.75 ? 21  ASP B N   1 
ATOM   596 C  CA  . ASP B 1 21 ? 6.211   -6.297  -4.619  1.00 19.14 ? 21  ASP B CA  1 
ATOM   597 C  C   . ASP B 1 21 ? 5.222   -7.216  -5.304  1.00 18.60 ? 21  ASP B C   1 
ATOM   598 O  O   . ASP B 1 21 ? 4.671   -8.133  -4.683  1.00 19.14 ? 21  ASP B O   1 
ATOM   599 C  CB  . ASP B 1 21 ? 7.122   -7.125  -3.704  1.00 19.86 ? 21  ASP B CB  1 
ATOM   600 C  CG  . ASP B 1 21 ? 8.001   -8.100  -4.475  1.00 23.13 ? 21  ASP B CG  1 
ATOM   601 O  OD1 . ASP B 1 21 ? 7.613   -8.508  -5.589  1.00 24.59 ? 21  ASP B OD1 1 
ATOM   602 O  OD2 . ASP B 1 21 ? 9.075   -8.473  -3.955  1.00 25.39 ? 21  ASP B OD2 1 
ATOM   603 N  N   . LYS B 1 22 ? 4.991   -6.966  -6.586  1.00 19.35 ? 22  LYS B N   1 
ATOM   604 C  CA  . LYS B 1 22 ? 4.043   -7.748  -7.358  1.00 22.11 ? 22  LYS B CA  1 
ATOM   605 C  C   . LYS B 1 22 ? 4.399   -9.226  -7.534  1.00 20.83 ? 22  LYS B C   1 
ATOM   606 O  O   . LYS B 1 22 ? 3.522   -10.079 -7.448  1.00 20.62 ? 22  LYS B O   1 
ATOM   607 C  CB  . LYS B 1 22 ? 3.842   -7.091  -8.722  1.00 24.98 ? 22  LYS B CB  1 
ATOM   608 C  CG  . LYS B 1 22 ? 2.920   -7.844  -9.660  1.00 31.54 ? 22  LYS B CG  1 
ATOM   609 C  CD  . LYS B 1 22 ? 2.654   -7.019  -10.912 1.00 35.33 ? 22  LYS B CD  1 
ATOM   610 C  CE  . LYS B 1 22 ? 2.047   -7.855  -12.020 1.00 37.13 ? 22  LYS B CE  1 
ATOM   611 N  NZ  . LYS B 1 22 ? 3.034   -8.837  -12.551 1.00 40.07 ? 22  LYS B NZ  1 
ATOM   612 N  N   . SER B 1 23 ? 5.673   -9.525  -7.766  1.00 21.95 ? 23  SER B N   1 
ATOM   613 C  CA  . SER B 1 23 ? 6.106   -10.910 -7.970  1.00 24.27 ? 23  SER B CA  1 
ATOM   614 C  C   . SER B 1 23 ? 5.863   -11.825 -6.765  1.00 26.62 ? 23  SER B C   1 
ATOM   615 O  O   . SER B 1 23 ? 5.517   -12.999 -6.920  1.00 23.08 ? 23  SER B O   1 
ATOM   616 C  CB  . SER B 1 23 ? 7.587   -10.950 -8.360  1.00 26.99 ? 23  SER B CB  1 
ATOM   617 O  OG  . SER B 1 23 ? 8.410   -10.380 -7.356  1.00 31.39 ? 23  SER B OG  1 
ATOM   618 N  N   . LYS B 1 24 ? 6.033   -11.295 -5.560  1.00 26.43 ? 24  LYS B N   1 
ATOM   619 C  CA  . LYS B 1 24 ? 5.814   -12.103 -4.369  1.00 27.55 ? 24  LYS B CA  1 
ATOM   620 C  C   . LYS B 1 24 ? 4.486   -11.786 -3.708  1.00 26.16 ? 24  LYS B C   1 
ATOM   621 O  O   . LYS B 1 24 ? 4.036   -12.509 -2.811  1.00 26.42 ? 24  LYS B O   1 
ATOM   622 C  CB  . LYS B 1 24 ? 6.937   -11.887 -3.364  1.00 29.34 ? 24  LYS B CB  1 
ATOM   623 C  CG  . LYS B 1 24 ? 8.263   -12.470 -3.798  1.00 33.22 ? 24  LYS B CG  1 
ATOM   624 C  CD  . LYS B 1 24 ? 8.885   -13.281 -2.651  1.00 36.96 ? 24  LYS B CD  1 
ATOM   625 C  CE  . LYS B 1 24 ? 10.243  -13.834 -3.044  1.00 38.12 ? 24  LYS B CE  1 
ATOM   626 N  NZ  . LYS B 1 24 ? 11.159  -13.738 -1.892  1.00 40.23 ? 24  LYS B NZ  1 
ATOM   627 N  N   . ASP B 1 25 ? 3.875   -10.690 -4.151  1.00 25.77 ? 25  ASP B N   1 
ATOM   628 C  CA  . ASP B 1 25 ? 2.595   -10.243 -3.628  1.00 26.24 ? 25  ASP B CA  1 
ATOM   629 C  C   . ASP B 1 25 ? 2.701   -9.894  -2.141  1.00 22.95 ? 25  ASP B C   1 
ATOM   630 O  O   . ASP B 1 25 ? 1.935   -10.396 -1.323  1.00 20.75 ? 25  ASP B O   1 
ATOM   631 C  CB  . ASP B 1 25 ? 1.547   -11.335 -3.839  1.00 32.52 ? 25  ASP B CB  1 
ATOM   632 C  CG  . ASP B 1 25 ? 0.180   -10.773 -4.156  1.00 37.92 ? 25  ASP B CG  1 
ATOM   633 O  OD1 . ASP B 1 25 ? -0.235  -9.800  -3.492  1.00 39.73 ? 25  ASP B OD1 1 
ATOM   634 O  OD2 . ASP B 1 25 ? -0.480  -11.311 -5.072  1.00 43.11 ? 25  ASP B OD2 1 
ATOM   635 N  N   . GLU B 1 26 ? 3.655   -9.030  -1.803  1.00 21.62 ? 26  GLU B N   1 
ATOM   636 C  CA  . GLU B 1 26 ? 3.870   -8.613  -0.421  1.00 19.72 ? 26  GLU B CA  1 
ATOM   637 C  C   . GLU B 1 26 ? 4.131   -7.110  -0.362  1.00 19.99 ? 26  GLU B C   1 
ATOM   638 O  O   . GLU B 1 26 ? 4.435   -6.490  -1.382  1.00 18.25 ? 26  GLU B O   1 
ATOM   639 C  CB  . GLU B 1 26 ? 5.087   -9.336  0.177   1.00 20.85 ? 26  GLU B CB  1 
ATOM   640 C  CG  . GLU B 1 26 ? 5.045   -10.862 0.096   1.00 21.96 ? 26  GLU B CG  1 
ATOM   641 C  CD  . GLU B 1 26 ? 6.305   -11.508 0.640   1.00 21.72 ? 26  GLU B CD  1 
ATOM   642 O  OE1 . GLU B 1 26 ? 7.404   -11.082 0.235   1.00 20.66 ? 26  GLU B OE1 1 
ATOM   643 O  OE2 . GLU B 1 26 ? 6.201   -12.442 1.471   1.00 24.01 ? 26  GLU B OE2 1 
ATOM   644 N  N   . LEU B 1 27 ? 3.999   -6.543  0.837   1.00 17.45 ? 27  LEU B N   1 
ATOM   645 C  CA  . LEU B 1 27 ? 4.263   -5.123  1.072   1.00 17.06 ? 27  LEU B CA  1 
ATOM   646 C  C   . LEU B 1 27 ? 5.544   -5.080  1.897   1.00 15.92 ? 27  LEU B C   1 
ATOM   647 O  O   . LEU B 1 27 ? 5.632   -5.671  2.975   1.00 17.41 ? 27  LEU B O   1 
ATOM   648 C  CB  . LEU B 1 27 ? 3.097   -4.470  1.816   1.00 15.63 ? 27  LEU B CB  1 
ATOM   649 C  CG  . LEU B 1 27 ? 1.764   -4.499  1.058   1.00 15.68 ? 27  LEU B CG  1 
ATOM   650 C  CD1 . LEU B 1 27 ? 0.757   -3.594  1.759   1.00 15.67 ? 27  LEU B CD1 1 
ATOM   651 C  CD2 . LEU B 1 27 ? 1.969   -4.038  -0.390  1.00 16.93 ? 27  LEU B CD2 1 
ATOM   652 N  N   . ILE B 1 28 ? 6.541   -4.377  1.378   1.00 15.53 ? 28  ILE B N   1 
ATOM   653 C  CA  . ILE B 1 28 ? 7.847   -4.325  2.009   1.00 16.01 ? 28  ILE B CA  1 
ATOM   654 C  C   . ILE B 1 28 ? 8.235   -3.019  2.662   1.00 15.77 ? 28  ILE B C   1 
ATOM   655 O  O   . ILE B 1 28 ? 8.005   -1.947  2.102   1.00 14.56 ? 28  ILE B O   1 
ATOM   656 C  CB  . ILE B 1 28 ? 8.942   -4.630  0.964   1.00 19.35 ? 28  ILE B CB  1 
ATOM   657 C  CG1 . ILE B 1 28 ? 8.667   -5.978  0.303   1.00 20.62 ? 28  ILE B CG1 1 
ATOM   658 C  CG2 . ILE B 1 28 ? 10.325  -4.597  1.613   1.00 18.39 ? 28  ILE B CG2 1 
ATOM   659 C  CD1 . ILE B 1 28 ? 9.483   -6.190  -0.961  1.00 22.73 ? 28  ILE B CD1 1 
ATOM   660 N  N   . CYS B 1 29 ? 8.831   -3.117  3.849   1.00 15.93 ? 29  CYS B N   1 
ATOM   661 C  CA  . CYS B 1 29 ? 9.341   -1.935  4.519   1.00 18.17 ? 29  CYS B CA  1 
ATOM   662 C  C   . CYS B 1 29 ? 10.855  -2.023  4.338   1.00 19.31 ? 29  CYS B C   1 
ATOM   663 O  O   . CYS B 1 29 ? 11.503  -2.886  4.927   1.00 20.45 ? 29  CYS B O   1 
ATOM   664 C  CB  . CYS B 1 29 ? 9.035   -1.921  6.017   1.00 17.67 ? 29  CYS B CB  1 
ATOM   665 S  SG  . CYS B 1 29 ? 9.961   -0.579  6.831   1.00 20.61 ? 29  CYS B SG  1 
ATOM   666 N  N   . LYS B 1 30 ? 11.410  -1.148  3.509   1.00 21.94 ? 30  LYS B N   1 
ATOM   667 C  CA  . LYS B 1 30 ? 12.845  -1.152  3.263   1.00 24.86 ? 30  LYS B CA  1 
ATOM   668 C  C   . LYS B 1 30 ? 13.625  -0.934  4.549   1.00 24.68 ? 30  LYS B C   1 
ATOM   669 O  O   . LYS B 1 30 ? 14.550  -1.689  4.857   1.00 22.55 ? 30  LYS B O   1 
ATOM   670 C  CB  . LYS B 1 30 ? 13.218  -0.068  2.243   1.00 26.54 ? 30  LYS B CB  1 
ATOM   671 C  CG  . LYS B 1 30 ? 12.647  -0.306  0.851   1.00 32.14 ? 30  LYS B CG  1 
ATOM   672 C  CD  . LYS B 1 30 ? 13.060  0.794   -0.124  1.00 36.57 ? 30  LYS B CD  1 
ATOM   673 C  CE  . LYS B 1 30 ? 12.475  0.553   -1.513  1.00 37.59 ? 30  LYS B CE  1 
ATOM   674 N  NZ  . LYS B 1 30 ? 12.834  1.630   -2.480  1.00 38.26 ? 30  LYS B NZ  1 
ATOM   675 N  N   . GLY B 1 31 ? 13.237  0.090   5.304   1.00 25.26 ? 31  GLY B N   1 
ATOM   676 C  CA  . GLY B 1 31 ? 13.920  0.401   6.547   1.00 28.31 ? 31  GLY B CA  1 
ATOM   677 C  C   . GLY B 1 31 ? 14.100  -0.760  7.510   1.00 29.69 ? 31  GLY B C   1 
ATOM   678 O  O   . GLY B 1 31 ? 15.205  -0.984  8.009   1.00 31.95 ? 31  GLY B O   1 
ATOM   679 N  N   . ASP B 1 32 ? 13.025  -1.492  7.783   1.00 29.42 ? 32  ASP B N   1 
ATOM   680 C  CA  . ASP B 1 32 ? 13.082  -2.624  8.705   1.00 30.98 ? 32  ASP B CA  1 
ATOM   681 C  C   . ASP B 1 32 ? 13.425  -3.944  8.026   1.00 30.08 ? 32  ASP B C   1 
ATOM   682 O  O   . ASP B 1 32 ? 13.605  -4.958  8.697   1.00 30.86 ? 32  ASP B O   1 
ATOM   683 C  CB  . ASP B 1 32 ? 11.749  -2.784  9.441   1.00 30.83 ? 32  ASP B CB  1 
ATOM   684 C  CG  . ASP B 1 32 ? 11.426  -1.603  10.326  1.00 31.78 ? 32  ASP B CG  1 
ATOM   685 O  OD1 . ASP B 1 32 ? 12.370  -0.948  10.801  1.00 35.12 ? 32  ASP B OD1 1 
ATOM   686 O  OD2 . ASP B 1 32 ? 10.233  -1.340  10.571  1.00 32.87 ? 32  ASP B OD2 1 
ATOM   687 N  N   . ARG B 1 33 ? 13.513  -3.930  6.700   1.00 31.44 ? 33  ARG B N   1 
ATOM   688 C  CA  . ARG B 1 33 ? 13.815  -5.137  5.934   1.00 31.34 ? 33  ARG B CA  1 
ATOM   689 C  C   . ARG B 1 33 ? 12.782  -6.229  6.209   1.00 29.64 ? 33  ARG B C   1 
ATOM   690 O  O   . ARG B 1 33 ? 13.118  -7.411  6.317   1.00 27.85 ? 33  ARG B O   1 
ATOM   691 C  CB  . ARG B 1 33 ? 15.214  -5.664  6.274   1.00 35.77 ? 33  ARG B CB  1 
ATOM   692 C  CG  . ARG B 1 33 ? 16.367  -4.871  5.677   1.00 39.22 ? 33  ARG B CG  1 
ATOM   693 C  CD  . ARG B 1 33 ? 16.582  -3.529  6.362   1.00 45.17 ? 33  ARG B CD  1 
ATOM   694 N  NE  . ARG B 1 33 ? 17.768  -2.855  5.832   1.00 49.13 ? 33  ARG B NE  1 
ATOM   695 C  CZ  . ARG B 1 33 ? 18.240  -1.693  6.276   1.00 50.76 ? 33  ARG B CZ  1 
ATOM   696 N  NH1 . ARG B 1 33 ? 17.629  -1.057  7.267   1.00 50.92 ? 33  ARG B NH1 1 
ATOM   697 N  NH2 . ARG B 1 33 ? 19.325  -1.165  5.726   1.00 52.46 ? 33  ARG B NH2 1 
ATOM   698 N  N   . LEU B 1 34 ? 11.523  -5.822  6.321   1.00 26.03 ? 34  LEU B N   1 
ATOM   699 C  CA  . LEU B 1 34 ? 10.432  -6.751  6.580   1.00 23.64 ? 34  LEU B CA  1 
ATOM   700 C  C   . LEU B 1 34 ? 9.469   -6.802  5.399   1.00 22.64 ? 34  LEU B C   1 
ATOM   701 O  O   . LEU B 1 34 ? 9.232   -5.795  4.732   1.00 20.70 ? 34  LEU B O   1 
ATOM   702 C  CB  . LEU B 1 34 ? 9.651   -6.323  7.825   1.00 24.39 ? 34  LEU B CB  1 
ATOM   703 C  CG  . LEU B 1 34 ? 10.357  -6.234  9.178   1.00 25.48 ? 34  LEU B CG  1 
ATOM   704 C  CD1 . LEU B 1 34 ? 9.416   -5.557  10.155  1.00 23.32 ? 34  LEU B CD1 1 
ATOM   705 C  CD2 . LEU B 1 34 ? 10.751  -7.612  9.694   1.00 27.33 ? 34  LEU B CD2 1 
ATOM   706 N  N   . ALA B 1 35 ? 8.909   -7.980  5.156   1.00 19.11 ? 35  ALA B N   1 
ATOM   707 C  CA  . ALA B 1 35 ? 7.956   -8.152  4.075   1.00 19.95 ? 35  ALA B CA  1 
ATOM   708 C  C   . ALA B 1 35 ? 6.658   -8.698  4.642   1.00 19.61 ? 35  ALA B C   1 
ATOM   709 O  O   . ALA B 1 35 ? 6.623   -9.813  5.176   1.00 16.31 ? 35  ALA B O   1 
ATOM   710 C  CB  . ALA B 1 35 ? 8.512   -9.109  3.017   1.00 21.98 ? 35  ALA B CB  1 
ATOM   711 N  N   . PHE B 1 36 ? 5.594   -7.906  4.530   1.00 18.52 ? 36  PHE B N   1 
ATOM   712 C  CA  . PHE B 1 36 ? 4.289   -8.319  5.024   1.00 17.95 ? 36  PHE B CA  1 
ATOM   713 C  C   . PHE B 1 36 ? 3.499   -9.043  3.946   1.00 17.57 ? 36  PHE B C   1 
ATOM   714 O  O   . PHE B 1 36 ? 3.495   -8.645  2.783   1.00 17.49 ? 36  PHE B O   1 
ATOM   715 C  CB  . PHE B 1 36 ? 3.503   -7.107  5.534   1.00 17.41 ? 36  PHE B CB  1 
ATOM   716 C  CG  . PHE B 1 36 ? 4.181   -6.397  6.668   1.00 16.85 ? 36  PHE B CG  1 
ATOM   717 C  CD1 . PHE B 1 36 ? 5.227   -5.518  6.424   1.00 16.90 ? 36  PHE B CD1 1 
ATOM   718 C  CD2 . PHE B 1 36 ? 3.816   -6.656  7.985   1.00 18.75 ? 36  PHE B CD2 1 
ATOM   719 C  CE1 . PHE B 1 36 ? 5.904   -4.911  7.469   1.00 17.14 ? 36  PHE B CE1 1 
ATOM   720 C  CE2 . PHE B 1 36 ? 4.492   -6.050  9.046   1.00 19.34 ? 36  PHE B CE2 1 
ATOM   721 C  CZ  . PHE B 1 36 ? 5.536   -5.176  8.784   1.00 17.80 ? 36  PHE B CZ  1 
ATOM   722 N  N   . PRO B 1 37 ? 2.809   -10.122 4.328   1.00 17.82 ? 37  PRO B N   1 
ATOM   723 C  CA  . PRO B 1 37 ? 2.015   -10.909 3.384   1.00 18.82 ? 37  PRO B CA  1 
ATOM   724 C  C   . PRO B 1 37 ? 0.661   -10.303 3.074   1.00 18.98 ? 37  PRO B C   1 
ATOM   725 O  O   . PRO B 1 37 ? 0.132   -9.505  3.846   1.00 18.12 ? 37  PRO B O   1 
ATOM   726 C  CB  . PRO B 1 37 ? 1.877   -12.243 4.096   1.00 19.98 ? 37  PRO B CB  1 
ATOM   727 C  CG  . PRO B 1 37 ? 1.706   -11.810 5.519   1.00 20.21 ? 37  PRO B CG  1 
ATOM   728 C  CD  . PRO B 1 37 ? 2.778   -10.733 5.672   1.00 20.18 ? 37  PRO B CD  1 
ATOM   729 N  N   . ILE B 1 38 ? 0.106   -10.707 1.940   1.00 21.38 ? 38  ILE B N   1 
ATOM   730 C  CA  . ILE B 1 38 ? -1.207  -10.261 1.515   1.00 27.02 ? 38  ILE B CA  1 
ATOM   731 C  C   . ILE B 1 38 ? -2.019  -11.545 1.371   1.00 29.84 ? 38  ILE B C   1 
ATOM   732 O  O   . ILE B 1 38 ? -1.783  -12.343 0.466   1.00 27.77 ? 38  ILE B O   1 
ATOM   733 C  CB  . ILE B 1 38 ? -1.160  -9.529  0.158   1.00 25.95 ? 38  ILE B CB  1 
ATOM   734 C  CG1 . ILE B 1 38 ? -0.275  -8.282  0.266   1.00 28.28 ? 38  ILE B CG1 1 
ATOM   735 C  CG2 . ILE B 1 38 ? -2.572  -9.151  -0.274  1.00 26.46 ? 38  ILE B CG2 1 
ATOM   736 C  CD1 . ILE B 1 38 ? -0.151  -7.478  -1.035  1.00 26.05 ? 38  ILE B CD1 1 
ATOM   737 N  N   . LYS B 1 39 ? -2.958  -11.742 2.287   1.00 33.58 ? 39  LYS B N   1 
ATOM   738 C  CA  . LYS B 1 39 ? -3.794  -12.931 2.290   1.00 37.64 ? 39  LYS B CA  1 
ATOM   739 C  C   . LYS B 1 39 ? -5.146  -12.614 1.680   1.00 39.50 ? 39  LYS B C   1 
ATOM   740 O  O   . LYS B 1 39 ? -5.920  -11.830 2.233   1.00 40.63 ? 39  LYS B O   1 
ATOM   741 C  CB  . LYS B 1 39 ? -3.980  -13.434 3.724   1.00 38.19 ? 39  LYS B CB  1 
ATOM   742 C  CG  . LYS B 1 39 ? -2.677  -13.709 4.465   1.00 41.10 ? 39  LYS B CG  1 
ATOM   743 C  CD  . LYS B 1 39 ? -1.929  -14.897 3.872   1.00 43.55 ? 39  LYS B CD  1 
ATOM   744 C  CE  . LYS B 1 39 ? -0.699  -15.233 4.698   1.00 43.93 ? 39  LYS B CE  1 
ATOM   745 N  NZ  . LYS B 1 39 ? -1.058  -15.443 6.132   1.00 45.06 ? 39  LYS B NZ  1 
ATOM   746 N  N   . ASP B 1 40 ? -5.422  -13.223 0.533   1.00 41.94 ? 40  ASP B N   1 
ATOM   747 C  CA  . ASP B 1 40 ? -6.684  -13.014 -0.156  1.00 42.77 ? 40  ASP B CA  1 
ATOM   748 C  C   . ASP B 1 40 ? -6.935  -11.528 -0.383  1.00 42.47 ? 40  ASP B C   1 
ATOM   749 O  O   . ASP B 1 40 ? -8.024  -11.019 -0.117  1.00 42.18 ? 40  ASP B O   1 
ATOM   750 C  CB  . ASP B 1 40 ? -7.821  -13.636 0.659   1.00 46.08 ? 40  ASP B CB  1 
ATOM   751 C  CG  . ASP B 1 40 ? -7.718  -15.151 0.738   1.00 47.87 ? 40  ASP B CG  1 
ATOM   752 O  OD1 . ASP B 1 40 ? -8.516  -15.774 1.471   1.00 49.73 ? 40  ASP B OD1 1 
ATOM   753 O  OD2 . ASP B 1 40 ? -6.837  -15.719 0.057   1.00 48.91 ? 40  ASP B OD2 1 
ATOM   754 N  N   . GLY B 1 41 ? -5.909  -10.838 -0.872  1.00 40.64 ? 41  GLY B N   1 
ATOM   755 C  CA  . GLY B 1 41 ? -6.025  -9.414  -1.141  1.00 38.29 ? 41  GLY B CA  1 
ATOM   756 C  C   . GLY B 1 41 ? -5.950  -8.508  0.075   1.00 35.45 ? 41  GLY B C   1 
ATOM   757 O  O   . GLY B 1 41 ? -6.056  -7.290  -0.056  1.00 36.64 ? 41  GLY B O   1 
ATOM   758 N  N   . ILE B 1 42 ? -5.761  -9.080  1.257   1.00 32.81 ? 42  ILE B N   1 
ATOM   759 C  CA  . ILE B 1 42 ? -5.691  -8.264  2.464   1.00 31.87 ? 42  ILE B CA  1 
ATOM   760 C  C   . ILE B 1 42 ? -4.297  -8.153  3.081   1.00 29.32 ? 42  ILE B C   1 
ATOM   761 O  O   . ILE B 1 42 ? -3.741  -9.141  3.559   1.00 30.83 ? 42  ILE B O   1 
ATOM   762 C  CB  . ILE B 1 42 ? -6.643  -8.796  3.550   1.00 32.84 ? 42  ILE B CB  1 
ATOM   763 C  CG1 . ILE B 1 42 ? -8.085  -8.772  3.035   1.00 35.75 ? 42  ILE B CG1 1 
ATOM   764 C  CG2 . ILE B 1 42 ? -6.504  -7.958  4.813   1.00 32.84 ? 42  ILE B CG2 1 
ATOM   765 C  CD1 . ILE B 1 42 ? -9.097  -9.309  4.015   1.00 37.81 ? 42  ILE B CD1 1 
ATOM   766 N  N   . PRO B 1 43 ? -3.720  -6.939  3.090   1.00 26.92 ? 43  PRO B N   1 
ATOM   767 C  CA  . PRO B 1 43 ? -2.386  -6.743  3.669   1.00 24.74 ? 43  PRO B CA  1 
ATOM   768 C  C   . PRO B 1 43 ? -2.412  -7.049  5.169   1.00 22.39 ? 43  PRO B C   1 
ATOM   769 O  O   . PRO B 1 43 ? -3.171  -6.442  5.925   1.00 21.15 ? 43  PRO B O   1 
ATOM   770 C  CB  . PRO B 1 43 ? -2.098  -5.267  3.388   1.00 24.14 ? 43  PRO B CB  1 
ATOM   771 C  CG  . PRO B 1 43 ? -2.905  -4.993  2.133   1.00 26.89 ? 43  PRO B CG  1 
ATOM   772 C  CD  . PRO B 1 43 ? -4.196  -5.707  2.433   1.00 24.52 ? 43  PRO B CD  1 
HETATM 773 N  N   . MSE B 1 44 ? -1.587  -7.993  5.603   1.00 21.24 ? 44  MSE B N   1 
HETATM 774 C  CA  . MSE B 1 44 ? -1.560  -8.348  7.016   1.00 22.91 ? 44  MSE B CA  1 
HETATM 775 C  C   . MSE B 1 44 ? -0.539  -7.466  7.716   1.00 23.76 ? 44  MSE B C   1 
HETATM 776 O  O   . MSE B 1 44 ? 0.610   -7.863  7.908   1.00 21.68 ? 44  MSE B O   1 
HETATM 777 C  CB  . MSE B 1 44 ? -1.198  -9.825  7.181   1.00 26.75 ? 44  MSE B CB  1 
HETATM 778 C  CG  . MSE B 1 44 ? -2.081  -10.766 6.378   1.00 29.87 ? 44  MSE B CG  1 
HETATM 779 SE SE  . MSE B 1 44 ? -3.945  -10.727 6.916   1.00 42.62 ? 44  MSE B SE  1 
HETATM 780 C  CE  . MSE B 1 44 ? -3.778  -11.864 8.475   1.00 31.44 ? 44  MSE B CE  1 
HETATM 781 N  N   . MSE B 1 45 ? -0.974  -6.269  8.096   1.00 23.76 ? 45  MSE B N   1 
HETATM 782 C  CA  . MSE B 1 45 ? -0.101  -5.299  8.744   1.00 26.23 ? 45  MSE B CA  1 
HETATM 783 C  C   . MSE B 1 45 ? 0.161   -5.555  10.230  1.00 24.98 ? 45  MSE B C   1 
HETATM 784 O  O   . MSE B 1 45 ? -0.113  -4.710  11.084  1.00 25.48 ? 45  MSE B O   1 
HETATM 785 C  CB  . MSE B 1 45 ? -0.651  -3.882  8.556   1.00 25.71 ? 45  MSE B CB  1 
HETATM 786 C  CG  . MSE B 1 45 ? -0.726  -3.404  7.101   1.00 33.59 ? 45  MSE B CG  1 
HETATM 787 SE SE  . MSE B 1 45 ? 0.754   -3.982  5.978   1.00 41.89 ? 45  MSE B SE  1 
HETATM 788 C  CE  . MSE B 1 45 ? 2.230   -3.250  6.995   1.00 40.82 ? 45  MSE B CE  1 
ATOM   789 N  N   . LEU B 1 46 ? 0.688   -6.733  10.527  1.00 23.68 ? 46  LEU B N   1 
ATOM   790 C  CA  . LEU B 1 46 ? 1.032   -7.106  11.893  1.00 22.56 ? 46  LEU B CA  1 
ATOM   791 C  C   . LEU B 1 46 ? 2.492   -7.513  11.852  1.00 21.79 ? 46  LEU B C   1 
ATOM   792 O  O   . LEU B 1 46 ? 2.904   -8.275  10.977  1.00 19.32 ? 46  LEU B O   1 
ATOM   793 C  CB  . LEU B 1 46 ? 0.191   -8.292  12.369  1.00 23.95 ? 46  LEU B CB  1 
ATOM   794 C  CG  . LEU B 1 46 ? -1.269  -8.046  12.750  1.00 27.05 ? 46  LEU B CG  1 
ATOM   795 C  CD1 . LEU B 1 46 ? -1.846  -9.335  13.288  1.00 29.38 ? 46  LEU B CD1 1 
ATOM   796 C  CD2 . LEU B 1 46 ? -1.364  -6.955  13.810  1.00 28.78 ? 46  LEU B CD2 1 
ATOM   797 N  N   . GLU B 1 47 ? 3.278   -7.004  12.790  1.00 23.61 ? 47  GLU B N   1 
ATOM   798 C  CA  . GLU B 1 47 ? 4.691   -7.332  12.821  1.00 26.04 ? 47  GLU B CA  1 
ATOM   799 C  C   . GLU B 1 47 ? 4.906   -8.842  12.911  1.00 26.18 ? 47  GLU B C   1 
ATOM   800 O  O   . GLU B 1 47 ? 5.874   -9.370  12.359  1.00 24.62 ? 47  GLU B O   1 
ATOM   801 C  CB  . GLU B 1 47 ? 5.365   -6.637  14.002  1.00 30.06 ? 47  GLU B CB  1 
ATOM   802 C  CG  . GLU B 1 47 ? 6.860   -6.868  14.077  1.00 35.42 ? 47  GLU B CG  1 
ATOM   803 C  CD  . GLU B 1 47 ? 7.515   -6.078  15.195  1.00 38.40 ? 47  GLU B CD  1 
ATOM   804 O  OE1 . GLU B 1 47 ? 6.783   -5.420  15.968  1.00 38.35 ? 47  GLU B OE1 1 
ATOM   805 O  OE2 . GLU B 1 47 ? 8.761   -6.112  15.300  1.00 39.66 ? 47  GLU B OE2 1 
ATOM   806 N  N   . SER B 1 48 ? 3.986   -9.533  13.583  1.00 25.15 ? 48  SER B N   1 
ATOM   807 C  CA  . SER B 1 48 ? 4.086   -10.981 13.761  1.00 24.17 ? 48  SER B CA  1 
ATOM   808 C  C   . SER B 1 48 ? 3.908   -11.776 12.463  1.00 23.90 ? 48  SER B C   1 
ATOM   809 O  O   . SER B 1 48 ? 4.302   -12.941 12.388  1.00 22.64 ? 48  SER B O   1 
ATOM   810 C  CB  . SER B 1 48 ? 3.057   -11.462 14.795  1.00 21.18 ? 48  SER B CB  1 
ATOM   811 O  OG  . SER B 1 48 ? 1.724   -11.335 14.321  1.00 18.33 ? 48  SER B OG  1 
ATOM   812 N  N   . GLU B 1 49 ? 3.317   -11.153 11.450  1.00 22.49 ? 49  GLU B N   1 
ATOM   813 C  CA  . GLU B 1 49 ? 3.085   -11.819 10.164  1.00 24.55 ? 49  GLU B CA  1 
ATOM   814 C  C   . GLU B 1 49 ? 4.219   -11.631 9.156   1.00 24.55 ? 49  GLU B C   1 
ATOM   815 O  O   . GLU B 1 49 ? 4.294   -12.348 8.161   1.00 23.56 ? 49  GLU B O   1 
ATOM   816 C  CB  . GLU B 1 49 ? 1.801   -11.285 9.525   1.00 25.58 ? 49  GLU B CB  1 
ATOM   817 C  CG  . GLU B 1 49 ? 0.528   -11.612 10.270  1.00 27.08 ? 49  GLU B CG  1 
ATOM   818 C  CD  . GLU B 1 49 ? 0.073   -13.033 10.033  1.00 31.48 ? 49  GLU B CD  1 
ATOM   819 O  OE1 . GLU B 1 49 ? -0.979  -13.418 10.590  1.00 32.50 ? 49  GLU B OE1 1 
ATOM   820 O  OE2 . GLU B 1 49 ? 0.762   -13.764 9.291   1.00 28.51 ? 49  GLU B OE2 1 
ATOM   821 N  N   . ALA B 1 50 ? 5.082   -10.657 9.411   1.00 23.79 ? 50  ALA B N   1 
ATOM   822 C  CA  . ALA B 1 50 ? 6.185   -10.333 8.515   1.00 25.98 ? 50  ALA B CA  1 
ATOM   823 C  C   . ALA B 1 50 ? 7.359   -11.305 8.532   1.00 27.60 ? 50  ALA B C   1 
ATOM   824 O  O   . ALA B 1 50 ? 7.611   -11.978 9.529   1.00 30.44 ? 50  ALA B O   1 
ATOM   825 C  CB  . ALA B 1 50 ? 6.688   -8.936  8.828   1.00 24.97 ? 50  ALA B CB  1 
ATOM   826 N  N   . ARG B 1 51 ? 8.075   -11.375 7.414   1.00 28.53 ? 51  ARG B N   1 
ATOM   827 C  CA  . ARG B 1 51 ? 9.259   -12.226 7.327   1.00 31.57 ? 51  ARG B CA  1 
ATOM   828 C  C   . ARG B 1 51 ? 10.440  -11.294 7.095   1.00 31.61 ? 51  ARG B C   1 
ATOM   829 O  O   . ARG B 1 51 ? 10.270  -10.185 6.589   1.00 28.17 ? 51  ARG B O   1 
ATOM   830 C  CB  . ARG B 1 51 ? 9.154   -13.222 6.168   1.00 31.28 ? 51  ARG B CB  1 
ATOM   831 C  CG  . ARG B 1 51 ? 9.291   -12.612 4.782   1.00 31.87 ? 51  ARG B CG  1 
ATOM   832 C  CD  . ARG B 1 51 ? 9.225   -13.706 3.717   1.00 30.36 ? 51  ARG B CD  1 
ATOM   833 N  NE  . ARG B 1 51 ? 9.169   -13.169 2.361   1.00 29.11 ? 51  ARG B NE  1 
ATOM   834 C  CZ  . ARG B 1 51 ? 10.181  -12.570 1.744   1.00 29.97 ? 51  ARG B CZ  1 
ATOM   835 N  NH1 . ARG B 1 51 ? 11.346  -12.429 2.359   1.00 31.98 ? 51  ARG B NH1 1 
ATOM   836 N  NH2 . ARG B 1 51 ? 10.027  -12.112 0.510   1.00 28.94 ? 51  ARG B NH2 1 
ATOM   837 N  N   . GLU B 1 52 ? 11.633  -11.736 7.472   1.00 32.83 ? 52  GLU B N   1 
ATOM   838 C  CA  . GLU B 1 52 ? 12.816  -10.914 7.291   1.00 36.01 ? 52  GLU B CA  1 
ATOM   839 C  C   . GLU B 1 52 ? 13.361  -11.163 5.890   1.00 36.36 ? 52  GLU B C   1 
ATOM   840 O  O   . GLU B 1 52 ? 13.401  -12.305 5.429   1.00 35.00 ? 52  GLU B O   1 
ATOM   841 C  CB  . GLU B 1 52 ? 13.881  -11.266 8.336   1.00 39.36 ? 52  GLU B CB  1 
ATOM   842 C  CG  . GLU B 1 52 ? 13.338  -11.484 9.746   1.00 42.30 ? 52  GLU B CG  1 
ATOM   843 C  CD  . GLU B 1 52 ? 12.955  -12.933 10.013  1.00 46.14 ? 52  GLU B CD  1 
ATOM   844 O  OE1 . GLU B 1 52 ? 12.111  -13.484 9.270   1.00 45.64 ? 52  GLU B OE1 1 
ATOM   845 O  OE2 . GLU B 1 52 ? 13.505  -13.524 10.970  1.00 47.30 ? 52  GLU B OE2 1 
ATOM   846 N  N   . LEU B 1 53 ? 13.762  -10.093 5.211   1.00 35.91 ? 53  LEU B N   1 
ATOM   847 C  CA  . LEU B 1 53 ? 14.308  -10.215 3.866   1.00 38.35 ? 53  LEU B CA  1 
ATOM   848 C  C   . LEU B 1 53 ? 15.767  -10.643 3.933   1.00 39.92 ? 53  LEU B C   1 
ATOM   849 O  O   . LEU B 1 53 ? 16.528  -10.162 4.775   1.00 39.56 ? 53  LEU B O   1 
ATOM   850 C  CB  . LEU B 1 53 ? 14.220  -8.881  3.122   1.00 38.36 ? 53  LEU B CB  1 
ATOM   851 C  CG  . LEU B 1 53 ? 12.849  -8.257  2.857   1.00 39.39 ? 53  LEU B CG  1 
ATOM   852 C  CD1 . LEU B 1 53 ? 13.050  -6.956  2.100   1.00 38.62 ? 53  LEU B CD1 1 
ATOM   853 C  CD2 . LEU B 1 53 ? 11.971  -9.211  2.057   1.00 39.06 ? 53  LEU B CD2 1 
ATOM   854 N  N   . ALA B 1 54 ? 16.153  -11.556 3.052   1.00 42.74 ? 54  ALA B N   1 
ATOM   855 C  CA  . ALA B 1 54 ? 17.534  -12.014 3.009   1.00 45.98 ? 54  ALA B CA  1 
ATOM   856 C  C   . ALA B 1 54 ? 18.347  -10.853 2.448   1.00 48.55 ? 54  ALA B C   1 
ATOM   857 O  O   . ALA B 1 54 ? 17.814  -10.007 1.725   1.00 48.38 ? 54  ALA B O   1 
ATOM   858 C  CB  . ALA B 1 54 ? 17.654  -13.234 2.106   1.00 46.34 ? 54  ALA B CB  1 
ATOM   859 N  N   . PRO B 1 55 ? 19.649  -10.790 2.771   1.00 50.35 ? 55  PRO B N   1 
ATOM   860 C  CA  . PRO B 1 55 ? 20.493  -9.702  2.270   1.00 51.42 ? 55  PRO B CA  1 
ATOM   861 C  C   . PRO B 1 55 ? 20.465  -9.576  0.750   1.00 52.04 ? 55  PRO B C   1 
ATOM   862 O  O   . PRO B 1 55 ? 20.750  -8.510  0.203   1.00 52.30 ? 55  PRO B O   1 
ATOM   863 C  CB  . PRO B 1 55 ? 21.878  -10.070 2.800   1.00 52.14 ? 55  PRO B CB  1 
ATOM   864 C  CG  . PRO B 1 55 ? 21.826  -11.567 2.856   1.00 51.36 ? 55  PRO B CG  1 
ATOM   865 C  CD  . PRO B 1 55 ? 20.464  -11.810 3.452   1.00 51.06 ? 55  PRO B CD  1 
ATOM   866 N  N   . GLU B 1 56 ? 20.111  -10.665 0.076   1.00 52.49 ? 56  GLU B N   1 
ATOM   867 C  CA  . GLU B 1 56 ? 20.056  -10.670 -1.381  1.00 52.77 ? 56  GLU B CA  1 
ATOM   868 C  C   . GLU B 1 56 ? 18.786  -10.007 -1.909  1.00 52.25 ? 56  GLU B C   1 
ATOM   869 O  O   . GLU B 1 56 ? 18.768  -9.491  -3.027  1.00 51.82 ? 56  GLU B O   1 
ATOM   870 C  CB  . GLU B 1 56 ? 20.158  -12.104 -1.905  1.00 54.60 ? 56  GLU B CB  1 
ATOM   871 C  CG  . GLU B 1 56 ? 20.410  -12.193 -3.403  1.00 56.77 ? 56  GLU B CG  1 
ATOM   872 C  CD  . GLU B 1 56 ? 20.794  -13.591 -3.854  1.00 58.36 ? 56  GLU B CD  1 
ATOM   873 O  OE1 . GLU B 1 56 ? 21.075  -13.770 -5.059  1.00 59.81 ? 56  GLU B OE1 1 
ATOM   874 O  OE2 . GLU B 1 56 ? 20.814  -14.511 -3.006  1.00 58.93 ? 56  GLU B OE2 1 
ATOM   875 N  N   . GLU B 1 57 ? 17.725  -10.020 -1.107  1.00 51.22 ? 57  GLU B N   1 
ATOM   876 C  CA  . GLU B 1 57 ? 16.469  -9.400  -1.514  1.00 49.84 ? 57  GLU B CA  1 
ATOM   877 C  C   . GLU B 1 57 ? 16.562  -7.895  -1.345  1.00 49.10 ? 57  GLU B C   1 
ATOM   878 O  O   . GLU B 1 57 ? 15.937  -7.143  -2.081  1.00 47.60 ? 57  GLU B O   1 
ATOM   879 C  CB  . GLU B 1 57 ? 15.297  -9.903  -0.672  1.00 50.06 ? 57  GLU B CB  1 
ATOM   880 C  CG  . GLU B 1 57 ? 15.019  -11.382 -0.757  1.00 49.48 ? 57  GLU B CG  1 
ATOM   881 C  CD  . GLU B 1 57 ? 13.726  -11.751 -0.057  1.00 49.27 ? 57  GLU B CD  1 
ATOM   882 O  OE1 . GLU B 1 57 ? 12.647  -11.390 -0.571  1.00 48.13 ? 57  GLU B OE1 1 
ATOM   883 O  OE2 . GLU B 1 57 ? 13.788  -12.394 1.012   1.00 48.75 ? 57  GLU B OE2 1 
ATOM   884 N  N   . GLU B 1 58 ? 17.342  -7.466  -0.362  1.00 50.27 ? 58  GLU B N   1 
ATOM   885 C  CA  . GLU B 1 58 ? 17.513  -6.048  -0.076  1.00 51.95 ? 58  GLU B CA  1 
ATOM   886 C  C   . GLU B 1 58 ? 18.025  -5.243  -1.270  1.00 51.88 ? 58  GLU B C   1 
ATOM   887 O  O   . GLU B 1 58 ? 17.523  -4.156  -1.557  1.00 50.56 ? 58  GLU B O   1 
ATOM   888 C  CB  . GLU B 1 58 ? 18.458  -5.880  1.115   1.00 53.24 ? 58  GLU B CB  1 
ATOM   889 C  CG  . GLU B 1 58 ? 17.971  -6.575  2.376   1.00 56.32 ? 58  GLU B CG  1 
ATOM   890 C  CD  . GLU B 1 58 ? 18.888  -6.345  3.560   1.00 58.22 ? 58  GLU B CD  1 
ATOM   891 O  OE1 . GLU B 1 58 ? 19.208  -5.169  3.835   1.00 59.03 ? 58  GLU B OE1 1 
ATOM   892 O  OE2 . GLU B 1 58 ? 19.282  -7.334  4.217   1.00 58.85 ? 58  GLU B OE2 1 
ATOM   893 N  N   . VAL B 1 59 ? 19.022  -5.787  -1.965  1.00 52.61 ? 59  VAL B N   1 
ATOM   894 C  CA  . VAL B 1 59 ? 19.619  -5.124  -3.123  1.00 52.75 ? 59  VAL B CA  1 
ATOM   895 C  C   . VAL B 1 59 ? 18.645  -4.469  -4.107  1.00 52.69 ? 59  VAL B C   1 
ATOM   896 O  O   . VAL B 1 59 ? 18.789  -3.288  -4.423  1.00 53.17 ? 59  VAL B O   1 
ATOM   897 C  CB  . VAL B 1 59 ? 20.526  -6.108  -3.910  1.00 53.11 ? 59  VAL B CB  1 
ATOM   898 C  CG1 . VAL B 1 59 ? 20.738  -5.613  -5.337  1.00 53.96 ? 59  VAL B CG1 1 
ATOM   899 C  CG2 . VAL B 1 59 ? 21.871  -6.234  -3.213  1.00 53.26 ? 59  VAL B CG2 1 
ATOM   900 N  N   . LYS B 1 60 ? 17.657  -5.222  -4.586  1.00 52.06 ? 60  LYS B N   1 
ATOM   901 C  CA  . LYS B 1 60 ? 16.711  -4.684  -5.565  1.00 52.35 ? 60  LYS B CA  1 
ATOM   902 C  C   . LYS B 1 60 ? 15.881  -3.479  -5.105  1.00 51.50 ? 60  LYS B C   1 
ATOM   903 O  O   . LYS B 1 60 ? 15.225  -2.827  -5.922  1.00 50.88 ? 60  LYS B O   1 
ATOM   904 C  CB  . LYS B 1 60 ? 15.783  -5.801  -6.077  1.00 53.49 ? 60  LYS B CB  1 
ATOM   905 C  CG  . LYS B 1 60 ? 14.513  -6.023  -5.268  1.00 54.59 ? 60  LYS B CG  1 
ATOM   906 C  CD  . LYS B 1 60 ? 13.686  -7.192  -5.794  1.00 56.49 ? 60  LYS B CD  1 
ATOM   907 C  CE  . LYS B 1 60 ? 14.451  -8.507  -5.711  1.00 57.81 ? 60  LYS B CE  1 
ATOM   908 N  NZ  . LYS B 1 60 ? 13.658  -9.635  -6.269  1.00 58.82 ? 60  LYS B NZ  1 
ATOM   909 N  N   . LEU B 1 61 ? 15.906  -3.177  -3.810  1.00 49.93 ? 61  LEU B N   1 
ATOM   910 C  CA  . LEU B 1 61 ? 15.157  -2.033  -3.290  1.00 49.36 ? 61  LEU B CA  1 
ATOM   911 C  C   . LEU B 1 61 ? 16.025  -0.780  -3.345  1.00 49.32 ? 61  LEU B C   1 
ATOM   912 O  O   . LEU B 1 61 ? 15.560  0.330   -3.075  1.00 48.48 ? 61  LEU B O   1 
ATOM   913 C  CB  . LEU B 1 61 ? 14.704  -2.293  -1.848  1.00 49.34 ? 61  LEU B CB  1 
ATOM   914 C  CG  . LEU B 1 61 ? 13.651  -3.388  -1.648  1.00 48.64 ? 61  LEU B CG  1 
ATOM   915 C  CD1 . LEU B 1 61 ? 13.398  -3.594  -0.166  1.00 47.79 ? 61  LEU B CD1 1 
ATOM   916 C  CD2 . LEU B 1 61 ? 12.368  -3.012  -2.368  1.00 48.47 ? 61  LEU B CD2 1 
ATOM   917 N  N   . GLU B 1 62 ? 17.293  -0.973  -3.692  1.00 48.96 ? 62  GLU B N   1 
ATOM   918 C  CA  . GLU B 1 62 ? 18.246  0.124   -3.808  1.00 48.86 ? 62  GLU B CA  1 
ATOM   919 C  C   . GLU B 1 62 ? 18.056  0.868   -5.124  1.00 48.85 ? 62  GLU B C   1 
ATOM   920 O  O   . GLU B 1 62 ? 18.588  1.992   -5.240  1.00 49.07 ? 62  GLU B O   1 
ATOM   921 C  CB  . GLU B 1 62 ? 19.681  -0.400  -3.726  1.00 48.47 ? 62  GLU B CB  1 
ATOM   922 C  CG  . GLU B 1 62 ? 20.230  -0.520  -2.314  1.00 49.87 ? 62  GLU B CG  1 
ATOM   923 C  CD  . GLU B 1 62 ? 21.686  -0.963  -2.297  1.00 51.06 ? 62  GLU B CD  1 
ATOM   924 O  OE1 . GLU B 1 62 ? 21.945  -2.173  -2.481  1.00 52.04 ? 62  GLU B OE1 1 
ATOM   925 O  OE2 . GLU B 1 62 ? 22.572  -0.100  -2.115  1.00 50.59 ? 62  GLU B OE2 1 
HETATM 926 ZN ZN  . ZN  C 2 .  ? -2.332  12.755  -1.213  1.00 25.31 ? 102 ZN  A ZN  1 
HETATM 927 ZN ZN  . ZN  D 2 .  ? 9.186   -0.345  9.029   1.00 23.71 ? 101 ZN  B ZN  1 
HETATM 928 O  O   . HOH E 3 .  ? 10.544  0.598   -8.852  1.00 19.20 ? 202 HOH A O   1 
HETATM 929 O  O   . HOH E 3 .  ? -1.816  10.651  2.557   1.00 26.47 ? 203 HOH A O   1 
HETATM 930 O  O   . HOH E 3 .  ? 3.053   7.656   -5.884  1.00 28.49 ? 207 HOH A O   1 
HETATM 931 O  O   . HOH E 3 .  ? -1.330  10.903  -14.348 1.00 33.08 ? 209 HOH A O   1 
HETATM 932 O  O   . HOH E 3 .  ? 8.267   3.144   -6.457  1.00 32.19 ? 211 HOH A O   1 
HETATM 933 O  O   . HOH E 3 .  ? -10.308 5.011   -7.911  1.00 34.22 ? 217 HOH A O   1 
HETATM 934 O  O   . HOH E 3 .  ? -2.296  -3.248  -1.720  1.00 22.26 ? 219 HOH A O   1 
HETATM 935 O  O   . HOH E 3 .  ? -3.970  -5.126  -2.172  1.00 45.48 ? 222 HOH A O   1 
HETATM 936 O  O   . HOH E 3 .  ? -18.455 6.587   4.154   1.00 38.01 ? 227 HOH A O   1 
HETATM 937 O  O   . HOH E 3 .  ? 0.519   3.758   2.087   1.00 36.15 ? 230 HOH A O   1 
HETATM 938 O  O   . HOH E 3 .  ? -16.292 16.943  0.763   1.00 36.58 ? 231 HOH A O   1 
HETATM 939 O  O   . HOH E 3 .  ? 4.272   5.113   -6.220  1.00 31.96 ? 232 HOH A O   1 
HETATM 940 O  O   . HOH E 3 .  ? 4.729   9.040   3.592   1.00 34.20 ? 233 HOH A O   1 
HETATM 941 O  O   . HOH E 3 .  ? -7.239  -7.114  -14.400 1.00 39.86 ? 237 HOH A O   1 
HETATM 942 O  O   . HOH E 3 .  ? -16.263 0.506   2.446   1.00 40.00 ? 238 HOH A O   1 
HETATM 943 O  O   . HOH E 3 .  ? -11.971 1.918   -8.278  1.00 36.18 ? 239 HOH A O   1 
HETATM 944 O  O   . HOH E 3 .  ? -3.684  11.947  4.170   1.00 30.67 ? 241 HOH A O   1 
HETATM 945 O  O   . HOH E 3 .  ? 0.438   10.975  -10.937 1.00 38.71 ? 242 HOH A O   1 
HETATM 946 O  O   . HOH E 3 .  ? 6.897   -8.458  -10.996 1.00 34.82 ? 243 HOH A O   1 
HETATM 947 O  O   . HOH E 3 .  ? -3.212  -5.917  -4.275  1.00 41.58 ? 245 HOH A O   1 
HETATM 948 O  O   . HOH E 3 .  ? -10.652 -0.327  -8.100  1.00 35.95 ? 246 HOH A O   1 
HETATM 949 O  O   . HOH E 3 .  ? -7.273  -5.542  -8.658  1.00 35.99 ? 247 HOH A O   1 
HETATM 950 O  O   . HOH E 3 .  ? -4.623  8.613   3.560   1.00 33.60 ? 253 HOH A O   1 
HETATM 951 O  O   . HOH E 3 .  ? 1.259   13.789  -9.258  1.00 39.45 ? 254 HOH A O   1 
HETATM 952 O  O   . HOH E 3 .  ? 2.920   8.565   -10.129 1.00 36.39 ? 256 HOH A O   1 
HETATM 953 O  O   . HOH E 3 .  ? 4.929   11.142  -6.827  1.00 39.43 ? 257 HOH A O   1 
HETATM 954 O  O   . HOH E 3 .  ? -9.962  9.464   13.310  1.00 38.37 ? 258 HOH A O   1 
HETATM 955 O  O   . HOH F 3 .  ? 5.567   -12.183 4.037   1.00 18.12 ? 201 HOH B O   1 
HETATM 956 O  O   . HOH F 3 .  ? 2.918   3.023   2.299   1.00 26.71 ? 204 HOH B O   1 
HETATM 957 O  O   . HOH F 3 .  ? 9.481   0.991   2.458   1.00 26.35 ? 205 HOH B O   1 
HETATM 958 O  O   . HOH F 3 .  ? 1.697   -12.687 0.253   1.00 27.93 ? 206 HOH B O   1 
HETATM 959 O  O   . HOH F 3 .  ? 2.087   -5.368  14.865  1.00 27.37 ? 208 HOH B O   1 
HETATM 960 O  O   . HOH F 3 .  ? 12.125  2.530   8.264   1.00 26.02 ? 210 HOH B O   1 
HETATM 961 O  O   . HOH F 3 .  ? 3.730   -13.956 1.003   1.00 36.05 ? 213 HOH B O   1 
HETATM 962 O  O   . HOH F 3 .  ? 11.077  -6.647  16.974  1.00 46.92 ? 215 HOH B O   1 
HETATM 963 O  O   . HOH F 3 .  ? 4.990   -13.874 5.775   1.00 23.99 ? 216 HOH B O   1 
HETATM 964 O  O   . HOH F 3 .  ? -5.655  1.327   10.126  1.00 37.49 ? 218 HOH B O   1 
HETATM 965 O  O   . HOH F 3 .  ? -1.959  -0.438  9.667   1.00 38.91 ? 220 HOH B O   1 
HETATM 966 O  O   . HOH F 3 .  ? -4.108  -0.930  11.045  1.00 47.48 ? 221 HOH B O   1 
HETATM 967 O  O   . HOH F 3 .  ? -0.915  -18.625 5.262   1.00 34.66 ? 225 HOH B O   1 
HETATM 968 O  O   . HOH F 3 .  ? 9.175   2.189   5.566   1.00 30.12 ? 226 HOH B O   1 
HETATM 969 O  O   . HOH F 3 .  ? 11.659  2.119   4.614   1.00 31.36 ? 228 HOH B O   1 
HETATM 970 O  O   . HOH F 3 .  ? -15.229 -4.524  3.943   1.00 37.88 ? 229 HOH B O   1 
HETATM 971 O  O   . HOH F 3 .  ? 15.090  -5.222  -2.876  1.00 43.23 ? 235 HOH B O   1 
HETATM 972 O  O   . HOH F 3 .  ? 0.662   -0.485  10.338  1.00 34.07 ? 236 HOH B O   1 
HETATM 973 O  O   . HOH F 3 .  ? 21.103  -5.492  5.244   1.00 38.28 ? 240 HOH B O   1 
HETATM 974 O  O   . HOH F 3 .  ? 13.834  1.275   10.123  1.00 37.50 ? 244 HOH B O   1 
HETATM 975 O  O   . HOH F 3 .  ? 11.823  -0.132  -4.435  1.00 40.03 ? 248 HOH B O   1 
HETATM 976 O  O   . HOH F 3 .  ? -3.819  -6.429  9.295   1.00 34.44 ? 249 HOH B O   1 
HETATM 977 O  O   . HOH F 3 .  ? 17.231  0.755   4.296   1.00 37.08 ? 251 HOH B O   1 
HETATM 978 O  O   . HOH F 3 .  ? -4.105  -2.358  9.191   1.00 39.76 ? 252 HOH B O   1 
HETATM 979 O  O   . HOH F 3 .  ? 9.109   -9.342  -1.416  1.00 33.14 ? 255 HOH B O   1 
# 
